data_5KJ8
#
_entry.id   5KJ8
#
_cell.length_a   68.790
_cell.length_b   169.710
_cell.length_c   286.790
_cell.angle_alpha   90.00
_cell.angle_beta   90.00
_cell.angle_gamma   90.00
#
_symmetry.space_group_name_H-M   'P 21 21 21'
#
loop_
_entity.id
_entity.type
_entity.pdbx_description
1 polymer 'Vesicle-associated membrane protein 3'
2 polymer Syntaxin-1A
3 polymer 'Synaptosomal-associated protein 25'
4 polymer 'Synaptosomal-associated protein 25'
5 polymer Synaptotagmin-1
6 non-polymer 'CALCIUM ION'
#
loop_
_entity_poly.entity_id
_entity_poly.type
_entity_poly.pdbx_seq_one_letter_code
_entity_poly.pdbx_strand_id
1 'polypeptide(L)' GSNRRLQQTQAQVDEVVDIMRVNVDKVLERDQKLSELDDRADALQAGASQFETSAAKLKRKYW A,G
2 'polypeptide(L)' ALSEIETRHSEIIKLENSIRELHDMFMDMAMLVESQGEMIDRIEYNVEHAVDYVERAVSDTKKAVK B,H
3 'polypeptide(L)' NELEEMQRRADQLADESLESTRRMLQLVEESKDAGIRTLVMLDEQGEQLDRVEEGMNHINQDMKEAEKNLKDLGK C,I
4 'polypeptide(L)' ARENEMDENLEQVSGIIGNLRHMALDMGNEIDTQNRQIDRIMEKADSNKTRIDEANQRATKMLG D,J
5 'polypeptide(L)'
;KLGKLQYSLDYDFQNNQLLVGIIQAAELPALDMGGTSDPYVKVFLLPDKKKKFETKVHRKTLNPVFNEQFTFKVPYSELG
GKTLVMAVYDFDRFSKHDIIGEFKVPMNTVDFGHVTEEWRDLQSAEKEEQEKLGDICFSLRYVPTAGKLTVVILEAKNLK
KMDVGGLSDPYVKIHLMQNGKRLKKKKTTIKKNTLNPYYNESFSFEVPFEQIQKVQVVVTVLDYDKIGKNDAIGKVFVGY
NSTGAELRHWSDMLANPRRPIAQWHTLQVEEEVDAMLAV
;
E,F,K
#
loop_
_chem_comp.id
_chem_comp.type
_chem_comp.name
_chem_comp.formula
CA non-polymer 'CALCIUM ION' 'Ca 2'
#
# COMPACT_ATOMS: atom_id res chain seq x y z
N GLY A 1 -14.96 -33.13 -54.61
CA GLY A 1 -16.04 -32.59 -55.43
C GLY A 1 -16.09 -31.08 -55.44
N SER A 2 -16.85 -30.52 -56.37
CA SER A 2 -17.00 -29.08 -56.47
C SER A 2 -18.08 -28.57 -55.52
N ASN A 3 -19.25 -29.20 -55.58
CA ASN A 3 -20.36 -28.86 -54.70
C ASN A 3 -20.06 -29.31 -53.26
N ARG A 4 -19.31 -30.40 -53.15
CA ARG A 4 -18.92 -30.95 -51.85
C ARG A 4 -18.05 -29.99 -51.04
N ARG A 5 -17.18 -29.26 -51.71
CA ARG A 5 -16.34 -28.26 -51.05
C ARG A 5 -17.23 -27.17 -50.44
N LEU A 6 -18.23 -26.75 -51.21
CA LEU A 6 -19.19 -25.75 -50.75
C LEU A 6 -19.96 -26.23 -49.54
N GLN A 7 -20.48 -27.46 -49.61
CA GLN A 7 -21.26 -28.02 -48.52
C GLN A 7 -20.42 -28.15 -47.25
N GLN A 8 -19.20 -28.68 -47.40
CA GLN A 8 -18.27 -28.84 -46.28
C GLN A 8 -17.94 -27.50 -45.62
N THR A 9 -17.53 -26.53 -46.43
CA THR A 9 -17.18 -25.21 -45.92
C THR A 9 -18.37 -24.56 -45.22
N GLN A 10 -19.55 -24.71 -45.83
CA GLN A 10 -20.79 -24.22 -45.25
C GLN A 10 -21.03 -24.83 -43.88
N ALA A 11 -20.85 -26.14 -43.77
CA ALA A 11 -21.05 -26.86 -42.51
C ALA A 11 -20.11 -26.32 -41.43
N GLN A 12 -18.84 -26.18 -41.78
CA GLN A 12 -17.86 -25.63 -40.85
C GLN A 12 -18.28 -24.23 -40.38
N VAL A 13 -18.69 -23.40 -41.35
CA VAL A 13 -19.13 -22.04 -41.07
C VAL A 13 -20.27 -22.01 -40.06
N ASP A 14 -21.34 -22.76 -40.35
CA ASP A 14 -22.48 -22.82 -39.45
C ASP A 14 -22.10 -23.33 -38.06
N GLU A 15 -21.19 -24.30 -38.03
CA GLU A 15 -20.70 -24.82 -36.75
C GLU A 15 -20.05 -23.71 -35.92
N VAL A 16 -19.16 -22.95 -36.55
CA VAL A 16 -18.48 -21.85 -35.87
C VAL A 16 -19.50 -20.77 -35.47
N VAL A 17 -20.55 -20.62 -36.27
CA VAL A 17 -21.62 -19.68 -35.94
C VAL A 17 -22.28 -20.09 -34.63
N ASP A 18 -22.61 -21.37 -34.51
CA ASP A 18 -23.23 -21.88 -33.28
C ASP A 18 -22.31 -21.69 -32.07
N ILE A 19 -21.09 -22.20 -32.19
CA ILE A 19 -20.11 -22.14 -31.11
C ILE A 19 -19.89 -20.70 -30.66
N MET A 20 -19.64 -19.81 -31.61
CA MET A 20 -19.40 -18.40 -31.30
C MET A 20 -20.62 -17.72 -30.71
N ARG A 21 -21.81 -18.15 -31.13
CA ARG A 21 -23.03 -17.62 -30.53
C ARG A 21 -23.08 -17.97 -29.04
N VAL A 22 -22.83 -19.24 -28.74
CA VAL A 22 -22.78 -19.69 -27.36
C VAL A 22 -21.74 -18.91 -26.56
N ASN A 23 -20.57 -18.70 -27.16
CA ASN A 23 -19.50 -17.93 -26.52
C ASN A 23 -19.93 -16.48 -26.26
N VAL A 24 -20.70 -15.92 -27.18
CA VAL A 24 -21.19 -14.56 -27.03
C VAL A 24 -22.16 -14.45 -25.85
N ASP A 25 -23.05 -15.43 -25.74
CA ASP A 25 -23.98 -15.46 -24.61
C ASP A 25 -23.22 -15.62 -23.29
N LYS A 26 -22.17 -16.44 -23.32
CA LYS A 26 -21.34 -16.65 -22.14
C LYS A 26 -20.63 -15.35 -21.76
N VAL A 27 -20.27 -14.57 -22.77
CA VAL A 27 -19.62 -13.28 -22.54
C VAL A 27 -20.64 -12.28 -22.00
N LEU A 28 -21.91 -12.50 -22.35
CA LEU A 28 -22.99 -11.68 -21.80
C LEU A 28 -23.16 -11.95 -20.30
N GLU A 29 -23.24 -13.23 -19.93
CA GLU A 29 -23.29 -13.59 -18.51
C GLU A 29 -22.07 -13.03 -17.76
N ARG A 30 -20.91 -13.19 -18.39
CA ARG A 30 -19.66 -12.66 -17.87
C ARG A 30 -19.78 -11.17 -17.61
N ASP A 31 -20.50 -10.51 -18.52
CA ASP A 31 -20.68 -9.07 -18.46
C ASP A 31 -21.59 -8.68 -17.29
N GLN A 32 -22.65 -9.45 -17.07
CA GLN A 32 -23.52 -9.24 -15.91
C GLN A 32 -22.71 -9.36 -14.62
N LYS A 33 -22.00 -10.47 -14.50
CA LYS A 33 -21.21 -10.74 -13.30
C LYS A 33 -20.13 -9.68 -13.09
N LEU A 34 -19.59 -9.15 -14.18
CA LEU A 34 -18.59 -8.10 -14.11
C LEU A 34 -19.19 -6.77 -13.66
N SER A 35 -20.42 -6.52 -14.06
CA SER A 35 -21.14 -5.34 -13.62
C SER A 35 -21.38 -5.40 -12.12
N GLU A 36 -21.94 -6.51 -11.69
CA GLU A 36 -22.23 -6.75 -10.28
C GLU A 36 -20.94 -6.65 -9.45
N LEU A 37 -19.86 -7.20 -9.98
CA LEU A 37 -18.57 -7.16 -9.31
C LEU A 37 -18.02 -5.74 -9.27
N ASP A 38 -18.36 -4.94 -10.27
CA ASP A 38 -17.92 -3.55 -10.32
C ASP A 38 -18.60 -2.74 -9.20
N ASP A 39 -19.93 -2.87 -9.13
CA ASP A 39 -20.69 -2.20 -8.09
C ASP A 39 -20.24 -2.64 -6.70
N ARG A 40 -20.09 -3.95 -6.53
CA ARG A 40 -19.60 -4.49 -5.26
C ARG A 40 -18.21 -3.97 -4.92
N ALA A 41 -17.37 -3.78 -5.94
CA ALA A 41 -16.01 -3.30 -5.73
C ALA A 41 -16.01 -1.85 -5.25
N ASP A 42 -16.80 -1.01 -5.91
CA ASP A 42 -16.90 0.40 -5.54
C ASP A 42 -17.46 0.54 -4.12
N ALA A 43 -18.54 -0.19 -3.84
CA ALA A 43 -19.13 -0.19 -2.51
C ALA A 43 -18.13 -0.68 -1.47
N LEU A 44 -17.31 -1.65 -1.86
CA LEU A 44 -16.31 -2.23 -0.97
C LEU A 44 -15.22 -1.24 -0.63
N GLN A 45 -14.73 -0.49 -1.62
CA GLN A 45 -13.69 0.49 -1.35
C GLN A 45 -14.27 1.66 -0.54
N ALA A 46 -15.57 1.91 -0.72
CA ALA A 46 -16.24 2.92 0.08
C ALA A 46 -16.26 2.52 1.56
N GLY A 47 -16.79 1.33 1.82
CA GLY A 47 -16.85 0.79 3.17
C GLY A 47 -15.47 0.62 3.80
N ALA A 48 -14.47 0.32 2.97
CA ALA A 48 -13.11 0.18 3.44
C ALA A 48 -12.53 1.53 3.83
N SER A 49 -12.92 2.56 3.09
CA SER A 49 -12.49 3.92 3.41
C SER A 49 -13.11 4.36 4.73
N GLN A 50 -14.40 4.11 4.88
CA GLN A 50 -15.11 4.47 6.12
C GLN A 50 -14.54 3.71 7.32
N PHE A 51 -14.24 2.42 7.13
CA PHE A 51 -13.65 1.63 8.19
C PHE A 51 -12.23 2.08 8.50
N GLU A 52 -11.54 2.61 7.50
CA GLU A 52 -10.21 3.17 7.71
C GLU A 52 -10.31 4.41 8.58
N THR A 53 -11.30 5.25 8.29
CA THR A 53 -11.54 6.45 9.08
C THR A 53 -11.91 6.11 10.52
N SER A 54 -12.78 5.12 10.69
CA SER A 54 -13.19 4.66 12.01
C SER A 54 -12.01 4.10 12.79
N ALA A 55 -11.15 3.36 12.10
CA ALA A 55 -9.96 2.78 12.71
C ALA A 55 -9.01 3.89 13.14
N ALA A 56 -8.96 4.95 12.34
CA ALA A 56 -8.15 6.12 12.65
C ALA A 56 -8.67 6.78 13.93
N LYS A 57 -9.99 6.94 14.02
CA LYS A 57 -10.61 7.53 15.20
C LYS A 57 -10.31 6.71 16.46
N LEU A 58 -10.57 5.40 16.39
CA LEU A 58 -10.38 4.55 17.54
C LEU A 58 -8.91 4.43 17.94
N LYS A 59 -8.01 4.52 16.97
CA LYS A 59 -6.58 4.50 17.27
C LYS A 59 -6.15 5.79 17.95
N ARG A 60 -6.59 6.92 17.41
CA ARG A 60 -6.27 8.23 17.98
C ARG A 60 -6.84 8.39 19.38
N LYS A 61 -7.94 7.68 19.65
CA LYS A 61 -8.61 7.79 20.93
C LYS A 61 -8.06 6.82 21.98
N TYR A 62 -7.79 5.59 21.56
CA TYR A 62 -7.43 4.53 22.51
C TYR A 62 -5.92 4.33 22.65
N TRP A 63 -5.13 4.87 21.73
CA TRP A 63 -3.69 4.81 21.87
C TRP A 63 -3.14 6.17 22.28
N ALA B 1 -25.90 -25.40 -67.44
CA ALA B 1 -27.25 -24.88 -67.28
C ALA B 1 -27.25 -23.61 -66.44
N LEU B 2 -28.18 -22.71 -66.71
CA LEU B 2 -28.28 -21.48 -65.93
C LEU B 2 -28.77 -21.82 -64.53
N SER B 3 -29.62 -22.85 -64.44
CA SER B 3 -30.14 -23.29 -63.15
C SER B 3 -29.02 -23.78 -62.23
N GLU B 4 -28.07 -24.52 -62.80
CA GLU B 4 -26.98 -25.09 -62.03
C GLU B 4 -26.01 -24.02 -61.54
N ILE B 5 -25.64 -23.11 -62.44
CA ILE B 5 -24.71 -22.04 -62.09
C ILE B 5 -25.35 -21.03 -61.13
N GLU B 6 -26.65 -20.81 -61.29
CA GLU B 6 -27.37 -19.87 -60.44
C GLU B 6 -27.65 -20.46 -59.05
N THR B 7 -27.87 -21.77 -58.98
CA THR B 7 -28.06 -22.43 -57.69
C THR B 7 -26.73 -22.56 -56.96
N ARG B 8 -25.67 -22.81 -57.73
CA ARG B 8 -24.31 -22.83 -57.22
C ARG B 8 -24.00 -21.45 -56.62
N HIS B 9 -24.29 -20.42 -57.40
CA HIS B 9 -24.11 -19.03 -57.00
C HIS B 9 -24.95 -18.73 -55.76
N SER B 10 -26.13 -19.34 -55.68
CA SER B 10 -27.02 -19.16 -54.55
C SER B 10 -26.42 -19.74 -53.26
N GLU B 11 -25.88 -20.95 -53.36
CA GLU B 11 -25.23 -21.59 -52.22
C GLU B 11 -24.03 -20.77 -51.78
N ILE B 12 -23.31 -20.22 -52.77
CA ILE B 12 -22.15 -19.38 -52.51
C ILE B 12 -22.57 -18.13 -51.73
N ILE B 13 -23.61 -17.45 -52.20
CA ILE B 13 -24.06 -16.23 -51.56
C ILE B 13 -24.59 -16.52 -50.16
N LYS B 14 -25.24 -17.66 -49.99
CA LYS B 14 -25.71 -18.08 -48.67
C LYS B 14 -24.54 -18.29 -47.72
N LEU B 15 -23.48 -18.89 -48.25
CA LEU B 15 -22.26 -19.10 -47.48
C LEU B 15 -21.66 -17.74 -47.09
N GLU B 16 -21.75 -16.78 -48.00
CA GLU B 16 -21.25 -15.43 -47.73
C GLU B 16 -22.05 -14.73 -46.64
N ASN B 17 -23.35 -14.95 -46.64
CA ASN B 17 -24.22 -14.37 -45.62
C ASN B 17 -23.93 -14.97 -44.26
N SER B 18 -23.79 -16.29 -44.22
CA SER B 18 -23.45 -16.99 -42.99
C SER B 18 -22.11 -16.47 -42.46
N ILE B 19 -21.15 -16.28 -43.36
CA ILE B 19 -19.83 -15.81 -42.99
C ILE B 19 -19.90 -14.36 -42.51
N ARG B 20 -20.84 -13.60 -43.05
CA ARG B 20 -21.04 -12.22 -42.59
C ARG B 20 -21.58 -12.23 -41.16
N GLU B 21 -22.50 -13.14 -40.90
CA GLU B 21 -23.06 -13.30 -39.55
C GLU B 21 -21.95 -13.66 -38.56
N LEU B 22 -21.09 -14.60 -38.97
CA LEU B 22 -19.97 -14.99 -38.12
C LEU B 22 -19.02 -13.83 -37.88
N HIS B 23 -18.81 -13.02 -38.92
CA HIS B 23 -17.94 -11.85 -38.84
C HIS B 23 -18.45 -10.84 -37.83
N ASP B 24 -19.71 -10.45 -37.98
CA ASP B 24 -20.34 -9.51 -37.07
C ASP B 24 -20.32 -10.07 -35.65
N MET B 25 -20.47 -11.38 -35.54
CA MET B 25 -20.43 -12.05 -34.25
C MET B 25 -19.06 -11.92 -33.58
N PHE B 26 -18.01 -12.14 -34.37
CA PHE B 26 -16.65 -12.05 -33.85
C PHE B 26 -16.28 -10.63 -33.45
N MET B 27 -16.64 -9.67 -34.29
CA MET B 27 -16.34 -8.27 -34.00
C MET B 27 -17.10 -7.80 -32.76
N ASP B 28 -18.37 -8.19 -32.67
CA ASP B 28 -19.18 -7.92 -31.49
C ASP B 28 -18.49 -8.50 -30.25
N MET B 29 -18.01 -9.73 -30.39
CA MET B 29 -17.27 -10.38 -29.32
C MET B 29 -16.10 -9.53 -28.86
N ALA B 30 -15.28 -9.08 -29.80
CA ALA B 30 -14.13 -8.24 -29.50
C ALA B 30 -14.56 -6.97 -28.75
N MET B 31 -15.64 -6.35 -29.23
CA MET B 31 -16.18 -5.15 -28.61
C MET B 31 -16.56 -5.36 -27.15
N LEU B 32 -17.36 -6.39 -26.90
CA LEU B 32 -17.79 -6.73 -25.55
C LEU B 32 -16.61 -7.03 -24.64
N VAL B 33 -15.63 -7.75 -25.17
CA VAL B 33 -14.43 -8.08 -24.40
C VAL B 33 -13.66 -6.81 -24.03
N GLU B 34 -13.63 -5.84 -24.94
CA GLU B 34 -12.98 -4.55 -24.66
C GLU B 34 -13.70 -3.81 -23.53
N SER B 35 -15.03 -3.68 -23.67
CA SER B 35 -15.84 -3.01 -22.66
C SER B 35 -15.65 -3.64 -21.28
N GLN B 36 -15.81 -4.97 -21.24
CA GLN B 36 -15.57 -5.74 -20.04
C GLN B 36 -14.17 -5.49 -19.52
N GLY B 37 -13.21 -5.28 -20.42
CA GLY B 37 -11.85 -4.99 -20.04
C GLY B 37 -11.69 -3.69 -19.28
N GLU B 38 -12.28 -2.62 -19.79
CA GLU B 38 -12.20 -1.35 -19.10
C GLU B 38 -12.94 -1.40 -17.77
N MET B 39 -14.11 -2.01 -17.76
CA MET B 39 -14.85 -2.17 -16.50
C MET B 39 -14.05 -2.97 -15.48
N ILE B 40 -13.33 -3.97 -15.96
CA ILE B 40 -12.46 -4.79 -15.11
C ILE B 40 -11.34 -3.91 -14.57
N ASP B 41 -10.82 -3.01 -15.39
CA ASP B 41 -9.82 -2.05 -14.94
C ASP B 41 -10.38 -1.24 -13.78
N ARG B 42 -11.62 -0.78 -13.92
CA ARG B 42 -12.28 -0.03 -12.84
C ARG B 42 -12.39 -0.85 -11.56
N ILE B 43 -12.79 -2.10 -11.73
CA ILE B 43 -12.91 -3.04 -10.61
C ILE B 43 -11.57 -3.16 -9.90
N GLU B 44 -10.50 -3.29 -10.69
CA GLU B 44 -9.15 -3.40 -10.16
C GLU B 44 -8.74 -2.16 -9.39
N TYR B 45 -9.12 -0.99 -9.91
CA TYR B 45 -8.83 0.26 -9.22
C TYR B 45 -9.51 0.27 -7.84
N ASN B 46 -10.80 -0.02 -7.83
CA ASN B 46 -11.56 -0.08 -6.59
C ASN B 46 -10.95 -1.07 -5.61
N VAL B 47 -10.51 -2.22 -6.13
CA VAL B 47 -9.92 -3.27 -5.33
C VAL B 47 -8.60 -2.81 -4.71
N GLU B 48 -7.76 -2.15 -5.51
CA GLU B 48 -6.48 -1.65 -5.01
C GLU B 48 -6.69 -0.59 -3.93
N HIS B 49 -7.58 0.35 -4.17
CA HIS B 49 -7.90 1.36 -3.15
C HIS B 49 -8.41 0.68 -1.88
N ALA B 50 -9.20 -0.37 -2.07
CA ALA B 50 -9.70 -1.15 -0.94
C ALA B 50 -8.55 -1.80 -0.18
N VAL B 51 -7.56 -2.30 -0.90
CA VAL B 51 -6.37 -2.90 -0.30
C VAL B 51 -5.65 -1.86 0.54
N ASP B 52 -5.52 -0.65 0.00
CA ASP B 52 -4.87 0.43 0.72
C ASP B 52 -5.61 0.77 2.01
N TYR B 53 -6.90 1.04 1.90
CA TYR B 53 -7.73 1.41 3.04
C TYR B 53 -7.72 0.32 4.12
N VAL B 54 -7.87 -0.92 3.70
CA VAL B 54 -7.87 -2.06 4.61
C VAL B 54 -6.52 -2.16 5.31
N GLU B 55 -5.44 -2.02 4.55
CA GLU B 55 -4.09 -2.09 5.09
C GLU B 55 -3.88 -1.03 6.16
N ARG B 56 -4.26 0.21 5.84
CA ARG B 56 -4.19 1.32 6.79
C ARG B 56 -4.97 1.02 8.06
N ALA B 57 -6.21 0.57 7.89
CA ALA B 57 -7.08 0.25 9.02
C ALA B 57 -6.49 -0.85 9.90
N VAL B 58 -5.85 -1.82 9.27
CA VAL B 58 -5.23 -2.93 10.00
C VAL B 58 -4.03 -2.44 10.80
N SER B 59 -3.21 -1.58 10.18
CA SER B 59 -2.08 -0.99 10.88
C SER B 59 -2.56 -0.20 12.10
N ASP B 60 -3.64 0.57 11.91
CA ASP B 60 -4.19 1.38 12.98
C ASP B 60 -4.75 0.54 14.12
N THR B 61 -5.51 -0.50 13.79
CA THR B 61 -6.09 -1.38 14.79
C THR B 61 -5.02 -2.16 15.54
N LYS B 62 -3.99 -2.59 14.82
CA LYS B 62 -2.88 -3.33 15.42
C LYS B 62 -2.08 -2.43 16.36
N LYS B 63 -1.95 -1.16 15.97
CA LYS B 63 -1.19 -0.21 16.77
C LYS B 63 -2.00 0.30 17.96
N ALA B 64 -3.32 0.20 17.87
CA ALA B 64 -4.21 0.71 18.91
C ALA B 64 -4.27 -0.20 20.13
N VAL B 65 -4.03 -1.49 19.93
CA VAL B 65 -4.07 -2.44 21.03
C VAL B 65 -2.71 -2.52 21.71
N LYS B 66 -1.71 -1.87 21.12
CA LYS B 66 -0.38 -1.81 21.69
C LYS B 66 -0.35 -0.89 22.91
N ASN C 1 -30.89 -15.18 -80.46
CA ASN C 1 -31.95 -14.76 -79.55
C ASN C 1 -31.37 -14.32 -78.22
N GLU C 2 -31.88 -14.89 -77.13
CA GLU C 2 -31.37 -14.60 -75.80
C GLU C 2 -30.28 -15.58 -75.41
N LEU C 3 -29.68 -16.20 -76.43
CA LEU C 3 -28.59 -17.15 -76.23
C LEU C 3 -27.37 -16.40 -75.72
N GLU C 4 -27.00 -15.34 -76.43
CA GLU C 4 -25.84 -14.53 -76.10
C GLU C 4 -25.99 -13.98 -74.68
N GLU C 5 -27.18 -13.44 -74.40
CA GLU C 5 -27.47 -12.84 -73.12
C GLU C 5 -27.42 -13.92 -72.02
N MET C 6 -27.77 -15.14 -72.38
CA MET C 6 -27.76 -16.25 -71.43
C MET C 6 -26.33 -16.56 -71.05
N GLN C 7 -25.47 -16.65 -72.06
CA GLN C 7 -24.05 -16.91 -71.83
C GLN C 7 -23.41 -15.81 -70.98
N ARG C 8 -23.71 -14.56 -71.32
CA ARG C 8 -23.15 -13.42 -70.59
C ARG C 8 -23.71 -13.40 -69.17
N ARG C 9 -24.92 -13.90 -69.00
CA ARG C 9 -25.52 -14.04 -67.67
C ARG C 9 -24.77 -15.08 -66.86
N ALA C 10 -24.36 -16.16 -67.54
CA ALA C 10 -23.60 -17.22 -66.89
C ALA C 10 -22.25 -16.70 -66.42
N ASP C 11 -21.54 -16.00 -67.30
CA ASP C 11 -20.26 -15.41 -66.94
C ASP C 11 -20.41 -14.35 -65.85
N GLN C 12 -21.51 -13.61 -65.91
CA GLN C 12 -21.81 -12.59 -64.90
C GLN C 12 -22.00 -13.21 -63.53
N LEU C 13 -22.78 -14.29 -63.46
CA LEU C 13 -23.01 -14.98 -62.20
C LEU C 13 -21.73 -15.66 -61.70
N ALA C 14 -20.90 -16.10 -62.65
CA ALA C 14 -19.62 -16.71 -62.29
C ALA C 14 -18.72 -15.68 -61.63
N ASP C 15 -18.62 -14.49 -62.25
CA ASP C 15 -17.83 -13.39 -61.71
C ASP C 15 -18.40 -12.94 -60.37
N GLU C 16 -19.72 -12.96 -60.25
CA GLU C 16 -20.39 -12.60 -59.01
C GLU C 16 -20.01 -13.56 -57.90
N SER C 17 -19.94 -14.85 -58.23
CA SER C 17 -19.54 -15.87 -57.27
C SER C 17 -18.07 -15.71 -56.89
N LEU C 18 -17.26 -15.33 -57.87
CA LEU C 18 -15.83 -15.11 -57.64
C LEU C 18 -15.59 -13.95 -56.66
N GLU C 19 -16.17 -12.80 -56.98
CA GLU C 19 -16.05 -11.63 -56.11
C GLU C 19 -16.70 -11.93 -54.75
N SER C 20 -17.69 -12.82 -54.76
CA SER C 20 -18.32 -13.28 -53.52
C SER C 20 -17.28 -14.00 -52.66
N THR C 21 -16.52 -14.89 -53.28
CA THR C 21 -15.45 -15.60 -52.58
C THR C 21 -14.40 -14.62 -52.06
N ARG C 22 -14.12 -13.59 -52.85
CA ARG C 22 -13.19 -12.54 -52.42
C ARG C 22 -13.68 -11.88 -51.13
N ARG C 23 -14.93 -11.44 -51.15
CA ARG C 23 -15.56 -10.84 -49.99
C ARG C 23 -15.49 -11.79 -48.80
N MET C 24 -15.69 -13.08 -49.06
CA MET C 24 -15.60 -14.10 -48.02
C MET C 24 -14.22 -14.08 -47.38
N LEU C 25 -13.18 -14.05 -48.21
CA LEU C 25 -11.81 -14.08 -47.71
C LEU C 25 -11.50 -12.85 -46.86
N GLN C 26 -11.93 -11.68 -47.35
CA GLN C 26 -11.73 -10.44 -46.61
C GLN C 26 -12.43 -10.50 -45.25
N LEU C 27 -13.68 -10.93 -45.27
CA LEU C 27 -14.51 -11.01 -44.07
C LEU C 27 -13.94 -11.98 -43.03
N VAL C 28 -13.51 -13.16 -43.48
CA VAL C 28 -12.98 -14.15 -42.54
C VAL C 28 -11.63 -13.69 -42.01
N GLU C 29 -10.90 -12.90 -42.80
CA GLU C 29 -9.64 -12.36 -42.31
C GLU C 29 -9.87 -11.32 -41.22
N GLU C 30 -10.81 -10.40 -41.46
CA GLU C 30 -11.14 -9.38 -40.47
C GLU C 30 -11.68 -10.01 -39.19
N SER C 31 -12.51 -11.03 -39.37
CA SER C 31 -13.07 -11.79 -38.25
C SER C 31 -11.94 -12.47 -37.47
N LYS C 32 -10.94 -12.95 -38.21
CA LYS C 32 -9.80 -13.64 -37.63
C LYS C 32 -9.01 -12.68 -36.72
N ASP C 33 -8.65 -11.52 -37.27
CA ASP C 33 -7.94 -10.52 -36.48
C ASP C 33 -8.76 -10.09 -35.25
N ALA C 34 -10.06 -9.92 -35.46
CA ALA C 34 -10.96 -9.57 -34.36
C ALA C 34 -10.89 -10.61 -33.24
N GLY C 35 -10.87 -11.88 -33.64
CA GLY C 35 -10.81 -12.98 -32.68
C GLY C 35 -9.48 -13.01 -31.94
N ILE C 36 -8.40 -12.72 -32.66
CA ILE C 36 -7.08 -12.66 -32.04
C ILE C 36 -7.03 -11.58 -30.97
N ARG C 37 -7.45 -10.37 -31.35
CA ARG C 37 -7.50 -9.26 -30.41
C ARG C 37 -8.37 -9.63 -29.20
N THR C 38 -9.47 -10.32 -29.48
CA THR C 38 -10.36 -10.80 -28.43
C THR C 38 -9.62 -11.68 -27.44
N LEU C 39 -8.89 -12.66 -27.94
CA LEU C 39 -8.14 -13.58 -27.10
C LEU C 39 -7.10 -12.84 -26.26
N VAL C 40 -6.39 -11.92 -26.88
CA VAL C 40 -5.35 -11.15 -26.19
C VAL C 40 -5.95 -10.34 -25.04
N MET C 41 -7.03 -9.61 -25.35
CA MET C 41 -7.73 -8.84 -24.34
C MET C 41 -8.21 -9.75 -23.21
N LEU C 42 -8.66 -10.95 -23.56
CA LEU C 42 -9.09 -11.91 -22.55
C LEU C 42 -7.94 -12.38 -21.68
N ASP C 43 -6.74 -12.43 -22.25
CA ASP C 43 -5.55 -12.74 -21.46
C ASP C 43 -5.27 -11.62 -20.46
N GLU C 44 -5.29 -10.39 -20.95
CA GLU C 44 -5.06 -9.22 -20.09
C GLU C 44 -6.06 -9.19 -18.93
N GLN C 45 -7.35 -9.21 -19.27
CA GLN C 45 -8.42 -9.15 -18.30
C GLN C 45 -8.38 -10.36 -17.37
N GLY C 46 -7.89 -11.48 -17.87
CA GLY C 46 -7.80 -12.69 -17.08
C GLY C 46 -6.74 -12.59 -16.00
N GLU C 47 -5.54 -12.18 -16.39
CA GLU C 47 -4.47 -11.97 -15.42
C GLU C 47 -4.85 -10.87 -14.44
N GLN C 48 -5.54 -9.85 -14.94
CA GLN C 48 -6.06 -8.78 -14.10
C GLN C 48 -7.01 -9.33 -13.04
N LEU C 49 -7.90 -10.22 -13.47
CA LEU C 49 -8.85 -10.85 -12.55
C LEU C 49 -8.13 -11.72 -11.52
N ASP C 50 -7.05 -12.37 -11.95
CA ASP C 50 -6.23 -13.16 -11.04
C ASP C 50 -5.66 -12.26 -9.95
N ARG C 51 -5.08 -11.15 -10.37
CA ARG C 51 -4.53 -10.16 -9.44
C ARG C 51 -5.60 -9.59 -8.51
N VAL C 52 -6.80 -9.40 -9.03
CA VAL C 52 -7.92 -8.88 -8.26
C VAL C 52 -8.31 -9.90 -7.18
N GLU C 53 -8.32 -11.17 -7.55
CA GLU C 53 -8.61 -12.24 -6.60
C GLU C 53 -7.56 -12.30 -5.49
N GLU C 54 -6.29 -12.21 -5.88
CA GLU C 54 -5.21 -12.22 -4.91
C GLU C 54 -5.35 -11.03 -3.95
N GLY C 55 -5.69 -9.87 -4.51
CA GLY C 55 -5.97 -8.69 -3.72
C GLY C 55 -7.08 -8.90 -2.73
N MET C 56 -8.16 -9.53 -3.19
CA MET C 56 -9.30 -9.86 -2.34
C MET C 56 -8.89 -10.76 -1.18
N ASN C 57 -8.01 -11.73 -1.47
CA ASN C 57 -7.51 -12.63 -0.44
C ASN C 57 -6.68 -11.88 0.60
N HIS C 58 -5.81 -10.99 0.12
CA HIS C 58 -4.99 -10.17 1.03
C HIS C 58 -5.89 -9.31 1.92
N ILE C 59 -6.92 -8.74 1.31
CA ILE C 59 -7.91 -7.95 2.02
C ILE C 59 -8.57 -8.78 3.09
N ASN C 60 -8.89 -10.03 2.75
CA ASN C 60 -9.55 -10.94 3.68
C ASN C 60 -8.66 -11.24 4.87
N GLN C 61 -7.37 -11.49 4.59
CA GLN C 61 -6.41 -11.77 5.65
C GLN C 61 -6.27 -10.58 6.60
N ASP C 62 -6.01 -9.40 6.02
CA ASP C 62 -5.87 -8.18 6.80
C ASP C 62 -7.11 -7.89 7.65
N MET C 63 -8.28 -8.02 7.04
CA MET C 63 -9.55 -7.77 7.73
C MET C 63 -9.80 -8.80 8.82
N LYS C 64 -9.31 -10.01 8.64
CA LYS C 64 -9.41 -11.04 9.67
C LYS C 64 -8.52 -10.65 10.85
N GLU C 65 -7.32 -10.16 10.55
CA GLU C 65 -6.41 -9.70 11.60
C GLU C 65 -7.02 -8.54 12.39
N ALA C 66 -7.62 -7.60 11.67
CA ALA C 66 -8.28 -6.46 12.31
C ALA C 66 -9.47 -6.94 13.15
N GLU C 67 -10.14 -7.97 12.66
CA GLU C 67 -11.24 -8.59 13.38
C GLU C 67 -10.73 -9.18 14.70
N LYS C 68 -9.56 -9.81 14.65
CA LYS C 68 -8.93 -10.36 15.84
C LYS C 68 -8.58 -9.26 16.82
N ASN C 69 -8.13 -8.12 16.28
CA ASN C 69 -7.79 -6.97 17.11
C ASN C 69 -9.03 -6.42 17.83
N LEU C 70 -10.14 -6.34 17.10
CA LEU C 70 -11.39 -5.85 17.67
C LEU C 70 -11.94 -6.82 18.70
N LYS C 71 -11.79 -8.11 18.44
CA LYS C 71 -12.20 -9.13 19.40
C LYS C 71 -11.33 -9.09 20.64
N ASP C 72 -10.10 -8.61 20.48
CA ASP C 72 -9.19 -8.44 21.61
C ASP C 72 -9.59 -7.23 22.44
N LEU C 73 -9.97 -6.15 21.76
CA LEU C 73 -10.38 -4.92 22.44
C LEU C 73 -11.72 -5.11 23.16
N GLY C 74 -12.57 -5.97 22.60
CA GLY C 74 -13.87 -6.24 23.17
C GLY C 74 -13.82 -6.82 24.57
N ARG D 2 -12.84 -16.72 -63.07
CA ARG D 2 -12.21 -18.03 -63.15
C ARG D 2 -12.77 -18.98 -62.09
N GLU D 3 -12.96 -20.24 -62.48
CA GLU D 3 -13.47 -21.25 -61.57
C GLU D 3 -12.38 -21.72 -60.62
N ASN D 4 -11.16 -21.80 -61.12
CA ASN D 4 -10.01 -22.21 -60.32
C ASN D 4 -9.79 -21.28 -59.13
N GLU D 5 -9.74 -19.98 -59.40
CA GLU D 5 -9.57 -18.98 -58.35
C GLU D 5 -10.70 -19.08 -57.33
N MET D 6 -11.90 -19.37 -57.83
CA MET D 6 -13.09 -19.50 -57.00
C MET D 6 -12.95 -20.65 -56.01
N ASP D 7 -12.65 -21.84 -56.53
CA ASP D 7 -12.53 -23.03 -55.69
C ASP D 7 -11.37 -22.89 -54.71
N GLU D 8 -10.26 -22.31 -55.18
CA GLU D 8 -9.11 -22.08 -54.31
C GLU D 8 -9.48 -21.14 -53.16
N ASN D 9 -10.22 -20.09 -53.48
CA ASN D 9 -10.73 -19.16 -52.47
C ASN D 9 -11.62 -19.88 -51.48
N LEU D 10 -12.45 -20.79 -51.97
CA LEU D 10 -13.29 -21.63 -51.13
C LEU D 10 -12.43 -22.43 -50.15
N GLU D 11 -11.34 -22.99 -50.64
CA GLU D 11 -10.42 -23.78 -49.82
C GLU D 11 -9.80 -22.94 -48.72
N GLN D 12 -9.24 -21.79 -49.11
CA GLN D 12 -8.61 -20.87 -48.16
C GLN D 12 -9.59 -20.44 -47.07
N VAL D 13 -10.78 -20.05 -47.52
CA VAL D 13 -11.85 -19.65 -46.62
C VAL D 13 -12.20 -20.78 -45.65
N SER D 14 -12.25 -22.00 -46.17
CA SER D 14 -12.55 -23.17 -45.34
C SER D 14 -11.51 -23.35 -44.23
N GLY D 15 -10.23 -23.29 -44.61
CA GLY D 15 -9.16 -23.42 -43.63
C GLY D 15 -9.20 -22.35 -42.56
N ILE D 16 -9.36 -21.10 -42.99
CA ILE D 16 -9.44 -19.98 -42.06
C ILE D 16 -10.63 -20.16 -41.12
N ILE D 17 -11.72 -20.70 -41.66
CA ILE D 17 -12.92 -20.98 -40.86
C ILE D 17 -12.60 -22.01 -39.78
N GLY D 18 -11.86 -23.05 -40.15
CA GLY D 18 -11.42 -24.04 -39.18
C GLY D 18 -10.61 -23.41 -38.06
N ASN D 19 -9.70 -22.52 -38.46
CA ASN D 19 -8.92 -21.76 -37.49
C ASN D 19 -9.86 -21.00 -36.54
N LEU D 20 -10.89 -20.40 -37.11
CA LEU D 20 -11.90 -19.69 -36.33
C LEU D 20 -12.63 -20.63 -35.37
N ARG D 21 -12.80 -21.88 -35.77
CA ARG D 21 -13.41 -22.88 -34.88
C ARG D 21 -12.53 -23.13 -33.68
N HIS D 22 -11.25 -23.42 -33.91
CA HIS D 22 -10.31 -23.63 -32.81
C HIS D 22 -10.29 -22.43 -31.87
N MET D 23 -10.21 -21.24 -32.45
CA MET D 23 -10.21 -19.99 -31.67
C MET D 23 -11.47 -19.89 -30.84
N ALA D 24 -12.60 -20.20 -31.45
CA ALA D 24 -13.90 -20.13 -30.78
C ALA D 24 -13.95 -21.07 -29.58
N LEU D 25 -13.41 -22.27 -29.74
CA LEU D 25 -13.42 -23.25 -28.66
C LEU D 25 -12.54 -22.81 -27.49
N ASP D 26 -11.29 -22.46 -27.79
CA ASP D 26 -10.38 -21.99 -26.75
C ASP D 26 -10.96 -20.78 -26.03
N MET D 27 -11.53 -19.87 -26.82
CA MET D 27 -12.20 -18.69 -26.29
C MET D 27 -13.29 -19.08 -25.32
N GLY D 28 -14.17 -20.00 -25.73
CA GLY D 28 -15.26 -20.46 -24.89
C GLY D 28 -14.81 -21.04 -23.57
N ASN D 29 -13.83 -21.94 -23.62
CA ASN D 29 -13.29 -22.53 -22.40
C ASN D 29 -12.73 -21.46 -21.47
N GLU D 30 -11.96 -20.52 -22.04
CA GLU D 30 -11.39 -19.43 -21.27
C GLU D 30 -12.47 -18.60 -20.59
N ILE D 31 -13.51 -18.26 -21.35
CA ILE D 31 -14.63 -17.46 -20.85
C ILE D 31 -15.33 -18.18 -19.70
N ASP D 32 -15.49 -19.49 -19.83
CA ASP D 32 -16.11 -20.29 -18.76
C ASP D 32 -15.27 -20.25 -17.49
N THR D 33 -13.97 -20.51 -17.64
CA THR D 33 -13.05 -20.51 -16.52
C THR D 33 -13.06 -19.16 -15.80
N GLN D 34 -13.03 -18.08 -16.58
CA GLN D 34 -13.04 -16.74 -16.02
C GLN D 34 -14.39 -16.41 -15.41
N ASN D 35 -15.45 -17.06 -15.88
CA ASN D 35 -16.77 -16.88 -15.29
C ASN D 35 -16.80 -17.48 -13.89
N ARG D 36 -16.31 -18.72 -13.78
CA ARG D 36 -16.14 -19.35 -12.48
C ARG D 36 -15.30 -18.48 -11.56
N GLN D 37 -14.22 -17.93 -12.14
CA GLN D 37 -13.31 -17.05 -11.40
C GLN D 37 -14.03 -15.81 -10.86
N ILE D 38 -14.88 -15.22 -11.68
CA ILE D 38 -15.64 -14.04 -11.29
C ILE D 38 -16.61 -14.41 -10.17
N ASP D 39 -17.18 -15.61 -10.25
CA ASP D 39 -18.06 -16.10 -9.21
C ASP D 39 -17.34 -16.21 -7.86
N ARG D 40 -16.17 -16.86 -7.88
CA ARG D 40 -15.37 -17.00 -6.66
C ARG D 40 -14.99 -15.63 -6.08
N ILE D 41 -14.54 -14.74 -6.96
CA ILE D 41 -14.11 -13.41 -6.56
C ILE D 41 -15.26 -12.64 -5.93
N MET D 42 -16.45 -12.77 -6.52
CA MET D 42 -17.63 -12.07 -6.02
C MET D 42 -18.08 -12.63 -4.68
N GLU D 43 -17.92 -13.94 -4.49
CA GLU D 43 -18.23 -14.56 -3.20
C GLU D 43 -17.31 -14.04 -2.11
N LYS D 44 -16.00 -14.03 -2.42
CA LYS D 44 -15.01 -13.47 -1.51
C LYS D 44 -15.32 -12.01 -1.22
N ALA D 45 -15.85 -11.32 -2.23
CA ALA D 45 -16.21 -9.91 -2.11
C ALA D 45 -17.35 -9.73 -1.13
N ASP D 46 -18.31 -10.64 -1.17
CA ASP D 46 -19.44 -10.59 -0.25
C ASP D 46 -18.99 -10.88 1.17
N SER D 47 -18.12 -11.88 1.32
CA SER D 47 -17.57 -12.23 2.63
C SER D 47 -16.80 -11.06 3.25
N ASN D 48 -15.96 -10.41 2.44
CA ASN D 48 -15.17 -9.29 2.91
C ASN D 48 -16.04 -8.07 3.18
N LYS D 49 -17.11 -7.93 2.41
CA LYS D 49 -18.09 -6.87 2.63
C LYS D 49 -18.72 -7.05 4.01
N THR D 50 -19.12 -8.29 4.30
CA THR D 50 -19.69 -8.63 5.60
C THR D 50 -18.71 -8.34 6.74
N ARG D 51 -17.46 -8.78 6.58
CA ARG D 51 -16.45 -8.58 7.62
C ARG D 51 -16.18 -7.10 7.87
N ILE D 52 -16.12 -6.32 6.80
CA ILE D 52 -15.84 -4.90 6.92
C ILE D 52 -17.02 -4.18 7.58
N ASP D 53 -18.23 -4.55 7.19
CA ASP D 53 -19.43 -3.95 7.80
C ASP D 53 -19.53 -4.26 9.30
N GLU D 54 -19.29 -5.53 9.65
CA GLU D 54 -19.39 -5.93 11.06
C GLU D 54 -18.29 -5.30 11.91
N ALA D 55 -17.07 -5.28 11.38
CA ALA D 55 -15.93 -4.72 12.10
C ALA D 55 -16.08 -3.20 12.25
N ASN D 56 -16.62 -2.55 11.23
CA ASN D 56 -16.85 -1.12 11.27
C ASN D 56 -17.96 -0.77 12.24
N GLN D 57 -19.01 -1.60 12.25
CA GLN D 57 -20.11 -1.42 13.19
C GLN D 57 -19.60 -1.51 14.62
N ARG D 58 -18.84 -2.57 14.91
CA ARG D 58 -18.25 -2.73 16.23
C ARG D 58 -17.33 -1.57 16.57
N ALA D 59 -16.57 -1.11 15.59
CA ALA D 59 -15.60 -0.03 15.79
C ALA D 59 -16.30 1.26 16.19
N THR D 60 -17.34 1.63 15.43
CA THR D 60 -18.11 2.82 15.71
C THR D 60 -18.85 2.69 17.04
N LYS D 61 -19.25 1.46 17.37
CA LYS D 61 -19.90 1.21 18.66
C LYS D 61 -18.93 1.36 19.82
N MET D 62 -17.66 1.15 19.57
CA MET D 62 -16.64 1.27 20.61
C MET D 62 -16.25 2.72 20.90
N LEU D 63 -16.71 3.64 20.06
CA LEU D 63 -16.48 5.07 20.27
C LEU D 63 -16.91 5.53 21.66
N GLY D 64 -16.00 6.17 22.38
CA GLY D 64 -16.28 6.68 23.70
C GLY D 64 -15.25 6.27 24.74
N LYS E 1 15.87 5.57 -66.38
CA LYS E 1 16.42 6.21 -67.57
C LYS E 1 17.41 5.30 -68.28
N LEU E 2 18.37 5.92 -68.97
CA LEU E 2 19.48 5.20 -69.62
C LEU E 2 19.03 4.24 -70.72
N GLY E 3 17.81 4.41 -71.23
CA GLY E 3 17.36 3.63 -72.37
C GLY E 3 15.96 3.91 -72.87
N LYS E 4 15.76 3.70 -74.18
CA LYS E 4 14.44 3.78 -74.81
C LYS E 4 14.07 2.51 -75.56
N LEU E 5 12.79 2.19 -75.62
CA LEU E 5 12.32 1.03 -76.37
C LEU E 5 11.09 1.36 -77.21
N GLN E 6 11.18 1.08 -78.52
CA GLN E 6 10.04 1.25 -79.41
C GLN E 6 9.21 -0.03 -79.49
N TYR E 7 7.95 0.03 -79.04
CA TYR E 7 7.13 -1.18 -79.06
C TYR E 7 5.78 -0.94 -79.74
N SER E 8 5.22 -2.02 -80.29
CA SER E 8 3.90 -1.98 -80.89
C SER E 8 2.97 -2.89 -80.09
N LEU E 9 1.67 -2.61 -80.16
CA LEU E 9 0.69 -3.37 -79.39
C LEU E 9 -0.68 -3.31 -80.07
N ASP E 10 -1.29 -4.47 -80.24
CA ASP E 10 -2.58 -4.59 -80.91
C ASP E 10 -3.25 -5.91 -80.55
N TYR E 11 -4.58 -5.90 -80.54
CA TYR E 11 -5.35 -7.10 -80.23
C TYR E 11 -6.15 -7.58 -81.44
N ASP E 12 -5.97 -8.84 -81.80
CA ASP E 12 -6.73 -9.43 -82.90
C ASP E 12 -8.02 -10.00 -82.34
N PHE E 13 -9.13 -9.32 -82.62
CA PHE E 13 -10.41 -9.68 -82.05
C PHE E 13 -10.98 -10.96 -82.65
N GLN E 14 -10.46 -11.35 -83.81
CA GLN E 14 -10.91 -12.57 -84.47
C GLN E 14 -10.35 -13.81 -83.78
N ASN E 15 -9.03 -13.86 -83.64
CA ASN E 15 -8.37 -14.99 -83.02
C ASN E 15 -8.28 -14.84 -81.51
N ASN E 16 -8.73 -13.68 -81.00
CA ASN E 16 -8.67 -13.37 -79.58
C ASN E 16 -7.24 -13.55 -79.04
N GLN E 17 -6.31 -12.81 -79.63
CA GLN E 17 -4.90 -12.91 -79.26
C GLN E 17 -4.24 -11.54 -79.19
N LEU E 18 -3.16 -11.44 -78.41
CA LEU E 18 -2.46 -10.19 -78.19
C LEU E 18 -1.18 -10.12 -79.04
N LEU E 19 -1.06 -9.07 -79.83
CA LEU E 19 0.11 -8.87 -80.68
C LEU E 19 1.11 -7.93 -80.03
N VAL E 20 2.28 -8.46 -79.70
CA VAL E 20 3.33 -7.64 -79.09
C VAL E 20 4.46 -7.46 -80.10
N GLY E 21 4.84 -6.21 -80.34
CA GLY E 21 5.88 -5.92 -81.30
C GLY E 21 7.18 -5.44 -80.69
N ILE E 22 8.27 -6.14 -80.99
CA ILE E 22 9.59 -5.70 -80.58
C ILE E 22 10.37 -5.28 -81.82
N ILE E 23 10.49 -3.96 -81.99
CA ILE E 23 11.16 -3.40 -83.17
C ILE E 23 12.62 -3.12 -82.84
N GLN E 24 12.84 -2.07 -82.06
CA GLN E 24 14.19 -1.60 -81.78
C GLN E 24 14.29 -0.86 -80.46
N ALA E 25 15.43 -1.02 -79.79
CA ALA E 25 15.77 -0.26 -78.61
C ALA E 25 16.86 0.76 -78.95
N ALA E 26 16.98 1.80 -78.13
CA ALA E 26 17.98 2.83 -78.38
C ALA E 26 18.54 3.36 -77.06
N GLU E 27 19.70 4.00 -77.15
CA GLU E 27 20.37 4.61 -76.00
C GLU E 27 20.66 3.58 -74.89
N LEU E 28 21.35 2.51 -75.24
CA LEU E 28 21.67 1.44 -74.30
C LEU E 28 23.03 1.66 -73.64
N PRO E 29 23.16 1.29 -72.35
CA PRO E 29 24.42 1.44 -71.60
C PRO E 29 25.57 0.59 -72.16
N ALA E 30 26.79 1.04 -71.92
CA ALA E 30 27.99 0.44 -72.51
C ALA E 30 28.44 -0.89 -71.89
N LEU E 31 27.55 -1.57 -71.18
CA LEU E 31 27.86 -2.88 -70.61
C LEU E 31 27.77 -3.90 -71.75
N ASP E 32 28.41 -5.06 -71.64
CA ASP E 32 29.44 -5.35 -70.64
C ASP E 32 30.81 -4.84 -71.07
N MET E 33 31.26 -5.32 -72.22
CA MET E 33 32.57 -4.95 -72.74
C MET E 33 32.53 -3.52 -73.25
N GLY E 34 33.67 -2.85 -73.26
CA GLY E 34 33.69 -1.48 -73.70
C GLY E 34 33.16 -1.37 -75.10
N GLY E 35 32.47 -0.28 -75.36
CA GLY E 35 31.77 -0.10 -76.62
C GLY E 35 30.28 -0.39 -76.60
N THR E 36 29.88 -1.46 -77.29
CA THR E 36 28.46 -1.81 -77.44
C THR E 36 28.03 -3.09 -76.70
N SER E 37 26.76 -3.11 -76.32
CA SER E 37 26.15 -4.23 -75.62
C SER E 37 25.69 -5.35 -76.54
N ASP E 38 25.49 -6.53 -75.96
CA ASP E 38 24.81 -7.63 -76.64
C ASP E 38 23.41 -7.78 -76.06
N PRO E 39 22.41 -7.13 -76.68
CA PRO E 39 21.07 -7.12 -76.10
C PRO E 39 20.13 -8.21 -76.63
N TYR E 40 19.20 -8.64 -75.78
CA TYR E 40 18.10 -9.49 -76.21
C TYR E 40 16.91 -9.24 -75.28
N VAL E 41 15.70 -9.28 -75.81
CA VAL E 41 14.53 -8.88 -75.05
C VAL E 41 13.65 -10.06 -74.67
N LYS E 42 13.43 -10.23 -73.38
CA LYS E 42 12.45 -11.19 -72.87
C LYS E 42 11.13 -10.48 -72.61
N VAL E 43 10.06 -10.95 -73.25
CA VAL E 43 8.75 -10.34 -73.09
C VAL E 43 7.77 -11.36 -72.53
N PHE E 44 6.98 -10.94 -71.55
CA PHE E 44 5.97 -11.84 -70.98
C PHE E 44 4.81 -11.06 -70.37
N LEU E 45 3.72 -11.78 -70.07
CA LEU E 45 2.54 -11.16 -69.49
C LEU E 45 2.47 -11.43 -67.99
N LEU E 46 1.93 -10.48 -67.25
CA LEU E 46 1.67 -10.67 -65.82
C LEU E 46 0.18 -10.65 -65.57
N PRO E 47 -0.29 -11.43 -64.58
CA PRO E 47 0.49 -12.28 -63.67
C PRO E 47 0.83 -13.65 -64.23
N ASP E 48 0.80 -13.81 -65.55
CA ASP E 48 1.08 -15.10 -66.18
C ASP E 48 2.49 -15.60 -65.84
N LYS E 49 2.58 -16.85 -65.41
CA LYS E 49 3.86 -17.52 -65.19
C LYS E 49 4.23 -18.30 -66.44
N LYS E 50 3.55 -17.97 -67.54
CA LYS E 50 3.74 -18.61 -68.82
C LYS E 50 5.18 -18.51 -69.32
N LYS E 51 5.51 -19.33 -70.32
CA LYS E 51 6.86 -19.36 -70.88
C LYS E 51 7.23 -18.00 -71.47
N LYS E 52 8.29 -17.40 -70.93
CA LYS E 52 8.73 -16.09 -71.38
C LYS E 52 9.38 -16.18 -72.76
N PHE E 53 8.87 -15.38 -73.70
CA PHE E 53 9.42 -15.35 -75.05
C PHE E 53 10.66 -14.47 -75.07
N GLU E 54 11.57 -14.73 -75.99
CA GLU E 54 12.77 -13.91 -76.12
C GLU E 54 13.17 -13.72 -77.58
N THR E 55 13.60 -12.51 -77.91
CA THR E 55 14.04 -12.18 -79.26
C THR E 55 15.43 -12.73 -79.53
N LYS E 56 15.87 -12.60 -80.78
CA LYS E 56 17.22 -13.02 -81.16
C LYS E 56 18.27 -12.21 -80.43
N VAL E 57 19.44 -12.80 -80.23
CA VAL E 57 20.56 -12.10 -79.61
C VAL E 57 21.26 -11.29 -80.69
N HIS E 58 21.52 -10.02 -80.42
CA HIS E 58 22.19 -9.16 -81.38
C HIS E 58 23.62 -8.87 -80.93
N ARG E 59 24.58 -9.23 -81.78
CA ARG E 59 25.98 -9.08 -81.45
C ARG E 59 26.45 -7.63 -81.49
N LYS E 60 26.89 -7.12 -80.34
CA LYS E 60 27.56 -5.82 -80.25
C LYS E 60 26.76 -4.67 -80.86
N THR E 61 25.74 -4.20 -80.13
CA THR E 61 24.97 -3.04 -80.57
C THR E 61 24.23 -2.35 -79.43
N LEU E 62 24.33 -1.02 -79.40
CA LEU E 62 23.60 -0.22 -78.43
C LEU E 62 22.29 0.28 -79.04
N ASN E 63 22.13 0.01 -80.33
CA ASN E 63 20.93 0.37 -81.06
C ASN E 63 20.43 -0.84 -81.86
N PRO E 64 19.92 -1.86 -81.15
CA PRO E 64 19.58 -3.16 -81.75
C PRO E 64 18.33 -3.16 -82.61
N VAL E 65 18.33 -4.01 -83.63
CA VAL E 65 17.19 -4.17 -84.53
C VAL E 65 16.63 -5.58 -84.45
N PHE E 66 15.46 -5.71 -83.84
CA PHE E 66 14.83 -7.03 -83.69
C PHE E 66 13.81 -7.27 -84.79
N ASN E 67 12.84 -6.37 -84.90
CA ASN E 67 11.75 -6.48 -85.87
C ASN E 67 11.06 -7.83 -85.78
N GLU E 68 10.74 -8.23 -84.56
CA GLU E 68 10.07 -9.51 -84.32
C GLU E 68 8.74 -9.31 -83.60
N GLN E 69 7.78 -10.19 -83.85
CA GLN E 69 6.45 -10.06 -83.27
C GLN E 69 6.03 -11.34 -82.55
N PHE E 70 5.36 -11.18 -81.41
CA PHE E 70 4.94 -12.31 -80.60
C PHE E 70 3.43 -12.30 -80.35
N THR E 71 2.88 -13.49 -80.16
CA THR E 71 1.43 -13.66 -80.01
C THR E 71 1.08 -14.30 -78.66
N PHE E 72 0.13 -13.69 -77.96
CA PHE E 72 -0.31 -14.22 -76.67
C PHE E 72 -1.78 -14.64 -76.69
N LYS E 73 -2.02 -15.95 -76.60
CA LYS E 73 -3.36 -16.50 -76.61
C LYS E 73 -4.11 -16.09 -75.34
N VAL E 74 -4.76 -14.93 -75.38
CA VAL E 74 -5.42 -14.39 -74.20
C VAL E 74 -6.84 -13.90 -74.51
N PRO E 75 -7.82 -14.34 -73.69
CA PRO E 75 -9.19 -13.84 -73.80
C PRO E 75 -9.24 -12.33 -73.58
N TYR E 76 -10.17 -11.64 -74.23
CA TYR E 76 -10.20 -10.19 -74.14
C TYR E 76 -10.70 -9.71 -72.77
N SER E 77 -11.66 -10.44 -72.20
CA SER E 77 -12.24 -10.06 -70.93
C SER E 77 -11.23 -10.22 -69.81
N GLU E 78 -10.33 -11.19 -69.95
CA GLU E 78 -9.32 -11.48 -68.94
C GLU E 78 -8.10 -10.59 -69.13
N LEU E 79 -8.05 -9.90 -70.27
CA LEU E 79 -6.89 -9.08 -70.62
C LEU E 79 -6.84 -7.82 -69.77
N GLY E 80 -8.01 -7.34 -69.35
CA GLY E 80 -8.10 -6.14 -68.53
C GLY E 80 -7.43 -6.26 -67.18
N GLY E 81 -7.26 -7.48 -66.70
CA GLY E 81 -6.64 -7.73 -65.41
C GLY E 81 -5.17 -8.10 -65.54
N LYS E 82 -4.64 -8.00 -66.75
CA LYS E 82 -3.25 -8.34 -67.01
C LYS E 82 -2.39 -7.11 -67.29
N THR E 83 -1.09 -7.32 -67.39
CA THR E 83 -0.15 -6.23 -67.62
C THR E 83 1.03 -6.73 -68.45
N LEU E 84 1.29 -6.06 -69.57
CA LEU E 84 2.36 -6.48 -70.47
C LEU E 84 3.71 -6.06 -69.91
N VAL E 85 4.63 -7.01 -69.81
CA VAL E 85 5.95 -6.75 -69.28
C VAL E 85 7.01 -6.97 -70.35
N MET E 86 7.79 -5.92 -70.61
CA MET E 86 8.88 -6.01 -71.57
C MET E 86 10.21 -5.78 -70.86
N ALA E 87 11.09 -6.77 -70.92
CA ALA E 87 12.36 -6.70 -70.20
C ALA E 87 13.56 -6.81 -71.14
N VAL E 88 14.44 -5.82 -71.10
CA VAL E 88 15.63 -5.82 -71.93
C VAL E 88 16.83 -6.35 -71.15
N TYR E 89 17.45 -7.40 -71.70
CA TYR E 89 18.59 -8.07 -71.07
C TYR E 89 19.87 -7.89 -71.88
N ASP E 90 21.01 -7.99 -71.19
CA ASP E 90 22.31 -7.97 -71.84
C ASP E 90 22.90 -9.39 -71.80
N PHE E 91 23.21 -9.93 -72.97
CA PHE E 91 23.73 -11.30 -73.07
C PHE E 91 25.17 -11.40 -72.59
N ASP E 92 25.42 -12.37 -71.72
CA ASP E 92 26.77 -12.63 -71.20
C ASP E 92 27.09 -14.12 -71.30
N ARG E 93 28.22 -14.44 -71.91
CA ARG E 93 28.58 -15.84 -72.16
C ARG E 93 29.03 -16.56 -70.89
N PHE E 94 29.89 -15.92 -70.11
CA PHE E 94 30.47 -16.57 -68.94
C PHE E 94 29.95 -15.97 -67.64
N SER E 95 28.96 -15.09 -67.75
CA SER E 95 28.38 -14.44 -66.58
C SER E 95 26.87 -14.55 -66.59
N LYS E 96 26.24 -14.19 -65.47
CA LYS E 96 24.79 -14.15 -65.39
C LYS E 96 24.27 -13.00 -66.23
N HIS E 97 23.24 -13.27 -67.02
CA HIS E 97 22.70 -12.26 -67.93
C HIS E 97 22.04 -11.15 -67.12
N ASP E 98 22.76 -10.05 -66.95
CA ASP E 98 22.25 -8.91 -66.21
C ASP E 98 21.10 -8.26 -66.97
N ILE E 99 20.06 -7.87 -66.25
CA ILE E 99 18.92 -7.22 -66.87
C ILE E 99 19.25 -5.76 -67.10
N ILE E 100 19.09 -5.30 -68.34
CA ILE E 100 19.35 -3.91 -68.68
C ILE E 100 18.24 -3.05 -68.09
N GLY E 101 17.00 -3.37 -68.44
CA GLY E 101 15.88 -2.61 -67.94
C GLY E 101 14.53 -3.00 -68.51
N GLU E 102 13.50 -2.97 -67.67
CA GLU E 102 12.18 -3.42 -68.06
C GLU E 102 11.13 -2.35 -67.80
N PHE E 103 9.97 -2.51 -68.41
CA PHE E 103 8.81 -1.69 -68.05
C PHE E 103 7.51 -2.43 -68.33
N LYS E 104 6.46 -2.00 -67.66
CA LYS E 104 5.15 -2.67 -67.72
C LYS E 104 4.04 -1.71 -68.11
N VAL E 105 3.15 -2.18 -68.97
CA VAL E 105 1.99 -1.40 -69.38
C VAL E 105 0.70 -2.11 -68.99
N PRO E 106 -0.14 -1.45 -68.18
CA PRO E 106 -1.45 -1.98 -67.82
C PRO E 106 -2.35 -2.12 -69.05
N MET E 107 -2.90 -3.32 -69.25
CA MET E 107 -3.69 -3.60 -70.45
C MET E 107 -5.09 -3.00 -70.39
N ASN E 108 -5.52 -2.62 -69.19
CA ASN E 108 -6.84 -2.00 -69.02
C ASN E 108 -6.78 -0.51 -69.34
N THR E 109 -5.61 -0.04 -69.76
CA THR E 109 -5.43 1.35 -70.14
C THR E 109 -5.14 1.47 -71.64
N VAL E 110 -4.95 0.32 -72.29
CA VAL E 110 -4.59 0.29 -73.70
C VAL E 110 -5.83 0.26 -74.57
N ASP E 111 -5.88 1.16 -75.55
CA ASP E 111 -6.95 1.14 -76.55
C ASP E 111 -6.60 0.18 -77.68
N PHE E 112 -7.12 -1.04 -77.58
CA PHE E 112 -6.85 -2.07 -78.57
C PHE E 112 -7.63 -1.80 -79.84
N GLY E 113 -8.53 -0.81 -79.78
CA GLY E 113 -9.33 -0.41 -80.91
C GLY E 113 -8.52 0.12 -82.07
N HIS E 114 -7.54 0.97 -81.76
CA HIS E 114 -6.63 1.47 -82.78
C HIS E 114 -5.27 0.83 -82.57
N VAL E 115 -4.53 0.64 -83.66
CA VAL E 115 -3.20 0.04 -83.56
C VAL E 115 -2.29 0.93 -82.73
N THR E 116 -1.75 0.37 -81.66
CA THR E 116 -0.91 1.15 -80.75
C THR E 116 0.56 0.97 -81.09
N GLU E 117 1.32 2.05 -81.04
CA GLU E 117 2.75 2.01 -81.25
C GLU E 117 3.41 3.19 -80.56
N GLU E 118 4.33 2.93 -79.64
CA GLU E 118 4.88 4.01 -78.83
C GLU E 118 6.34 3.76 -78.42
N TRP E 119 7.06 4.86 -78.21
CA TRP E 119 8.37 4.84 -77.58
C TRP E 119 8.24 5.00 -76.08
N ARG E 120 8.91 4.14 -75.33
CA ARG E 120 8.87 4.22 -73.87
C ARG E 120 10.25 4.08 -73.26
N ASP E 121 10.61 5.04 -72.43
CA ASP E 121 11.90 5.03 -71.74
C ASP E 121 11.93 3.86 -70.77
N LEU E 122 13.01 3.09 -70.81
CA LEU E 122 13.12 1.91 -69.95
C LEU E 122 13.28 2.34 -68.49
N GLN E 123 12.71 1.56 -67.59
CA GLN E 123 12.75 1.89 -66.18
C GLN E 123 13.62 0.88 -65.43
N SER E 124 14.28 1.35 -64.38
CA SER E 124 15.11 0.48 -63.56
C SER E 124 14.20 -0.33 -62.66
N ALA E 125 14.07 -1.62 -62.95
CA ALA E 125 13.09 -2.45 -62.27
C ALA E 125 13.39 -2.59 -60.79
N GLU E 126 12.37 -2.98 -60.04
CA GLU E 126 12.50 -3.20 -58.61
C GLU E 126 13.10 -4.58 -58.45
N LYS E 127 13.68 -4.86 -57.30
CA LYS E 127 14.29 -6.14 -57.05
C LYS E 127 13.50 -6.88 -56.00
N GLU E 128 13.21 -8.15 -56.24
CA GLU E 128 12.44 -8.90 -55.26
C GLU E 128 13.21 -8.88 -53.97
N GLU E 129 12.49 -8.72 -52.87
CA GLU E 129 13.11 -8.66 -51.56
C GLU E 129 13.33 -10.06 -51.03
N GLN E 130 14.42 -10.66 -51.45
CA GLN E 130 14.72 -12.01 -51.01
C GLN E 130 13.52 -12.88 -51.36
N GLU E 131 13.06 -13.69 -50.42
CA GLU E 131 11.90 -14.54 -50.66
C GLU E 131 10.92 -14.43 -49.53
N LYS E 132 9.64 -14.51 -49.85
CA LYS E 132 8.64 -14.43 -48.81
C LYS E 132 8.87 -15.66 -47.96
N LEU E 133 8.82 -15.47 -46.65
CA LEU E 133 8.99 -16.54 -45.68
C LEU E 133 7.73 -16.67 -44.84
N GLY E 134 7.19 -15.53 -44.40
CA GLY E 134 5.96 -15.54 -43.63
C GLY E 134 5.96 -14.62 -42.44
N ASP E 135 4.79 -14.49 -41.84
CA ASP E 135 4.63 -13.63 -40.66
C ASP E 135 4.12 -14.45 -39.48
N ILE E 136 4.43 -14.00 -38.27
CA ILE E 136 3.98 -14.69 -37.06
C ILE E 136 3.53 -13.68 -36.02
N CYS E 137 2.31 -13.86 -35.52
CA CYS E 137 1.76 -12.98 -34.50
C CYS E 137 1.79 -13.63 -33.13
N PHE E 138 2.25 -12.88 -32.14
CA PHE E 138 2.23 -13.36 -30.76
C PHE E 138 2.15 -12.18 -29.80
N SER E 139 1.87 -12.46 -28.53
CA SER E 139 1.73 -11.42 -27.52
C SER E 139 2.85 -11.47 -26.50
N LEU E 140 3.22 -10.29 -25.98
CA LEU E 140 4.26 -10.20 -24.95
C LEU E 140 3.72 -9.53 -23.69
N ARG E 141 3.87 -10.20 -22.55
CA ARG E 141 3.41 -9.62 -21.28
C ARG E 141 4.49 -9.80 -20.23
N TYR E 142 4.88 -8.69 -19.61
CA TYR E 142 5.94 -8.71 -18.62
C TYR E 142 5.52 -7.97 -17.35
N VAL E 143 5.73 -8.62 -16.20
CA VAL E 143 5.46 -7.99 -14.91
C VAL E 143 6.76 -7.89 -14.12
N PRO E 144 7.32 -6.68 -14.04
CA PRO E 144 8.59 -6.43 -13.34
C PRO E 144 8.56 -6.82 -11.87
N THR E 145 7.40 -6.71 -11.24
CA THR E 145 7.26 -7.05 -9.82
C THR E 145 7.62 -8.50 -9.53
N ALA E 146 7.00 -9.41 -10.27
CA ALA E 146 7.22 -10.83 -10.07
C ALA E 146 8.32 -11.37 -10.98
N GLY E 147 8.66 -10.60 -12.00
CA GLY E 147 9.65 -11.00 -12.99
C GLY E 147 9.16 -12.12 -13.90
N LYS E 148 7.85 -12.16 -14.14
CA LYS E 148 7.28 -13.18 -15.01
C LYS E 148 7.07 -12.60 -16.41
N LEU E 149 7.59 -13.32 -17.40
CA LEU E 149 7.41 -12.95 -18.80
C LEU E 149 6.44 -13.89 -19.50
N THR E 150 5.26 -13.37 -19.84
CA THR E 150 4.23 -14.18 -20.48
C THR E 150 4.24 -13.99 -22.00
N VAL E 151 4.73 -15.01 -22.70
CA VAL E 151 4.78 -15.01 -24.16
C VAL E 151 3.74 -15.99 -24.69
N VAL E 152 2.66 -15.46 -25.25
CA VAL E 152 1.59 -16.30 -25.77
C VAL E 152 1.68 -16.40 -27.28
N ILE E 153 2.18 -17.54 -27.76
CA ILE E 153 2.24 -17.80 -29.20
C ILE E 153 0.83 -17.86 -29.75
N LEU E 154 0.47 -16.87 -30.55
CA LEU E 154 -0.87 -16.78 -31.10
C LEU E 154 -1.00 -17.57 -32.39
N GLU E 155 -0.37 -17.10 -33.46
CA GLU E 155 -0.50 -17.78 -34.75
C GLU E 155 0.56 -17.38 -35.77
N ALA E 156 0.41 -17.89 -36.99
CA ALA E 156 1.31 -17.56 -38.09
C ALA E 156 0.58 -17.59 -39.43
N LYS E 157 1.21 -17.06 -40.47
CA LYS E 157 0.62 -17.05 -41.80
C LYS E 157 1.68 -16.97 -42.91
N ASN E 158 1.32 -17.49 -44.08
CA ASN E 158 2.16 -17.45 -45.27
C ASN E 158 3.53 -18.11 -45.06
N LEU E 159 3.51 -19.26 -44.40
CA LEU E 159 4.74 -20.00 -44.15
C LEU E 159 5.19 -20.72 -45.41
N LYS E 160 6.51 -20.81 -45.59
CA LYS E 160 7.06 -21.43 -46.78
C LYS E 160 6.86 -22.93 -46.77
N LYS E 161 6.61 -23.50 -47.94
CA LYS E 161 6.45 -24.93 -48.08
C LYS E 161 7.79 -25.64 -47.93
N MET E 162 7.79 -26.71 -47.15
CA MET E 162 9.00 -27.49 -46.91
C MET E 162 8.77 -28.83 -47.61
N ASP E 163 8.12 -29.77 -46.91
CA ASP E 163 7.74 -31.06 -47.48
C ASP E 163 7.36 -31.12 -48.96
N VAL E 164 7.99 -32.03 -49.68
CA VAL E 164 7.78 -32.12 -51.12
C VAL E 164 6.36 -32.64 -51.45
N GLY E 165 5.66 -31.91 -52.32
CA GLY E 165 4.32 -32.30 -52.70
C GLY E 165 3.26 -32.00 -51.65
N GLY E 166 3.69 -31.41 -50.54
CA GLY E 166 2.80 -31.06 -49.46
C GLY E 166 3.01 -29.62 -49.00
N LEU E 167 2.13 -29.12 -48.15
CA LEU E 167 2.22 -27.75 -47.71
C LEU E 167 3.26 -27.59 -46.61
N SER E 168 2.91 -28.03 -45.40
CA SER E 168 3.82 -27.94 -44.25
C SER E 168 3.28 -28.66 -43.03
N ASP E 169 4.17 -28.93 -42.07
CA ASP E 169 3.76 -29.40 -40.75
C ASP E 169 4.41 -28.51 -39.71
N PRO E 170 3.91 -27.26 -39.58
CA PRO E 170 4.52 -26.21 -38.79
C PRO E 170 4.36 -26.39 -37.29
N TYR E 171 5.42 -26.04 -36.56
CA TYR E 171 5.34 -25.95 -35.12
C TYR E 171 6.25 -24.82 -34.67
N VAL E 172 6.03 -24.31 -33.47
CA VAL E 172 6.79 -23.16 -33.02
C VAL E 172 7.64 -23.54 -31.81
N LYS E 173 8.93 -23.26 -31.92
CA LYS E 173 9.88 -23.51 -30.85
C LYS E 173 10.42 -22.20 -30.33
N ILE E 174 10.42 -22.05 -29.01
CA ILE E 174 10.89 -20.83 -28.37
C ILE E 174 12.23 -21.07 -27.68
N HIS E 175 13.24 -20.34 -28.13
CA HIS E 175 14.56 -20.38 -27.54
C HIS E 175 14.76 -19.13 -26.69
N LEU E 176 15.09 -19.31 -25.42
CA LEU E 176 15.42 -18.17 -24.57
C LEU E 176 16.94 -18.14 -24.42
N MET E 177 17.58 -17.16 -25.05
CA MET E 177 19.04 -17.16 -25.12
C MET E 177 19.71 -15.97 -24.42
N GLN E 178 21.00 -16.13 -24.13
CA GLN E 178 21.82 -15.07 -23.57
C GLN E 178 23.32 -15.35 -23.77
N ASN E 179 24.05 -14.36 -24.28
CA ASN E 179 25.48 -14.49 -24.56
C ASN E 179 25.77 -15.67 -25.49
N GLY E 180 24.87 -15.92 -26.43
CA GLY E 180 25.04 -16.99 -27.39
C GLY E 180 24.73 -18.36 -26.82
N LYS E 181 24.24 -18.40 -25.59
CA LYS E 181 23.90 -19.66 -24.94
C LYS E 181 22.40 -19.88 -24.89
N ARG E 182 21.98 -21.08 -25.28
CA ARG E 182 20.58 -21.46 -25.24
C ARG E 182 20.22 -21.92 -23.84
N LEU E 183 19.37 -21.15 -23.16
CA LEU E 183 19.04 -21.41 -21.78
C LEU E 183 17.73 -22.19 -21.63
N LYS E 184 16.68 -21.73 -22.28
CA LYS E 184 15.38 -22.38 -22.18
C LYS E 184 14.85 -22.79 -23.55
N LYS E 185 14.36 -24.02 -23.65
CA LYS E 185 13.77 -24.51 -24.88
C LYS E 185 12.31 -24.92 -24.68
N LYS E 186 11.40 -24.06 -25.10
CA LYS E 186 9.98 -24.36 -25.00
C LYS E 186 9.40 -24.47 -26.41
N LYS E 187 8.49 -25.41 -26.60
CA LYS E 187 7.90 -25.64 -27.91
C LYS E 187 6.39 -25.85 -27.82
N THR E 188 5.69 -25.52 -28.90
CA THR E 188 4.24 -25.63 -28.96
C THR E 188 3.80 -26.94 -29.60
N THR E 189 2.48 -27.13 -29.72
CA THR E 189 1.93 -28.30 -30.36
C THR E 189 2.15 -28.23 -31.87
N ILE E 190 2.04 -29.37 -32.55
CA ILE E 190 2.20 -29.41 -33.99
C ILE E 190 0.84 -29.42 -34.67
N LYS E 191 0.58 -28.40 -35.49
CA LYS E 191 -0.62 -28.35 -36.32
C LYS E 191 -0.33 -28.90 -37.70
N LYS E 192 -0.89 -30.07 -37.99
CA LYS E 192 -0.54 -30.81 -39.21
C LYS E 192 -1.21 -30.24 -40.45
N ASN E 193 -0.44 -30.15 -41.52
CA ASN E 193 -0.92 -29.73 -42.84
C ASN E 193 -1.63 -28.38 -42.82
N THR E 194 -0.86 -27.30 -42.68
CA THR E 194 -1.43 -25.96 -42.68
C THR E 194 -0.38 -24.88 -42.98
N LEU E 195 -0.82 -23.84 -43.68
CA LEU E 195 0.05 -22.70 -43.98
C LEU E 195 -0.40 -21.49 -43.15
N ASN E 196 -1.46 -21.71 -42.36
CA ASN E 196 -1.97 -20.68 -41.46
C ASN E 196 -2.32 -21.32 -40.11
N PRO E 197 -1.30 -21.72 -39.34
CA PRO E 197 -1.51 -22.46 -38.09
C PRO E 197 -2.01 -21.57 -36.95
N TYR E 198 -2.78 -22.17 -36.06
CA TYR E 198 -3.28 -21.47 -34.87
C TYR E 198 -2.90 -22.22 -33.60
N TYR E 199 -2.34 -21.49 -32.64
CA TYR E 199 -1.86 -22.11 -31.40
C TYR E 199 -2.60 -21.58 -30.19
N ASN E 200 -2.41 -20.28 -29.92
CA ASN E 200 -2.91 -19.65 -28.70
C ASN E 200 -2.38 -20.41 -27.48
N GLU E 201 -1.07 -20.55 -27.41
CA GLU E 201 -0.45 -21.25 -26.29
C GLU E 201 0.38 -20.29 -25.44
N SER E 202 0.11 -20.27 -24.14
CA SER E 202 0.79 -19.34 -23.24
C SER E 202 2.04 -19.96 -22.65
N PHE E 203 3.12 -19.19 -22.62
CA PHE E 203 4.36 -19.61 -21.99
C PHE E 203 4.80 -18.57 -20.97
N SER E 204 5.53 -18.99 -19.95
CA SER E 204 6.02 -18.06 -18.94
C SER E 204 7.49 -18.28 -18.59
N PHE E 205 8.19 -17.18 -18.32
CA PHE E 205 9.62 -17.26 -17.99
C PHE E 205 9.99 -16.38 -16.79
N GLU E 206 11.12 -16.71 -16.17
CA GLU E 206 11.64 -15.90 -15.06
C GLU E 206 12.63 -14.87 -15.58
N VAL E 207 12.21 -13.61 -15.63
CA VAL E 207 13.08 -12.55 -16.12
C VAL E 207 13.12 -11.40 -15.14
N PRO E 208 14.19 -11.32 -14.34
CA PRO E 208 14.42 -10.18 -13.45
C PRO E 208 14.50 -8.87 -14.23
N PHE E 209 13.99 -7.78 -13.63
CA PHE E 209 13.98 -6.48 -14.30
C PHE E 209 15.38 -5.87 -14.40
N GLU E 210 16.36 -6.54 -13.80
CA GLU E 210 17.74 -6.08 -13.83
C GLU E 210 18.45 -6.58 -15.09
N GLN E 211 17.90 -7.64 -15.68
CA GLN E 211 18.51 -8.27 -16.83
C GLN E 211 17.58 -8.24 -18.04
N ILE E 212 16.49 -7.52 -17.91
CA ILE E 212 15.46 -7.43 -18.95
C ILE E 212 16.07 -6.86 -20.23
N GLN E 213 17.10 -6.03 -20.08
CA GLN E 213 17.76 -5.41 -21.21
C GLN E 213 18.95 -6.23 -21.68
N LYS E 214 19.15 -7.39 -21.06
CA LYS E 214 20.28 -8.24 -21.42
C LYS E 214 19.81 -9.63 -21.82
N VAL E 215 18.52 -9.77 -22.09
CA VAL E 215 17.99 -11.07 -22.50
C VAL E 215 17.45 -11.00 -23.92
N GLN E 216 17.64 -12.08 -24.66
CA GLN E 216 17.11 -12.18 -26.02
C GLN E 216 16.19 -13.39 -26.18
N VAL E 217 15.03 -13.14 -26.79
CA VAL E 217 14.06 -14.19 -27.04
C VAL E 217 13.97 -14.48 -28.52
N VAL E 218 14.33 -15.70 -28.88
CA VAL E 218 14.37 -16.13 -30.27
C VAL E 218 13.20 -17.06 -30.53
N VAL E 219 12.30 -16.64 -31.41
CA VAL E 219 11.17 -17.45 -31.82
C VAL E 219 11.45 -18.07 -33.18
N THR E 220 11.37 -19.40 -33.26
CA THR E 220 11.68 -20.07 -34.52
C THR E 220 10.49 -20.93 -34.94
N VAL E 221 10.01 -20.68 -36.16
CA VAL E 221 8.94 -21.47 -36.74
C VAL E 221 9.57 -22.51 -37.64
N LEU E 222 9.36 -23.79 -37.31
CA LEU E 222 9.95 -24.88 -38.08
C LEU E 222 8.87 -25.78 -38.66
N ASP E 223 9.27 -26.63 -39.59
CA ASP E 223 8.35 -27.61 -40.17
C ASP E 223 8.72 -29.01 -39.71
N TYR E 224 7.71 -29.76 -39.25
CA TYR E 224 7.93 -31.11 -38.74
C TYR E 224 8.07 -32.13 -39.87
N ASP E 225 9.17 -32.86 -39.87
CA ASP E 225 9.35 -33.95 -40.82
C ASP E 225 9.20 -35.28 -40.09
N LYS E 226 8.41 -36.18 -40.68
CA LYS E 226 8.14 -37.47 -40.07
C LYS E 226 9.43 -38.24 -39.83
N ILE E 227 10.33 -38.20 -40.80
CA ILE E 227 11.63 -38.86 -40.67
C ILE E 227 12.75 -37.86 -40.84
N GLY E 228 13.68 -37.85 -39.88
CA GLY E 228 14.82 -36.96 -39.93
C GLY E 228 14.65 -35.69 -39.11
N LYS E 229 15.73 -34.92 -39.00
CA LYS E 229 15.70 -33.65 -38.28
C LYS E 229 14.76 -32.68 -38.97
N ASN E 230 13.87 -32.07 -38.19
CA ASN E 230 12.87 -31.15 -38.74
C ASN E 230 13.49 -29.84 -39.22
N ASP E 231 13.33 -29.57 -40.51
CA ASP E 231 13.88 -28.37 -41.14
C ASP E 231 13.23 -27.10 -40.58
N ALA E 232 14.03 -26.05 -40.46
CA ALA E 232 13.54 -24.76 -39.96
C ALA E 232 13.01 -23.87 -41.09
N ILE E 233 11.81 -23.32 -40.90
CA ILE E 233 11.21 -22.45 -41.89
C ILE E 233 11.73 -21.01 -41.75
N GLY E 234 11.68 -20.48 -40.54
CA GLY E 234 12.12 -19.11 -40.29
C GLY E 234 12.25 -18.79 -38.81
N LYS E 235 12.71 -17.58 -38.49
CA LYS E 235 12.86 -17.16 -37.10
C LYS E 235 13.03 -15.65 -36.91
N VAL E 236 12.53 -15.12 -35.81
CA VAL E 236 12.70 -13.71 -35.45
C VAL E 236 13.15 -13.63 -34.00
N PHE E 237 13.75 -12.51 -33.60
CA PHE E 237 14.22 -12.39 -32.21
C PHE E 237 14.05 -10.99 -31.63
N VAL E 238 13.66 -10.91 -30.35
CA VAL E 238 13.48 -9.64 -29.68
C VAL E 238 14.40 -9.50 -28.47
N GLY E 239 14.56 -8.27 -27.99
CA GLY E 239 15.39 -7.99 -26.83
C GLY E 239 16.63 -7.17 -27.14
N TYR E 240 17.78 -7.65 -26.68
CA TYR E 240 19.08 -7.02 -26.97
C TYR E 240 19.43 -7.24 -28.43
N ASN E 241 20.06 -6.25 -29.04
CA ASN E 241 20.45 -6.30 -30.46
C ASN E 241 19.25 -6.46 -31.38
N SER E 242 18.05 -6.15 -30.87
CA SER E 242 16.84 -6.26 -31.66
C SER E 242 16.67 -5.03 -32.57
N THR E 243 16.04 -5.24 -33.72
CA THR E 243 15.88 -4.17 -34.70
C THR E 243 14.44 -4.03 -35.15
N GLY E 244 14.07 -2.82 -35.57
CA GLY E 244 12.76 -2.56 -36.15
C GLY E 244 11.57 -2.91 -35.28
N ALA E 245 10.64 -3.66 -35.87
CA ALA E 245 9.40 -4.05 -35.20
C ALA E 245 9.65 -4.90 -33.96
N GLU E 246 10.79 -5.58 -33.92
CA GLU E 246 11.16 -6.41 -32.78
C GLU E 246 11.45 -5.55 -31.54
N LEU E 247 12.35 -4.59 -31.70
CA LEU E 247 12.67 -3.66 -30.64
C LEU E 247 11.44 -2.82 -30.31
N ARG E 248 10.60 -2.59 -31.31
CA ARG E 248 9.34 -1.88 -31.14
C ARG E 248 8.43 -2.62 -30.18
N HIS E 249 8.22 -3.92 -30.43
CA HIS E 249 7.35 -4.75 -29.61
C HIS E 249 7.93 -4.91 -28.21
N TRP E 250 9.25 -5.07 -28.14
CA TRP E 250 9.95 -5.20 -26.86
C TRP E 250 9.72 -3.94 -26.02
N SER E 251 9.91 -2.78 -26.65
CA SER E 251 9.73 -1.50 -26.00
C SER E 251 8.27 -1.28 -25.59
N ASP E 252 7.35 -1.82 -26.39
CA ASP E 252 5.93 -1.73 -26.09
C ASP E 252 5.62 -2.56 -24.85
N MET E 253 6.22 -3.74 -24.77
CA MET E 253 6.06 -4.62 -23.62
C MET E 253 6.62 -3.96 -22.36
N LEU E 254 7.76 -3.29 -22.51
CA LEU E 254 8.38 -2.60 -21.38
C LEU E 254 7.57 -1.40 -20.92
N ALA E 255 7.00 -0.67 -21.89
CA ALA E 255 6.22 0.52 -21.59
C ALA E 255 4.84 0.13 -21.06
N ASN E 256 4.41 -1.09 -21.36
CA ASN E 256 3.14 -1.59 -20.87
C ASN E 256 3.36 -2.79 -19.95
N PRO E 257 3.57 -2.54 -18.65
CA PRO E 257 3.76 -3.61 -17.68
C PRO E 257 2.43 -4.19 -17.22
N ARG E 258 2.45 -5.45 -16.77
CA ARG E 258 1.25 -6.16 -16.33
C ARG E 258 0.19 -6.26 -17.43
N ARG E 259 0.59 -5.97 -18.67
CA ARG E 259 -0.33 -6.03 -19.80
C ARG E 259 0.31 -6.70 -21.02
N PRO E 260 -0.45 -7.58 -21.68
CA PRO E 260 0.01 -8.27 -22.89
C PRO E 260 -0.20 -7.45 -24.16
N ILE E 261 0.82 -7.44 -25.02
CA ILE E 261 0.76 -6.70 -26.28
C ILE E 261 0.94 -7.65 -27.46
N ALA E 262 -0.11 -7.77 -28.28
CA ALA E 262 -0.07 -8.64 -29.45
C ALA E 262 0.49 -7.91 -30.65
N GLN E 263 1.32 -8.60 -31.43
CA GLN E 263 1.94 -7.99 -32.60
C GLN E 263 2.37 -9.04 -33.63
N TRP E 264 2.39 -8.62 -34.90
CA TRP E 264 2.88 -9.45 -35.99
C TRP E 264 4.38 -9.20 -36.21
N HIS E 265 5.07 -10.17 -36.77
CA HIS E 265 6.49 -10.03 -37.08
C HIS E 265 6.86 -10.79 -38.34
N THR E 266 7.63 -10.16 -39.22
CA THR E 266 8.06 -10.81 -40.46
C THR E 266 9.25 -11.73 -40.21
N LEU E 267 9.07 -13.00 -40.57
CA LEU E 267 10.12 -14.01 -40.41
C LEU E 267 11.34 -13.72 -41.29
N GLN E 268 12.52 -14.02 -40.76
CA GLN E 268 13.76 -13.85 -41.50
C GLN E 268 14.49 -15.20 -41.56
N VAL E 269 15.39 -15.34 -42.54
CA VAL E 269 16.13 -16.58 -42.72
C VAL E 269 16.96 -16.92 -41.48
N GLU E 270 17.08 -18.21 -41.19
CA GLU E 270 17.77 -18.70 -40.00
C GLU E 270 19.22 -18.22 -39.96
N GLU E 271 19.85 -18.17 -41.12
CA GLU E 271 21.25 -17.76 -41.24
C GLU E 271 21.47 -16.33 -40.72
N GLU E 272 20.70 -15.39 -41.26
CA GLU E 272 20.85 -13.98 -40.92
C GLU E 272 20.47 -13.70 -39.47
N VAL E 273 19.44 -14.38 -38.98
CA VAL E 273 18.98 -14.21 -37.61
C VAL E 273 20.04 -14.73 -36.63
N ASP E 274 20.58 -15.90 -36.92
CA ASP E 274 21.65 -16.47 -36.09
C ASP E 274 22.89 -15.58 -36.16
N ALA E 275 23.05 -14.91 -37.30
CA ALA E 275 24.19 -14.03 -37.51
C ALA E 275 24.05 -12.73 -36.71
N MET E 276 22.82 -12.25 -36.57
CA MET E 276 22.54 -11.00 -35.87
C MET E 276 22.72 -11.14 -34.35
N LEU E 277 22.84 -12.37 -33.89
CA LEU E 277 23.03 -12.63 -32.46
C LEU E 277 24.51 -12.57 -32.10
N ALA E 278 24.90 -11.50 -31.41
CA ALA E 278 26.29 -11.31 -31.03
C ALA E 278 26.60 -11.98 -29.69
N VAL E 279 27.85 -12.39 -29.52
N LYS F 1 -37.77 46.56 -5.19
CA LYS F 1 -36.83 45.96 -6.12
C LYS F 1 -37.01 46.57 -7.51
N LEU F 2 -38.13 46.25 -8.15
CA LEU F 2 -38.51 46.89 -9.42
C LEU F 2 -39.96 47.29 -9.37
N GLY F 3 -40.53 47.30 -8.16
CA GLY F 3 -41.88 47.79 -7.98
C GLY F 3 -42.86 46.79 -7.38
N LYS F 4 -43.89 47.34 -6.75
CA LYS F 4 -45.02 46.55 -6.27
C LYS F 4 -46.27 47.10 -6.95
N LEU F 5 -47.22 46.23 -7.24
CA LEU F 5 -48.47 46.67 -7.85
C LEU F 5 -49.67 46.05 -7.18
N GLN F 6 -50.58 46.90 -6.72
CA GLN F 6 -51.83 46.45 -6.14
C GLN F 6 -52.86 46.34 -7.25
N TYR F 7 -53.34 45.13 -7.49
CA TYR F 7 -54.29 44.91 -8.57
C TYR F 7 -55.54 44.20 -8.07
N SER F 8 -56.64 44.42 -8.77
CA SER F 8 -57.90 43.75 -8.48
C SER F 8 -58.30 42.84 -9.63
N LEU F 9 -59.09 41.82 -9.32
CA LEU F 9 -59.51 40.85 -10.33
C LEU F 9 -60.82 40.18 -9.92
N ASP F 10 -61.77 40.17 -10.85
CA ASP F 10 -63.08 39.58 -10.59
C ASP F 10 -63.78 39.29 -11.91
N TYR F 11 -64.58 38.24 -11.95
CA TYR F 11 -65.32 37.89 -13.15
C TYR F 11 -66.82 38.00 -12.96
N ASP F 12 -67.47 38.76 -13.83
CA ASP F 12 -68.92 38.87 -13.82
C ASP F 12 -69.54 37.80 -14.71
N PHE F 13 -70.12 36.78 -14.08
CA PHE F 13 -70.66 35.63 -14.81
C PHE F 13 -71.97 35.99 -15.52
N GLN F 14 -72.59 37.08 -15.09
CA GLN F 14 -73.87 37.51 -15.66
C GLN F 14 -73.70 38.15 -17.03
N ASN F 15 -72.83 39.14 -17.12
CA ASN F 15 -72.58 39.84 -18.38
C ASN F 15 -71.51 39.10 -19.19
N ASN F 16 -70.97 38.04 -18.61
CA ASN F 16 -69.92 37.24 -19.21
C ASN F 16 -68.72 38.10 -19.61
N GLN F 17 -68.17 38.83 -18.65
CA GLN F 17 -67.03 39.70 -18.91
C GLN F 17 -66.04 39.65 -17.74
N LEU F 18 -64.77 39.95 -18.05
CA LEU F 18 -63.71 39.91 -17.05
C LEU F 18 -63.35 41.32 -16.59
N LEU F 19 -63.44 41.54 -15.28
CA LEU F 19 -63.10 42.83 -14.69
C LEU F 19 -61.68 42.84 -14.12
N VAL F 20 -60.82 43.67 -14.70
CA VAL F 20 -59.44 43.77 -14.24
C VAL F 20 -59.26 45.12 -13.55
N GLY F 21 -58.73 45.08 -12.32
CA GLY F 21 -58.57 46.29 -11.55
C GLY F 21 -57.13 46.78 -11.38
N ILE F 22 -56.90 48.02 -11.79
CA ILE F 22 -55.62 48.68 -11.57
C ILE F 22 -55.81 49.81 -10.56
N ILE F 23 -55.34 49.59 -9.34
CA ILE F 23 -55.53 50.57 -8.28
C ILE F 23 -54.32 51.49 -8.20
N GLN F 24 -53.23 50.97 -7.65
CA GLN F 24 -52.04 51.79 -7.39
C GLN F 24 -50.79 50.92 -7.33
N ALA F 25 -49.67 51.49 -7.79
CA ALA F 25 -48.39 50.83 -7.63
C ALA F 25 -47.61 51.57 -6.55
N ALA F 26 -46.64 50.89 -5.94
CA ALA F 26 -45.83 51.49 -4.89
C ALA F 26 -44.40 50.96 -4.97
N GLU F 27 -43.49 51.60 -4.23
CA GLU F 27 -42.09 51.19 -4.19
C GLU F 27 -41.52 51.00 -5.60
N LEU F 28 -41.67 52.02 -6.43
CA LEU F 28 -41.18 51.95 -7.81
C LEU F 28 -39.76 52.50 -7.92
N PRO F 29 -38.96 51.88 -8.79
CA PRO F 29 -37.58 52.29 -9.04
C PRO F 29 -37.51 53.70 -9.63
N ALA F 30 -36.38 54.36 -9.47
CA ALA F 30 -36.24 55.77 -9.85
C ALA F 30 -36.23 56.03 -11.35
N LEU F 31 -35.58 55.16 -12.13
CA LEU F 31 -35.52 55.31 -13.59
C LEU F 31 -34.89 56.63 -14.03
N ASP F 32 -35.68 57.49 -14.66
CA ASP F 32 -35.14 58.67 -15.35
C ASP F 32 -34.76 59.79 -14.37
N MET F 33 -33.51 60.24 -14.47
CA MET F 33 -33.01 61.30 -13.62
C MET F 33 -33.57 62.66 -14.06
N GLY F 34 -34.14 63.40 -13.13
CA GLY F 34 -34.24 62.96 -11.76
C GLY F 34 -35.42 63.52 -11.00
N GLY F 35 -35.98 62.70 -10.12
CA GLY F 35 -35.47 61.35 -9.88
C GLY F 35 -36.62 60.35 -9.82
N THR F 36 -37.80 60.82 -10.19
CA THR F 36 -39.00 60.00 -10.14
C THR F 36 -39.50 59.63 -11.53
N SER F 37 -40.14 58.47 -11.63
CA SER F 37 -40.65 57.99 -12.90
C SER F 37 -42.01 58.60 -13.25
N ASP F 38 -42.35 58.58 -14.54
CA ASP F 38 -43.69 58.91 -14.99
C ASP F 38 -44.37 57.62 -15.45
N PRO F 39 -45.13 56.98 -14.56
CA PRO F 39 -45.68 55.65 -14.87
C PRO F 39 -47.09 55.63 -15.44
N TYR F 40 -47.35 54.63 -16.26
CA TYR F 40 -48.69 54.30 -16.73
C TYR F 40 -48.71 52.81 -17.00
N VAL F 41 -49.83 52.15 -16.74
CA VAL F 41 -49.87 50.70 -16.80
C VAL F 41 -50.63 50.18 -18.02
N LYS F 42 -49.95 49.38 -18.82
CA LYS F 42 -50.60 48.65 -19.90
C LYS F 42 -50.96 47.24 -19.43
N VAL F 43 -52.24 46.92 -19.55
CA VAL F 43 -52.75 45.62 -19.11
C VAL F 43 -53.37 44.89 -20.29
N PHE F 44 -53.08 43.60 -20.43
CA PHE F 44 -53.66 42.82 -21.51
C PHE F 44 -53.72 41.33 -21.19
N LEU F 45 -54.48 40.59 -22.00
CA LEU F 45 -54.60 39.15 -21.81
C LEU F 45 -53.74 38.38 -22.80
N LEU F 46 -53.20 37.25 -22.36
CA LEU F 46 -52.48 36.35 -23.24
C LEU F 46 -53.24 35.03 -23.37
N PRO F 47 -53.16 34.39 -24.54
CA PRO F 47 -52.41 34.80 -25.73
C PRO F 47 -53.16 35.78 -26.64
N ASP F 48 -54.15 36.48 -26.08
CA ASP F 48 -54.96 37.41 -26.86
C ASP F 48 -54.11 38.51 -27.49
N LYS F 49 -54.32 38.73 -28.79
CA LYS F 49 -53.68 39.84 -29.50
C LYS F 49 -54.61 41.05 -29.53
N LYS F 50 -55.62 41.03 -28.67
CA LYS F 50 -56.58 42.13 -28.58
C LYS F 50 -55.87 43.44 -28.24
N LYS F 51 -56.55 44.55 -28.44
CA LYS F 51 -55.95 45.87 -28.20
C LYS F 51 -55.51 46.01 -26.74
N LYS F 52 -54.22 46.26 -26.55
CA LYS F 52 -53.66 46.38 -25.22
C LYS F 52 -54.14 47.69 -24.59
N PHE F 53 -54.74 47.59 -23.42
CA PHE F 53 -55.26 48.77 -22.71
C PHE F 53 -54.15 49.49 -21.98
N GLU F 54 -54.34 50.78 -21.74
CA GLU F 54 -53.37 51.58 -20.99
C GLU F 54 -54.07 52.59 -20.09
N THR F 55 -53.55 52.73 -18.88
CA THR F 55 -54.09 53.69 -17.92
C THR F 55 -53.61 55.09 -18.26
N LYS F 56 -54.17 56.09 -17.60
CA LYS F 56 -53.71 57.46 -17.76
C LYS F 56 -52.28 57.58 -17.25
N VAL F 57 -51.51 58.51 -17.81
CA VAL F 57 -50.14 58.73 -17.35
C VAL F 57 -50.10 59.70 -16.18
N HIS F 58 -49.37 59.32 -15.14
CA HIS F 58 -49.18 60.18 -13.97
C HIS F 58 -47.75 60.73 -13.89
N ARG F 59 -47.63 62.06 -13.84
CA ARG F 59 -46.33 62.72 -13.78
C ARG F 59 -45.63 62.61 -12.43
N LYS F 60 -44.42 62.06 -12.45
CA LYS F 60 -43.53 62.04 -11.30
C LYS F 60 -44.14 61.40 -10.06
N THR F 61 -44.17 60.07 -10.04
CA THR F 61 -44.63 59.35 -8.86
C THR F 61 -44.09 57.92 -8.83
N LEU F 62 -43.56 57.54 -7.68
CA LEU F 62 -43.09 56.18 -7.47
C LEU F 62 -44.20 55.38 -6.81
N ASN F 63 -45.26 56.09 -6.46
CA ASN F 63 -46.45 55.47 -5.88
C ASN F 63 -47.69 55.97 -6.61
N PRO F 64 -47.86 55.58 -7.89
CA PRO F 64 -48.92 56.15 -8.71
C PRO F 64 -50.30 55.65 -8.34
N VAL F 65 -51.31 56.50 -8.50
CA VAL F 65 -52.68 56.12 -8.23
C VAL F 65 -53.51 56.21 -9.50
N PHE F 66 -53.91 55.06 -10.03
CA PHE F 66 -54.66 54.99 -11.28
C PHE F 66 -56.16 54.90 -11.02
N ASN F 67 -56.55 53.91 -10.24
CA ASN F 67 -57.95 53.63 -9.94
C ASN F 67 -58.77 53.46 -11.21
N GLU F 68 -58.27 52.67 -12.15
CA GLU F 68 -58.97 52.40 -13.40
C GLU F 68 -59.20 50.91 -13.55
N GLN F 69 -60.30 50.55 -14.19
CA GLN F 69 -60.65 49.14 -14.38
C GLN F 69 -60.97 48.89 -15.85
N PHE F 70 -60.56 47.73 -16.34
CA PHE F 70 -60.74 47.39 -17.75
C PHE F 70 -61.55 46.11 -17.90
N THR F 71 -62.25 45.98 -19.03
CA THR F 71 -63.16 44.86 -19.24
C THR F 71 -62.78 44.02 -20.45
N PHE F 72 -62.70 42.71 -20.25
CA PHE F 72 -62.39 41.79 -21.34
C PHE F 72 -63.53 40.79 -21.55
N LYS F 73 -64.26 40.95 -22.66
CA LYS F 73 -65.39 40.07 -22.95
C LYS F 73 -64.91 38.65 -23.26
N VAL F 74 -64.73 37.84 -22.22
CA VAL F 74 -64.19 36.50 -22.37
C VAL F 74 -65.01 35.49 -21.57
N PRO F 75 -65.41 34.38 -22.21
CA PRO F 75 -66.09 33.25 -21.56
C PRO F 75 -65.27 32.62 -20.46
N TYR F 76 -65.94 32.08 -19.44
CA TYR F 76 -65.26 31.49 -18.29
C TYR F 76 -64.55 30.18 -18.62
N SER F 77 -65.15 29.39 -19.51
CA SER F 77 -64.58 28.10 -19.86
C SER F 77 -63.26 28.25 -20.60
N GLU F 78 -63.13 29.33 -21.37
CA GLU F 78 -61.93 29.58 -22.16
C GLU F 78 -60.88 30.33 -21.35
N LEU F 79 -61.28 30.82 -20.18
CA LEU F 79 -60.41 31.65 -19.36
C LEU F 79 -59.29 30.86 -18.68
N GLY F 80 -59.52 29.58 -18.43
CA GLY F 80 -58.54 28.74 -17.76
C GLY F 80 -57.23 28.55 -18.49
N GLY F 81 -57.23 28.74 -19.80
CA GLY F 81 -56.04 28.58 -20.62
C GLY F 81 -55.33 29.88 -20.95
N LYS F 82 -55.77 30.96 -20.31
CA LYS F 82 -55.19 32.28 -20.56
C LYS F 82 -54.35 32.78 -19.39
N THR F 83 -53.68 33.90 -19.58
CA THR F 83 -52.83 34.48 -18.54
C THR F 83 -52.82 36.00 -18.61
N LEU F 84 -53.20 36.64 -17.51
CA LEU F 84 -53.27 38.10 -17.47
C LEU F 84 -51.89 38.72 -17.30
N VAL F 85 -51.54 39.65 -18.18
CA VAL F 85 -50.24 40.30 -18.11
C VAL F 85 -50.40 41.78 -17.79
N MET F 86 -49.76 42.20 -16.71
CA MET F 86 -49.78 43.60 -16.31
C MET F 86 -48.37 44.17 -16.40
N ALA F 87 -48.20 45.19 -17.22
CA ALA F 87 -46.89 45.79 -17.46
C ALA F 87 -46.89 47.27 -17.13
N VAL F 88 -46.01 47.67 -16.24
CA VAL F 88 -45.91 49.08 -15.85
C VAL F 88 -44.83 49.75 -16.68
N TYR F 89 -45.22 50.81 -17.38
CA TYR F 89 -44.34 51.53 -18.29
C TYR F 89 -44.00 52.94 -17.80
N ASP F 90 -42.89 53.47 -18.27
CA ASP F 90 -42.48 54.84 -18.00
C ASP F 90 -42.67 55.73 -19.21
N PHE F 91 -43.43 56.80 -19.05
CA PHE F 91 -43.71 57.71 -20.16
C PHE F 91 -42.49 58.55 -20.52
N ASP F 92 -42.14 58.55 -21.80
CA ASP F 92 -41.05 59.36 -22.32
C ASP F 92 -41.48 60.04 -23.61
N ARG F 93 -41.31 61.36 -23.66
CA ARG F 93 -41.80 62.13 -24.81
C ARG F 93 -40.95 61.97 -26.07
N PHE F 94 -39.63 62.00 -25.92
CA PHE F 94 -38.77 62.02 -27.10
C PHE F 94 -38.06 60.67 -27.28
N SER F 95 -38.44 59.71 -26.46
CA SER F 95 -37.83 58.38 -26.53
C SER F 95 -38.89 57.29 -26.52
N LYS F 96 -38.46 56.06 -26.78
CA LYS F 96 -39.34 54.91 -26.66
C LYS F 96 -39.65 54.68 -25.19
N HIS F 97 -40.91 54.45 -24.88
CA HIS F 97 -41.36 54.33 -23.49
C HIS F 97 -40.82 53.07 -22.84
N ASP F 98 -39.78 53.23 -22.03
CA ASP F 98 -39.20 52.09 -21.32
C ASP F 98 -40.18 51.54 -20.29
N ILE F 99 -40.26 50.22 -20.21
CA ILE F 99 -41.14 49.54 -19.28
C ILE F 99 -40.50 49.47 -17.90
N ILE F 100 -41.26 49.88 -16.88
CA ILE F 100 -40.76 49.83 -15.51
C ILE F 100 -40.63 48.39 -15.08
N GLY F 101 -41.72 47.63 -15.22
CA GLY F 101 -41.71 46.23 -14.83
C GLY F 101 -43.05 45.55 -14.95
N GLU F 102 -43.03 44.29 -15.36
CA GLU F 102 -44.27 43.56 -15.61
C GLU F 102 -44.35 42.29 -14.81
N PHE F 103 -45.55 41.75 -14.69
CA PHE F 103 -45.75 40.42 -14.12
C PHE F 103 -47.02 39.80 -14.68
N LYS F 104 -47.09 38.47 -14.59
CA LYS F 104 -48.19 37.71 -15.19
C LYS F 104 -48.87 36.82 -14.16
N VAL F 105 -50.19 36.78 -14.22
CA VAL F 105 -50.99 35.93 -13.33
C VAL F 105 -51.76 34.90 -14.15
N PRO F 106 -51.51 33.61 -13.88
CA PRO F 106 -52.22 32.47 -14.47
C PRO F 106 -53.69 32.45 -14.03
N MET F 107 -54.60 32.35 -14.99
CA MET F 107 -56.02 32.44 -14.70
C MET F 107 -56.56 31.17 -14.05
N ASN F 108 -55.79 30.08 -14.15
CA ASN F 108 -56.17 28.81 -13.54
C ASN F 108 -55.80 28.76 -12.06
N THR F 109 -55.27 29.88 -11.56
CA THR F 109 -54.88 29.99 -10.15
C THR F 109 -55.76 30.99 -9.40
N VAL F 110 -56.64 31.67 -10.14
CA VAL F 110 -57.46 32.74 -9.58
C VAL F 110 -58.78 32.22 -9.00
N ASP F 111 -59.08 32.63 -7.77
CA ASP F 111 -60.36 32.35 -7.15
C ASP F 111 -61.37 33.42 -7.57
N PHE F 112 -62.14 33.12 -8.61
CA PHE F 112 -63.10 34.07 -9.16
C PHE F 112 -64.35 34.25 -8.30
N GLY F 113 -64.50 33.43 -7.26
CA GLY F 113 -65.65 33.53 -6.40
C GLY F 113 -65.77 34.82 -5.62
N HIS F 114 -64.66 35.26 -5.04
CA HIS F 114 -64.62 36.53 -4.32
C HIS F 114 -63.77 37.56 -5.07
N VAL F 115 -64.10 38.84 -4.89
CA VAL F 115 -63.33 39.91 -5.53
C VAL F 115 -61.90 39.87 -5.00
N THR F 116 -60.95 39.74 -5.91
CA THR F 116 -59.55 39.58 -5.56
C THR F 116 -58.83 40.93 -5.57
N GLU F 117 -57.93 41.12 -4.61
CA GLU F 117 -57.12 42.33 -4.53
C GLU F 117 -55.81 41.99 -3.85
N GLU F 118 -54.70 42.24 -4.54
CA GLU F 118 -53.41 41.79 -4.02
C GLU F 118 -52.24 42.69 -4.41
N TRP F 119 -51.21 42.71 -3.56
CA TRP F 119 -49.94 43.34 -3.90
C TRP F 119 -49.02 42.32 -4.55
N ARG F 120 -48.41 42.68 -5.68
CA ARG F 120 -47.50 41.78 -6.36
C ARG F 120 -46.23 42.50 -6.81
N ASP F 121 -45.09 41.97 -6.41
CA ASP F 121 -43.80 42.54 -6.78
C ASP F 121 -43.54 42.38 -8.28
N LEU F 122 -43.14 43.46 -8.92
CA LEU F 122 -42.89 43.46 -10.36
C LEU F 122 -41.67 42.64 -10.74
N GLN F 123 -41.72 42.03 -11.91
CA GLN F 123 -40.66 41.17 -12.40
C GLN F 123 -39.94 41.84 -13.57
N SER F 124 -38.69 41.48 -13.78
CA SER F 124 -37.90 42.09 -14.85
C SER F 124 -38.39 41.62 -16.21
N ALA F 125 -39.05 42.55 -16.90
CA ALA F 125 -39.81 42.27 -18.11
C ALA F 125 -39.00 41.77 -19.31
N GLU F 126 -38.08 42.57 -19.80
CA GLU F 126 -37.33 42.22 -21.00
C GLU F 126 -35.99 41.53 -20.75
N LYS F 127 -35.65 40.63 -21.67
CA LYS F 127 -34.39 39.91 -21.65
C LYS F 127 -33.59 40.30 -22.88
N GLU F 128 -32.35 40.74 -22.67
CA GLU F 128 -31.50 41.15 -23.78
C GLU F 128 -30.74 39.95 -24.32
N GLU F 129 -29.75 39.48 -23.57
CA GLU F 129 -28.96 38.33 -23.96
C GLU F 129 -29.81 37.07 -24.00
N GLN F 130 -29.38 36.09 -24.79
CA GLN F 130 -30.10 34.82 -24.91
C GLN F 130 -29.77 33.89 -23.75
N LEU F 133 -27.51 32.41 -20.63
CA LEU F 133 -28.07 31.14 -20.19
C LEU F 133 -27.12 30.43 -19.24
N GLY F 134 -25.84 30.41 -19.58
CA GLY F 134 -24.84 29.78 -18.75
C GLY F 134 -23.84 28.94 -19.54
N ASP F 135 -22.80 28.48 -18.87
CA ASP F 135 -21.78 27.66 -19.52
C ASP F 135 -21.68 26.29 -18.84
N ILE F 136 -21.30 25.26 -19.60
CA ILE F 136 -21.16 23.92 -19.04
C ILE F 136 -19.95 23.20 -19.64
N CYS F 137 -19.06 22.71 -18.78
CA CYS F 137 -17.88 21.97 -19.22
C CYS F 137 -18.04 20.48 -18.97
N PHE F 138 -17.70 19.69 -19.99
CA PHE F 138 -17.73 18.23 -19.88
C PHE F 138 -16.69 17.59 -20.79
N SER F 139 -16.46 16.30 -20.60
CA SER F 139 -15.46 15.57 -21.38
C SER F 139 -16.13 14.54 -22.30
N LEU F 140 -15.52 14.31 -23.45
CA LEU F 140 -16.01 13.31 -24.39
C LEU F 140 -14.95 12.26 -24.68
N ARG F 141 -15.32 11.00 -24.49
CA ARG F 141 -14.41 9.89 -24.73
C ARG F 141 -15.12 8.77 -25.49
N TYR F 142 -14.54 8.38 -26.63
CA TYR F 142 -15.14 7.36 -27.47
C TYR F 142 -14.13 6.29 -27.87
N VAL F 143 -14.50 5.03 -27.68
CA VAL F 143 -13.66 3.91 -28.08
C VAL F 143 -14.39 3.05 -29.10
N PRO F 144 -14.00 3.15 -30.37
CA PRO F 144 -14.63 2.38 -31.46
C PRO F 144 -14.55 0.88 -31.21
N THR F 145 -13.49 0.45 -30.53
CA THR F 145 -13.29 -0.95 -30.21
C THR F 145 -14.44 -1.49 -29.34
N ALA F 146 -14.74 -0.77 -28.26
CA ALA F 146 -15.80 -1.21 -27.34
C ALA F 146 -17.14 -0.58 -27.71
N GLY F 147 -17.09 0.47 -28.53
CA GLY F 147 -18.29 1.17 -28.91
C GLY F 147 -18.90 1.92 -27.75
N LYS F 148 -18.04 2.32 -26.80
CA LYS F 148 -18.48 3.05 -25.63
C LYS F 148 -18.26 4.54 -25.76
N LEU F 149 -19.31 5.31 -25.47
CA LEU F 149 -19.20 6.75 -25.44
C LEU F 149 -19.19 7.20 -23.99
N THR F 150 -18.04 7.66 -23.53
CA THR F 150 -17.88 8.07 -22.14
C THR F 150 -18.05 9.57 -22.00
N VAL F 151 -19.19 9.97 -21.45
CA VAL F 151 -19.49 11.37 -21.22
C VAL F 151 -19.42 11.67 -19.73
N VAL F 152 -18.36 12.36 -19.33
CA VAL F 152 -18.16 12.70 -17.93
C VAL F 152 -18.52 14.15 -17.69
N ILE F 153 -19.70 14.38 -17.11
CA ILE F 153 -20.14 15.72 -16.75
C ILE F 153 -19.20 16.29 -15.70
N LEU F 154 -18.42 17.29 -16.09
CA LEU F 154 -17.44 17.88 -15.19
C LEU F 154 -18.10 18.96 -14.33
N GLU F 155 -18.50 20.08 -14.94
CA GLU F 155 -19.07 21.16 -14.15
C GLU F 155 -19.86 22.17 -14.99
N ALA F 156 -20.31 23.23 -14.33
CA ALA F 156 -21.04 24.31 -14.99
C ALA F 156 -20.76 25.63 -14.28
N LYS F 157 -21.12 26.74 -14.92
CA LYS F 157 -20.93 28.06 -14.33
C LYS F 157 -21.89 29.10 -14.90
N ASN F 158 -22.22 30.09 -14.07
CA ASN F 158 -23.04 31.23 -14.45
C ASN F 158 -24.42 30.88 -14.99
N LEU F 159 -25.08 29.89 -14.39
CA LEU F 159 -26.44 29.55 -14.79
C LEU F 159 -27.38 30.55 -14.15
N LYS F 160 -28.46 30.89 -14.86
CA LYS F 160 -29.40 31.90 -14.36
C LYS F 160 -30.24 31.40 -13.19
N LYS F 161 -30.55 32.30 -12.28
CA LYS F 161 -31.37 31.99 -11.11
C LYS F 161 -32.84 31.72 -11.45
N MET F 162 -33.38 30.66 -10.87
CA MET F 162 -34.79 30.31 -11.06
C MET F 162 -35.53 30.49 -9.74
N ASP F 163 -36.85 30.65 -9.81
CA ASP F 163 -37.70 30.81 -8.63
C ASP F 163 -37.30 32.05 -7.83
N GLY F 166 -35.68 31.24 -3.23
CA GLY F 166 -34.40 30.56 -3.35
C GLY F 166 -33.64 30.93 -4.62
N LEU F 167 -32.38 30.53 -4.69
CA LEU F 167 -31.53 30.84 -5.83
C LEU F 167 -31.80 29.87 -6.98
N SER F 168 -31.43 28.61 -6.80
CA SER F 168 -31.65 27.59 -7.84
C SER F 168 -31.42 26.18 -7.30
N ASP F 169 -31.96 25.19 -8.01
CA ASP F 169 -31.69 23.79 -7.73
C ASP F 169 -31.30 23.07 -9.01
N PRO F 170 -30.08 23.33 -9.51
CA PRO F 170 -29.65 22.86 -10.83
C PRO F 170 -29.31 21.37 -10.91
N TYR F 171 -29.67 20.75 -12.03
CA TYR F 171 -29.26 19.39 -12.35
C TYR F 171 -29.08 19.21 -13.86
N VAL F 172 -28.34 18.16 -14.22
CA VAL F 172 -27.97 17.90 -15.61
C VAL F 172 -28.50 16.56 -16.11
N LYS F 173 -29.19 16.59 -17.25
CA LYS F 173 -29.72 15.38 -17.88
C LYS F 173 -29.05 15.13 -19.22
N ILE F 174 -28.61 13.90 -19.44
CA ILE F 174 -27.96 13.52 -20.69
C ILE F 174 -28.91 12.67 -21.53
N HIS F 175 -29.26 13.19 -22.69
CA HIS F 175 -30.12 12.49 -23.64
C HIS F 175 -29.31 11.96 -24.81
N LEU F 176 -29.41 10.67 -25.08
CA LEU F 176 -28.76 10.09 -26.24
C LEU F 176 -29.79 9.91 -27.34
N MET F 177 -29.64 10.69 -28.41
CA MET F 177 -30.64 10.75 -29.46
C MET F 177 -30.10 10.23 -30.79
N GLN F 178 -31.01 9.83 -31.66
CA GLN F 178 -30.65 9.38 -32.99
C GLN F 178 -31.90 9.45 -33.88
N ASN F 179 -31.75 10.06 -35.05
CA ASN F 179 -32.86 10.27 -35.98
C ASN F 179 -34.01 11.04 -35.31
N GLY F 180 -33.64 11.95 -34.40
CA GLY F 180 -34.62 12.74 -33.69
C GLY F 180 -35.34 12.01 -32.58
N LYS F 181 -34.92 10.77 -32.32
CA LYS F 181 -35.53 9.94 -31.29
C LYS F 181 -34.65 9.80 -30.06
N ARG F 182 -35.25 10.02 -28.89
CA ARG F 182 -34.54 9.88 -27.62
C ARG F 182 -34.48 8.41 -27.19
N LEU F 183 -33.28 7.86 -27.13
CA LEU F 183 -33.09 6.45 -26.83
C LEU F 183 -32.80 6.22 -25.35
N LYS F 184 -31.84 6.97 -24.81
CA LYS F 184 -31.47 6.84 -23.40
C LYS F 184 -31.60 8.16 -22.65
N LYS F 185 -32.18 8.09 -21.45
CA LYS F 185 -32.35 9.26 -20.61
C LYS F 185 -31.63 9.10 -19.27
N LYS F 186 -30.48 9.75 -19.14
CA LYS F 186 -29.70 9.69 -17.91
C LYS F 186 -29.65 11.07 -17.24
N LYS F 187 -29.66 11.07 -15.91
CA LYS F 187 -29.68 12.32 -15.16
C LYS F 187 -28.66 12.33 -14.01
N THR F 188 -28.19 13.52 -13.65
CA THR F 188 -27.21 13.68 -12.59
C THR F 188 -27.85 14.06 -11.25
N THR F 189 -27.01 14.22 -10.23
CA THR F 189 -27.44 14.65 -8.92
C THR F 189 -27.78 16.15 -8.88
N ILE F 190 -28.54 16.56 -7.87
CA ILE F 190 -28.89 17.96 -7.68
C ILE F 190 -27.98 18.61 -6.64
N LYS F 191 -27.26 19.65 -7.05
CA LYS F 191 -26.48 20.46 -6.12
C LYS F 191 -27.33 21.65 -5.68
N LYS F 192 -27.74 21.65 -4.42
CA LYS F 192 -28.71 22.62 -3.94
C LYS F 192 -28.13 24.01 -3.73
N ASN F 193 -28.88 25.01 -4.15
CA ASN F 193 -28.54 26.42 -3.94
C ASN F 193 -27.17 26.77 -4.48
N THR F 194 -27.03 26.80 -5.81
CA THR F 194 -25.77 27.16 -6.45
C THR F 194 -25.95 27.57 -7.91
N LEU F 195 -25.14 28.51 -8.36
CA LEU F 195 -25.15 28.93 -9.76
C LEU F 195 -23.90 28.42 -10.46
N ASN F 196 -23.03 27.75 -9.70
CA ASN F 196 -21.81 27.16 -10.23
C ASN F 196 -21.54 25.77 -9.66
N PRO F 197 -22.35 24.78 -10.05
CA PRO F 197 -22.30 23.42 -9.49
C PRO F 197 -21.12 22.59 -9.98
N TYR F 198 -20.66 21.66 -9.15
CA TYR F 198 -19.59 20.74 -9.51
C TYR F 198 -20.07 19.30 -9.38
N TYR F 199 -19.87 18.50 -10.42
CA TYR F 199 -20.36 17.13 -10.43
C TYR F 199 -19.26 16.08 -10.53
N ASN F 200 -18.55 16.08 -11.65
CA ASN F 200 -17.58 15.03 -11.99
C ASN F 200 -18.27 13.66 -11.96
N GLU F 201 -19.31 13.52 -12.76
CA GLU F 201 -20.05 12.26 -12.83
C GLU F 201 -19.84 11.60 -14.20
N SER F 202 -19.42 10.33 -14.17
CA SER F 202 -19.13 9.62 -15.40
C SER F 202 -20.34 8.86 -15.93
N PHE F 203 -20.55 8.97 -17.25
CA PHE F 203 -21.60 8.22 -17.92
C PHE F 203 -21.00 7.44 -19.09
N SER F 204 -21.63 6.32 -19.43
CA SER F 204 -21.18 5.53 -20.56
C SER F 204 -22.37 5.11 -21.41
N PHE F 205 -22.17 5.05 -22.72
CA PHE F 205 -23.25 4.69 -23.63
C PHE F 205 -22.78 3.68 -24.68
N GLU F 206 -23.74 2.97 -25.27
CA GLU F 206 -23.46 2.02 -26.33
C GLU F 206 -23.61 2.70 -27.69
N VAL F 207 -22.47 2.98 -28.32
CA VAL F 207 -22.48 3.64 -29.62
C VAL F 207 -21.64 2.84 -30.61
N PRO F 208 -22.30 2.05 -31.47
CA PRO F 208 -21.64 1.32 -32.56
C PRO F 208 -20.86 2.24 -33.48
N PHE F 209 -19.74 1.74 -34.00
CA PHE F 209 -18.88 2.54 -34.87
C PHE F 209 -19.53 2.80 -36.22
N GLU F 210 -20.70 2.18 -36.45
CA GLU F 210 -21.44 2.36 -37.68
C GLU F 210 -22.36 3.58 -37.60
N GLN F 211 -22.69 4.00 -36.39
CA GLN F 211 -23.64 5.08 -36.20
C GLN F 211 -23.08 6.26 -35.43
N ILE F 212 -21.77 6.23 -35.16
CA ILE F 212 -21.13 7.27 -34.36
C ILE F 212 -21.26 8.63 -35.04
N GLN F 213 -21.32 8.62 -36.37
CA GLN F 213 -21.45 9.85 -37.14
C GLN F 213 -22.92 10.12 -37.46
N LYS F 214 -23.79 9.28 -36.89
CA LYS F 214 -25.23 9.39 -37.14
C LYS F 214 -26.00 9.52 -35.83
N VAL F 215 -25.30 9.86 -34.76
CA VAL F 215 -25.91 10.02 -33.44
C VAL F 215 -25.80 11.45 -32.94
N GLN F 216 -26.80 11.88 -32.19
CA GLN F 216 -26.79 13.21 -31.61
C GLN F 216 -26.81 13.08 -30.09
N VAL F 217 -25.92 13.78 -29.39
CA VAL F 217 -25.91 13.74 -27.94
C VAL F 217 -26.37 15.09 -27.39
N VAL F 218 -27.50 15.10 -26.69
CA VAL F 218 -28.06 16.35 -26.18
C VAL F 218 -27.93 16.44 -24.66
N VAL F 219 -27.14 17.39 -24.18
CA VAL F 219 -27.00 17.60 -22.74
C VAL F 219 -27.83 18.82 -22.33
N THR F 220 -28.73 18.61 -21.38
CA THR F 220 -29.63 19.67 -20.95
C THR F 220 -29.54 19.96 -19.46
N VAL F 221 -29.28 21.22 -19.10
CA VAL F 221 -29.24 21.63 -17.70
C VAL F 221 -30.56 22.30 -17.31
N LEU F 222 -31.26 21.70 -16.34
CA LEU F 222 -32.53 22.25 -15.89
C LEU F 222 -32.51 22.59 -14.40
N ASP F 223 -33.51 23.36 -13.96
CA ASP F 223 -33.65 23.69 -12.54
C ASP F 223 -34.90 23.02 -11.97
N TYR F 224 -34.77 22.38 -10.82
CA TYR F 224 -35.89 21.67 -10.21
C TYR F 224 -36.84 22.62 -9.50
N ASP F 225 -38.11 22.57 -9.89
CA ASP F 225 -39.16 23.32 -9.21
C ASP F 225 -40.05 22.36 -8.43
N LYS F 226 -40.32 22.70 -7.16
CA LYS F 226 -41.12 21.86 -6.28
C LYS F 226 -42.52 21.62 -6.85
N ILE F 227 -43.12 22.66 -7.40
CA ILE F 227 -44.45 22.56 -7.99
C ILE F 227 -44.40 23.00 -9.45
N GLY F 228 -44.94 22.16 -10.34
CA GLY F 228 -44.97 22.48 -11.76
C GLY F 228 -43.84 21.85 -12.54
N LYS F 229 -43.90 22.00 -13.87
CA LYS F 229 -42.87 21.48 -14.76
C LYS F 229 -41.53 22.14 -14.47
N ASN F 230 -40.48 21.34 -14.34
CA ASN F 230 -39.16 21.85 -14.00
C ASN F 230 -38.57 22.66 -15.15
N ASP F 231 -38.30 23.93 -14.89
CA ASP F 231 -37.80 24.84 -15.91
C ASP F 231 -36.41 24.45 -16.41
N ALA F 232 -36.18 24.64 -17.70
CA ALA F 232 -34.89 24.36 -18.30
C ALA F 232 -34.01 25.60 -18.25
N ILE F 233 -32.77 25.42 -17.79
CA ILE F 233 -31.81 26.52 -17.71
C ILE F 233 -31.16 26.72 -19.08
N GLY F 234 -30.70 25.62 -19.67
CA GLY F 234 -30.07 25.67 -20.98
C GLY F 234 -29.85 24.28 -21.54
N LYS F 235 -29.36 24.20 -22.77
CA LYS F 235 -29.07 22.91 -23.39
C LYS F 235 -28.16 23.04 -24.62
N VAL F 236 -27.31 22.04 -24.81
CA VAL F 236 -26.41 22.00 -25.98
C VAL F 236 -26.46 20.61 -26.60
N PHE F 237 -26.04 20.49 -27.86
CA PHE F 237 -26.03 19.19 -28.52
C PHE F 237 -24.81 19.03 -29.42
N VAL F 238 -24.23 17.83 -29.39
CA VAL F 238 -23.06 17.50 -30.20
C VAL F 238 -23.37 16.32 -31.11
N GLY F 239 -22.54 16.12 -32.14
CA GLY F 239 -22.70 15.00 -33.03
C GLY F 239 -23.12 15.34 -34.45
N TYR F 240 -24.14 14.65 -34.93
CA TYR F 240 -24.67 14.93 -36.26
C TYR F 240 -25.46 16.24 -36.22
N ASN F 241 -25.32 17.03 -37.29
CA ASN F 241 -25.98 18.34 -37.39
C ASN F 241 -25.55 19.30 -36.27
N SER F 242 -24.42 18.99 -35.63
CA SER F 242 -23.91 19.83 -34.55
C SER F 242 -23.18 21.05 -35.10
N THR F 243 -23.18 22.13 -34.32
CA THR F 243 -22.61 23.39 -34.78
C THR F 243 -21.58 23.98 -33.81
N GLY F 244 -20.65 24.75 -34.38
CA GLY F 244 -19.66 25.48 -33.62
C GLY F 244 -18.75 24.66 -32.70
N ALA F 245 -18.64 25.11 -31.46
CA ALA F 245 -17.76 24.46 -30.47
C ALA F 245 -18.21 23.03 -30.21
N GLU F 246 -19.49 22.76 -30.45
CA GLU F 246 -20.04 21.43 -30.28
C GLU F 246 -19.46 20.49 -31.32
N LEU F 247 -19.56 20.89 -32.59
CA LEU F 247 -18.98 20.11 -33.68
C LEU F 247 -17.46 20.02 -33.55
N ARG F 248 -16.85 21.07 -33.00
CA ARG F 248 -15.41 21.08 -32.76
C ARG F 248 -15.03 20.00 -31.75
N HIS F 249 -15.73 19.98 -30.63
CA HIS F 249 -15.46 19.04 -29.56
C HIS F 249 -15.75 17.61 -30.03
N TRP F 250 -16.82 17.46 -30.80
CA TRP F 250 -17.18 16.16 -31.35
C TRP F 250 -16.10 15.63 -32.31
N SER F 251 -15.65 16.48 -33.21
CA SER F 251 -14.63 16.09 -34.18
C SER F 251 -13.29 15.77 -33.48
N ASP F 252 -13.01 16.51 -32.42
CA ASP F 252 -11.81 16.26 -31.63
C ASP F 252 -11.92 14.91 -30.92
N MET F 253 -13.11 14.61 -30.41
CA MET F 253 -13.38 13.33 -29.76
C MET F 253 -13.21 12.18 -30.74
N LEU F 254 -13.69 12.38 -31.97
CA LEU F 254 -13.60 11.35 -33.00
C LEU F 254 -12.15 11.14 -33.43
N ALA F 255 -11.39 12.23 -33.49
CA ALA F 255 -10.00 12.14 -33.90
C ALA F 255 -9.13 11.57 -32.77
N ASN F 256 -9.63 11.68 -31.55
CA ASN F 256 -8.91 11.14 -30.40
C ASN F 256 -9.70 10.04 -29.70
N PRO F 257 -9.50 8.79 -30.14
CA PRO F 257 -10.15 7.63 -29.52
C PRO F 257 -9.41 7.17 -28.26
N ARG F 258 -10.13 6.52 -27.35
CA ARG F 258 -9.56 6.05 -26.08
C ARG F 258 -8.98 7.20 -25.26
N ARG F 259 -9.35 8.43 -25.61
CA ARG F 259 -8.86 9.60 -24.92
C ARG F 259 -10.01 10.56 -24.64
N PRO F 260 -10.09 11.08 -23.41
CA PRO F 260 -11.12 12.05 -23.04
C PRO F 260 -10.76 13.48 -23.43
N ILE F 261 -11.71 14.22 -23.97
CA ILE F 261 -11.47 15.60 -24.38
C ILE F 261 -12.41 16.51 -23.60
N ALA F 262 -11.85 17.32 -22.70
CA ALA F 262 -12.65 18.22 -21.90
C ALA F 262 -12.84 19.56 -22.61
N GLN F 263 -14.06 20.10 -22.55
CA GLN F 263 -14.35 21.37 -23.19
C GLN F 263 -15.59 22.05 -22.61
N TRP F 264 -15.61 23.39 -22.70
CA TRP F 264 -16.76 24.19 -22.30
C TRP F 264 -17.73 24.39 -23.47
N HIS F 265 -18.98 24.63 -23.13
CA HIS F 265 -20.00 24.92 -24.15
C HIS F 265 -21.02 25.91 -23.59
N THR F 266 -21.36 26.91 -24.40
CA THR F 266 -22.33 27.92 -24.01
C THR F 266 -23.76 27.41 -24.19
N LEU F 267 -24.54 27.45 -23.12
CA LEU F 267 -25.92 26.99 -23.17
C LEU F 267 -26.73 27.83 -24.15
N GLN F 268 -27.66 27.19 -24.84
CA GLN F 268 -28.50 27.86 -25.81
C GLN F 268 -29.97 27.70 -25.44
N VAL F 269 -30.81 28.58 -25.96
CA VAL F 269 -32.24 28.56 -25.65
C VAL F 269 -32.84 27.22 -26.08
N GLU F 270 -33.78 26.73 -25.28
CA GLU F 270 -34.40 25.43 -25.51
C GLU F 270 -35.08 25.37 -26.88
N GLU F 271 -35.67 26.49 -27.29
CA GLU F 271 -36.39 26.58 -28.55
C GLU F 271 -35.50 26.28 -29.76
N GLU F 272 -34.39 26.98 -29.87
CA GLU F 272 -33.49 26.83 -31.01
C GLU F 272 -32.84 25.44 -31.04
N VAL F 273 -32.48 24.94 -29.86
CA VAL F 273 -31.84 23.63 -29.77
C VAL F 273 -32.82 22.53 -30.17
N ASP F 274 -34.05 22.61 -29.66
CA ASP F 274 -35.09 21.65 -30.01
C ASP F 274 -35.44 21.74 -31.49
N ALA F 275 -35.33 22.94 -32.06
CA ALA F 275 -35.63 23.15 -33.47
C ALA F 275 -34.54 22.56 -34.37
N MET F 276 -33.29 22.67 -33.92
CA MET F 276 -32.15 22.20 -34.70
C MET F 276 -32.03 20.67 -34.69
N LEU F 277 -32.76 20.02 -33.80
CA LEU F 277 -32.74 18.56 -33.73
C LEU F 277 -33.75 17.93 -34.68
N ALA F 278 -33.85 18.49 -35.88
CA ALA F 278 -34.80 18.00 -36.88
C ALA F 278 -34.18 16.88 -37.71
N VAL F 279 -35.03 15.98 -38.20
N GLY G 1 46.38 3.94 60.44
CA GLY G 1 45.92 4.55 61.68
C GLY G 1 44.41 4.63 61.79
N SER G 2 43.93 4.92 62.99
CA SER G 2 42.49 5.06 63.23
C SER G 2 42.02 6.47 62.86
N ASN G 3 42.73 7.46 63.39
CA ASN G 3 42.41 8.85 63.07
C ASN G 3 42.72 9.11 61.61
N ARG G 4 43.76 8.43 61.11
CA ARG G 4 44.13 8.52 59.70
C ARG G 4 43.01 7.94 58.84
N ARG G 5 42.39 6.87 59.33
CA ARG G 5 41.24 6.26 58.67
C ARG G 5 40.07 7.23 58.65
N LEU G 6 39.85 7.92 59.77
CA LEU G 6 38.77 8.89 59.87
C LEU G 6 38.95 10.03 58.87
N GLN G 7 40.15 10.60 58.84
CA GLN G 7 40.48 11.70 57.94
C GLN G 7 40.39 11.28 56.47
N GLN G 8 40.92 10.10 56.18
CA GLN G 8 40.86 9.53 54.83
C GLN G 8 39.41 9.39 54.38
N THR G 9 38.59 8.83 55.26
CA THR G 9 37.17 8.65 54.98
C THR G 9 36.51 10.00 54.71
N GLN G 10 36.88 11.01 55.50
CA GLN G 10 36.40 12.37 55.27
C GLN G 10 36.74 12.86 53.86
N ALA G 11 37.99 12.64 53.46
CA ALA G 11 38.45 13.05 52.13
C ALA G 11 37.63 12.38 51.04
N GLN G 12 37.43 11.07 51.18
CA GLN G 12 36.62 10.31 50.23
C GLN G 12 35.20 10.88 50.15
N VAL G 13 34.62 11.16 51.31
CA VAL G 13 33.28 11.73 51.39
C VAL G 13 33.19 13.02 50.60
N ASP G 14 34.09 13.97 50.89
CA ASP G 14 34.10 15.25 50.18
C ASP G 14 34.30 15.06 48.68
N GLU G 15 35.12 14.09 48.30
CA GLU G 15 35.36 13.77 46.90
C GLU G 15 34.05 13.37 46.21
N VAL G 16 33.32 12.45 46.83
CA VAL G 16 32.05 11.99 46.28
C VAL G 16 31.04 13.14 46.25
N VAL G 17 31.15 14.06 47.21
CA VAL G 17 30.28 15.24 47.24
C VAL G 17 30.52 16.09 45.99
N ASP G 18 31.79 16.35 45.69
CA ASP G 18 32.15 17.13 44.51
C ASP G 18 31.68 16.46 43.23
N ILE G 19 32.05 15.19 43.06
CA ILE G 19 31.68 14.42 41.87
C ILE G 19 30.16 14.44 41.67
N MET G 20 29.42 14.16 42.73
CA MET G 20 27.96 14.13 42.65
C MET G 20 27.39 15.51 42.35
N ARG G 21 28.05 16.57 42.83
CA ARG G 21 27.65 17.94 42.51
C ARG G 21 27.76 18.17 41.00
N VAL G 22 28.91 17.82 40.45
CA VAL G 22 29.15 17.91 39.01
C VAL G 22 28.07 17.14 38.26
N ASN G 23 27.76 15.95 38.75
CA ASN G 23 26.71 15.12 38.17
C ASN G 23 25.34 15.80 38.23
N VAL G 24 25.10 16.56 39.30
CA VAL G 24 23.84 17.28 39.45
C VAL G 24 23.74 18.37 38.38
N ASP G 25 24.85 19.08 38.14
CA ASP G 25 24.85 20.08 37.08
C ASP G 25 24.63 19.41 35.72
N LYS G 26 25.23 18.24 35.54
CA LYS G 26 25.09 17.49 34.29
C LYS G 26 23.66 17.00 34.05
N VAL G 27 22.96 16.58 35.10
CA VAL G 27 21.57 16.15 34.96
C VAL G 27 20.68 17.37 34.80
N LEU G 28 21.13 18.53 35.28
CA LEU G 28 20.39 19.77 35.03
C LEU G 28 20.43 20.08 33.54
N GLU G 29 21.63 20.03 32.96
CA GLU G 29 21.78 20.19 31.52
C GLU G 29 20.95 19.16 30.75
N ARG G 30 21.04 17.91 31.20
CA ARG G 30 20.27 16.82 30.61
C ARG G 30 18.78 17.10 30.63
N ASP G 31 18.31 17.71 31.71
CA ASP G 31 16.90 18.02 31.89
C ASP G 31 16.48 19.13 30.92
N GLN G 32 17.33 20.15 30.77
CA GLN G 32 17.09 21.20 29.81
C GLN G 32 16.97 20.63 28.39
N LYS G 33 17.96 19.84 28.01
CA LYS G 33 17.99 19.22 26.68
C LYS G 33 16.79 18.32 26.45
N LEU G 34 16.34 17.65 27.51
CA LEU G 34 15.17 16.77 27.42
C LEU G 34 13.88 17.56 27.25
N SER G 35 13.82 18.72 27.89
CA SER G 35 12.67 19.61 27.72
C SER G 35 12.59 20.11 26.28
N GLU G 36 13.71 20.66 25.80
CA GLU G 36 13.80 21.16 24.43
C GLU G 36 13.47 20.07 23.42
N LEU G 37 14.00 18.87 23.67
CA LEU G 37 13.76 17.72 22.80
C LEU G 37 12.30 17.29 22.86
N ASP G 38 11.66 17.50 24.01
CA ASP G 38 10.25 17.17 24.17
C ASP G 38 9.39 18.08 23.31
N ASP G 39 9.63 19.37 23.42
CA ASP G 39 8.91 20.36 22.61
C ASP G 39 9.13 20.10 21.12
N ARG G 40 10.39 19.85 20.76
CA ARG G 40 10.74 19.54 19.37
C ARG G 40 10.03 18.29 18.88
N ALA G 41 9.88 17.31 19.77
CA ALA G 41 9.22 16.05 19.44
C ALA G 41 7.73 16.27 19.18
N ASP G 42 7.08 17.03 20.07
CA ASP G 42 5.66 17.31 19.91
C ASP G 42 5.40 18.08 18.61
N ALA G 43 6.22 19.10 18.36
CA ALA G 43 6.12 19.88 17.11
C ALA G 43 6.34 18.97 15.91
N LEU G 44 7.25 18.01 16.05
CA LEU G 44 7.56 17.08 14.96
C LEU G 44 6.38 16.16 14.64
N GLN G 45 5.73 15.65 15.69
CA GLN G 45 4.58 14.76 15.48
C GLN G 45 3.39 15.56 14.96
N ALA G 46 3.35 16.85 15.29
CA ALA G 46 2.32 17.74 14.75
C ALA G 46 2.49 17.89 13.25
N GLY G 47 3.70 18.28 12.84
CA GLY G 47 4.01 18.43 11.43
C GLY G 47 3.85 17.13 10.67
N ALA G 48 4.11 16.02 11.35
CA ALA G 48 3.96 14.69 10.75
C ALA G 48 2.49 14.36 10.55
N SER G 49 1.64 14.81 11.48
CA SER G 49 0.20 14.63 11.35
C SER G 49 -0.35 15.44 10.18
N GLN G 50 0.06 16.71 10.10
CA GLN G 50 -0.37 17.57 9.00
C GLN G 50 0.09 17.03 7.65
N PHE G 51 1.34 16.55 7.61
CA PHE G 51 1.89 15.97 6.39
C PHE G 51 1.17 14.67 6.04
N GLU G 52 0.69 13.97 7.06
CA GLU G 52 -0.09 12.75 6.86
C GLU G 52 -1.43 13.09 6.20
N THR G 53 -2.07 14.16 6.69
CA THR G 53 -3.32 14.61 6.12
C THR G 53 -3.13 15.04 4.67
N SER G 54 -2.07 15.80 4.42
CA SER G 54 -1.75 16.26 3.07
C SER G 54 -1.47 15.09 2.14
N ALA G 55 -0.76 14.08 2.64
CA ALA G 55 -0.46 12.89 1.86
C ALA G 55 -1.73 12.11 1.54
N ALA G 56 -2.66 12.07 2.50
CA ALA G 56 -3.94 11.41 2.29
C ALA G 56 -4.73 12.10 1.19
N LYS G 57 -4.79 13.43 1.27
CA LYS G 57 -5.47 14.24 0.27
C LYS G 57 -4.86 14.02 -1.12
N LEU G 58 -3.55 14.14 -1.20
CA LEU G 58 -2.84 14.01 -2.48
C LEU G 58 -2.96 12.61 -3.06
N LYS G 59 -3.06 11.62 -2.19
CA LYS G 59 -3.27 10.24 -2.64
C LYS G 59 -4.66 10.10 -3.24
N ARG G 60 -5.65 10.59 -2.51
CA ARG G 60 -7.04 10.54 -2.97
C ARG G 60 -7.27 11.33 -4.25
N LYS G 61 -6.43 12.34 -4.48
CA LYS G 61 -6.59 13.22 -5.64
C LYS G 61 -5.82 12.72 -6.88
N TYR G 62 -4.59 12.25 -6.68
CA TYR G 62 -3.73 11.91 -7.82
C TYR G 62 -3.77 10.42 -8.17
N TRP G 63 -4.29 9.59 -7.27
CA TRP G 63 -4.49 8.18 -7.56
C TRP G 63 -5.96 7.88 -7.79
N ALA H 1 42.60 12.59 76.96
CA ALA H 1 42.25 14.00 77.12
C ALA H 1 40.85 14.27 76.58
N LEU H 2 40.16 15.24 77.19
CA LEU H 2 38.82 15.61 76.70
C LEU H 2 38.96 16.31 75.36
N SER H 3 40.06 17.02 75.17
CA SER H 3 40.33 17.72 73.92
C SER H 3 40.44 16.74 72.74
N GLU H 4 41.08 15.61 72.99
CA GLU H 4 41.30 14.60 71.95
C GLU H 4 39.99 13.90 71.57
N ILE H 5 39.22 13.52 72.58
CA ILE H 5 37.94 12.84 72.35
C ILE H 5 36.96 13.80 71.71
N GLU H 6 37.05 15.08 72.07
CA GLU H 6 36.17 16.11 71.53
C GLU H 6 36.53 16.46 70.10
N THR H 7 37.81 16.40 69.78
CA THR H 7 38.27 16.65 68.42
C THR H 7 37.91 15.46 67.53
N ARG H 8 38.04 14.26 68.08
CA ARG H 8 37.61 13.05 67.39
C ARG H 8 36.13 13.11 67.08
N HIS H 9 35.32 13.39 68.11
CA HIS H 9 33.88 13.50 67.95
C HIS H 9 33.48 14.62 66.98
N SER H 10 34.22 15.72 67.03
CA SER H 10 33.95 16.86 66.16
C SER H 10 34.21 16.52 64.70
N GLU H 11 35.35 15.87 64.45
CA GLU H 11 35.70 15.47 63.09
C GLU H 11 34.68 14.45 62.58
N ILE H 12 34.26 13.55 63.47
CA ILE H 12 33.26 12.54 63.14
C ILE H 12 31.92 13.16 62.75
N ILE H 13 31.42 14.08 63.58
CA ILE H 13 30.12 14.71 63.31
C ILE H 13 30.20 15.58 62.05
N LYS H 14 31.35 16.22 61.83
CA LYS H 14 31.54 16.99 60.60
C LYS H 14 31.47 16.07 59.39
N LEU H 15 32.06 14.89 59.53
CA LEU H 15 31.99 13.87 58.50
C LEU H 15 30.54 13.45 58.28
N GLU H 16 29.76 13.40 59.35
CA GLU H 16 28.35 13.05 59.27
C GLU H 16 27.58 14.12 58.53
N ASN H 17 27.94 15.38 58.72
CA ASN H 17 27.30 16.48 58.01
C ASN H 17 27.60 16.40 56.52
N SER H 18 28.88 16.19 56.20
CA SER H 18 29.28 16.06 54.80
C SER H 18 28.59 14.88 54.10
N ILE H 19 28.54 13.73 54.79
CA ILE H 19 27.94 12.53 54.22
C ILE H 19 26.43 12.67 54.13
N ARG H 20 25.83 13.44 55.04
CA ARG H 20 24.40 13.71 54.97
C ARG H 20 24.10 14.57 53.76
N GLU H 21 24.96 15.56 53.51
CA GLU H 21 24.84 16.41 52.33
C GLU H 21 24.96 15.56 51.07
N LEU H 22 25.91 14.63 51.06
CA LEU H 22 26.08 13.71 49.94
C LEU H 22 24.84 12.83 49.75
N HIS H 23 24.24 12.40 50.85
CA HIS H 23 23.05 11.58 50.83
C HIS H 23 21.90 12.31 50.16
N ASP H 24 21.61 13.51 50.65
CA ASP H 24 20.57 14.34 50.09
C ASP H 24 20.85 14.63 48.61
N MET H 25 22.14 14.74 48.27
CA MET H 25 22.56 14.95 46.90
C MET H 25 22.17 13.75 46.03
N PHE H 26 22.40 12.55 46.57
CA PHE H 26 22.03 11.31 45.87
C PHE H 26 20.52 11.16 45.70
N MET H 27 19.78 11.51 46.74
CA MET H 27 18.31 11.41 46.68
C MET H 27 17.76 12.39 45.64
N ASP H 28 18.29 13.62 45.66
CA ASP H 28 17.94 14.63 44.67
C ASP H 28 18.24 14.09 43.26
N MET H 29 19.40 13.47 43.13
CA MET H 29 19.82 12.85 41.87
C MET H 29 18.78 11.85 41.38
N ALA H 30 18.40 10.93 42.27
CA ALA H 30 17.40 9.90 41.94
C ALA H 30 16.07 10.51 41.51
N MET H 31 15.62 11.53 42.24
CA MET H 31 14.37 12.22 41.91
C MET H 31 14.43 12.82 40.50
N LEU H 32 15.50 13.56 40.23
CA LEU H 32 15.70 14.19 38.93
C LEU H 32 15.72 13.14 37.82
N VAL H 33 16.35 12.00 38.10
CA VAL H 33 16.42 10.90 37.16
C VAL H 33 15.01 10.36 36.88
N GLU H 34 14.16 10.33 37.92
CA GLU H 34 12.78 9.92 37.75
C GLU H 34 12.00 10.87 36.83
N SER H 35 12.07 12.17 37.13
CA SER H 35 11.39 13.18 36.33
C SER H 35 11.82 13.10 34.86
N GLN H 36 13.13 13.11 34.65
CA GLN H 36 13.71 12.94 33.32
C GLN H 36 13.21 11.65 32.67
N GLY H 37 12.99 10.63 33.49
CA GLY H 37 12.46 9.36 33.01
C GLY H 37 11.06 9.48 32.45
N GLU H 38 10.18 10.17 33.18
CA GLU H 38 8.82 10.37 32.70
C GLU H 38 8.79 11.20 31.43
N MET H 39 9.59 12.28 31.41
CA MET H 39 9.66 13.11 30.22
C MET H 39 10.18 12.32 29.02
N ILE H 40 11.14 11.44 29.26
CA ILE H 40 11.69 10.59 28.21
C ILE H 40 10.62 9.62 27.69
N ASP H 41 9.82 9.09 28.60
CA ASP H 41 8.71 8.22 28.20
C ASP H 41 7.76 8.95 27.26
N ARG H 42 7.38 10.17 27.64
CA ARG H 42 6.48 10.96 26.81
C ARG H 42 7.10 11.24 25.44
N ILE H 43 8.38 11.61 25.44
CA ILE H 43 9.11 11.87 24.21
C ILE H 43 9.08 10.65 23.30
N GLU H 44 9.29 9.47 23.87
CA GLU H 44 9.26 8.24 23.10
C GLU H 44 7.87 8.01 22.51
N TYR H 45 6.83 8.35 23.28
CA TYR H 45 5.46 8.25 22.79
C TYR H 45 5.26 9.12 21.54
N ASN H 46 5.66 10.39 21.66
CA ASN H 46 5.58 11.33 20.54
C ASN H 46 6.35 10.82 19.33
N VAL H 47 7.51 10.23 19.59
CA VAL H 47 8.37 9.70 18.53
C VAL H 47 7.67 8.56 17.81
N GLU H 48 7.04 7.67 18.57
CA GLU H 48 6.32 6.53 17.98
C GLU H 48 5.15 7.00 17.11
N HIS H 49 4.37 7.93 17.63
CA HIS H 49 3.25 8.49 16.87
C HIS H 49 3.75 9.15 15.58
N ALA H 50 4.88 9.84 15.69
CA ALA H 50 5.51 10.47 14.53
C ALA H 50 5.94 9.41 13.50
N VAL H 51 6.47 8.30 13.99
CA VAL H 51 6.87 7.19 13.12
C VAL H 51 5.65 6.68 12.37
N ASP H 52 4.53 6.55 13.07
CA ASP H 52 3.29 6.10 12.45
C ASP H 52 2.83 7.04 11.34
N TYR H 53 2.68 8.32 11.66
CA TYR H 53 2.22 9.31 10.69
C TYR H 53 3.14 9.38 9.47
N VAL H 54 4.45 9.40 9.73
CA VAL H 54 5.44 9.46 8.66
C VAL H 54 5.34 8.23 7.77
N GLU H 55 5.25 7.04 8.38
CA GLU H 55 5.15 5.80 7.62
C GLU H 55 3.92 5.78 6.71
N ARG H 56 2.76 6.15 7.26
CA ARG H 56 1.53 6.24 6.48
C ARG H 56 1.72 7.21 5.30
N ALA H 57 2.25 8.38 5.60
CA ALA H 57 2.48 9.41 4.59
C ALA H 57 3.38 8.91 3.47
N VAL H 58 4.39 8.12 3.84
CA VAL H 58 5.33 7.56 2.87
C VAL H 58 4.64 6.54 1.98
N SER H 59 3.81 5.69 2.58
CA SER H 59 3.04 4.73 1.80
C SER H 59 2.14 5.46 0.79
N ASP H 60 1.49 6.52 1.25
CA ASP H 60 0.60 7.30 0.40
C ASP H 60 1.34 7.99 -0.75
N THR H 61 2.49 8.59 -0.44
CA THR H 61 3.30 9.26 -1.45
C THR H 61 3.82 8.25 -2.47
N LYS H 62 4.18 7.06 -1.99
CA LYS H 62 4.66 6.00 -2.86
C LYS H 62 3.57 5.52 -3.80
N LYS H 63 2.34 5.46 -3.30
CA LYS H 63 1.21 5.01 -4.11
C LYS H 63 0.70 6.10 -5.05
N ALA H 64 0.97 7.36 -4.71
CA ALA H 64 0.48 8.48 -5.50
C ALA H 64 1.32 8.68 -6.76
N VAL H 65 1.14 7.80 -7.74
CA VAL H 65 1.88 7.89 -9.00
C VAL H 65 1.14 8.78 -9.98
N GLU I 2 35.86 18.13 91.20
CA GLU I 2 35.39 18.14 89.82
C GLU I 2 35.99 16.95 89.07
N LEU I 3 36.45 15.95 89.84
CA LEU I 3 37.00 14.73 89.29
C LEU I 3 35.96 13.85 88.61
N GLU I 4 34.86 13.61 89.32
CA GLU I 4 33.82 12.67 88.92
C GLU I 4 33.18 12.89 87.53
N GLU I 5 32.82 14.14 87.23
CA GLU I 5 32.11 14.45 85.98
C GLU I 5 32.88 14.16 84.69
N MET I 6 34.20 14.25 84.75
CA MET I 6 35.04 14.13 83.56
C MET I 6 35.00 12.77 82.87
N GLN I 7 35.15 11.70 83.64
CA GLN I 7 35.11 10.35 83.07
C GLN I 7 33.77 10.05 82.41
N ARG I 8 32.68 10.39 83.10
CA ARG I 8 31.35 10.15 82.59
C ARG I 8 31.05 11.01 81.36
N ARG I 9 31.66 12.20 81.31
CA ARG I 9 31.56 13.05 80.13
C ARG I 9 32.29 12.39 78.95
N ALA I 10 33.43 11.78 79.25
CA ALA I 10 34.22 11.08 78.24
C ALA I 10 33.45 9.89 77.66
N ASP I 11 32.86 9.10 78.54
CA ASP I 11 32.06 7.94 78.13
C ASP I 11 30.85 8.41 77.33
N GLN I 12 30.30 9.55 77.72
CA GLN I 12 29.19 10.15 77.00
C GLN I 12 29.59 10.50 75.57
N LEU I 13 30.76 11.11 75.42
CA LEU I 13 31.26 11.48 74.09
C LEU I 13 31.59 10.25 73.26
N ALA I 14 32.03 9.19 73.93
CA ALA I 14 32.32 7.92 73.25
C ALA I 14 31.04 7.32 72.68
N ASP I 15 30.00 7.27 73.51
CA ASP I 15 28.70 6.76 73.09
C ASP I 15 28.14 7.61 71.96
N GLU I 16 28.35 8.93 72.05
CA GLU I 16 27.90 9.86 71.03
C GLU I 16 28.60 9.61 69.69
N SER I 17 29.90 9.33 69.74
CA SER I 17 30.66 9.04 68.53
C SER I 17 30.21 7.70 67.92
N LEU I 18 29.90 6.74 68.78
CA LEU I 18 29.40 5.44 68.33
C LEU I 18 28.08 5.59 67.59
N GLU I 19 27.12 6.24 68.23
CA GLU I 19 25.80 6.47 67.64
C GLU I 19 25.92 7.30 66.36
N SER I 20 26.91 8.19 66.34
CA SER I 20 27.20 8.97 65.14
C SER I 20 27.63 8.07 64.00
N THR I 21 28.53 7.12 64.29
CA THR I 21 28.97 6.16 63.28
C THR I 21 27.80 5.32 62.76
N ARG I 22 26.91 4.95 63.67
CA ARG I 22 25.70 4.22 63.28
C ARG I 22 24.86 5.03 62.29
N ARG I 23 24.57 6.28 62.65
CA ARG I 23 23.81 7.17 61.79
C ARG I 23 24.48 7.33 60.42
N MET I 24 25.80 7.46 60.41
CA MET I 24 26.56 7.55 59.17
C MET I 24 26.37 6.30 58.31
N LEU I 25 26.44 5.12 58.94
CA LEU I 25 26.25 3.89 58.19
C LEU I 25 24.86 3.82 57.58
N GLN I 26 23.86 4.25 58.35
CA GLN I 26 22.49 4.30 57.83
C GLN I 26 22.42 5.20 56.59
N LEU I 27 23.02 6.38 56.71
CA LEU I 27 23.02 7.35 55.61
C LEU I 27 23.71 6.83 54.36
N VAL I 28 24.87 6.20 54.52
CA VAL I 28 25.63 5.72 53.37
C VAL I 28 24.93 4.52 52.73
N GLU I 29 24.19 3.74 53.54
CA GLU I 29 23.44 2.63 52.99
C GLU I 29 22.24 3.10 52.17
N GLU I 30 21.47 4.04 52.72
CA GLU I 30 20.33 4.59 52.00
C GLU I 30 20.79 5.30 50.73
N SER I 31 21.90 6.03 50.83
CA SER I 31 22.51 6.70 49.70
C SER I 31 22.94 5.69 48.64
N LYS I 32 23.44 4.55 49.12
CA LYS I 32 23.90 3.48 48.27
C LYS I 32 22.75 2.91 47.44
N ASP I 33 21.67 2.53 48.12
CA ASP I 33 20.48 2.02 47.43
C ASP I 33 19.91 3.06 46.46
N ALA I 34 19.88 4.32 46.89
CA ALA I 34 19.42 5.41 46.04
C ALA I 34 20.24 5.50 44.75
N GLY I 35 21.55 5.37 44.90
CA GLY I 35 22.45 5.42 43.76
C GLY I 35 22.25 4.25 42.82
N ILE I 36 22.00 3.07 43.39
CA ILE I 36 21.73 1.88 42.59
C ILE I 36 20.47 2.10 41.76
N ARG I 37 19.41 2.56 42.41
CA ARG I 37 18.16 2.86 41.74
C ARG I 37 18.39 3.87 40.61
N THR I 38 19.22 4.87 40.90
CA THR I 38 19.58 5.88 39.91
C THR I 38 20.21 5.24 38.67
N LEU I 39 21.19 4.36 38.90
CA LEU I 39 21.89 3.69 37.81
C LEU I 39 20.94 2.82 36.97
N VAL I 40 20.08 2.07 37.63
CA VAL I 40 19.13 1.19 36.93
C VAL I 40 18.18 2.02 36.07
N MET I 41 17.58 3.04 36.68
CA MET I 41 16.68 3.93 35.96
C MET I 41 17.38 4.58 34.77
N LEU I 42 18.64 4.95 34.95
CA LEU I 42 19.43 5.52 33.87
C LEU I 42 19.70 4.52 32.76
N ASP I 43 19.79 3.25 33.11
CA ASP I 43 19.91 2.19 32.10
C ASP I 43 18.62 2.15 31.27
N GLU I 44 17.49 2.14 31.97
CA GLU I 44 16.19 2.14 31.31
C GLU I 44 16.03 3.31 30.34
N GLN I 45 16.19 4.52 30.87
CA GLN I 45 16.04 5.74 30.09
C GLN I 45 17.06 5.84 28.97
N GLY I 46 18.24 5.28 29.20
CA GLY I 46 19.30 5.30 28.20
C GLY I 46 19.03 4.43 27.00
N GLU I 47 18.68 3.16 27.26
CA GLU I 47 18.33 2.24 26.19
C GLU I 47 17.09 2.77 25.46
N GLN I 48 16.19 3.35 26.24
CA GLN I 48 14.99 3.99 25.71
C GLN I 48 15.36 5.11 24.73
N LEU I 49 16.35 5.92 25.10
CA LEU I 49 16.82 7.00 24.25
C LEU I 49 17.47 6.46 22.98
N ASP I 50 18.14 5.32 23.10
CA ASP I 50 18.71 4.66 21.93
C ASP I 50 17.59 4.31 20.95
N ARG I 51 16.53 3.71 21.49
CA ARG I 51 15.36 3.35 20.69
C ARG I 51 14.74 4.59 20.04
N VAL I 52 14.73 5.70 20.78
CA VAL I 52 14.18 6.95 20.27
C VAL I 52 15.01 7.46 19.10
N GLU I 53 16.33 7.36 19.21
CA GLU I 53 17.23 7.78 18.13
C GLU I 53 16.99 6.93 16.89
N GLU I 54 16.85 5.62 17.08
CA GLU I 54 16.57 4.73 15.96
C GLU I 54 15.24 5.11 15.28
N GLY I 55 14.25 5.46 16.11
CA GLY I 55 12.97 5.94 15.60
C GLY I 55 13.16 7.17 14.74
N MET I 56 13.98 8.10 15.21
CA MET I 56 14.32 9.31 14.46
C MET I 56 14.96 8.96 13.12
N ASN I 57 15.80 7.92 13.12
CA ASN I 57 16.44 7.47 11.89
C ASN I 57 15.39 6.96 10.89
N HIS I 58 14.45 6.16 11.38
CA HIS I 58 13.39 5.64 10.54
C HIS I 58 12.53 6.76 9.94
N ILE I 59 12.18 7.73 10.80
CA ILE I 59 11.40 8.88 10.38
C ILE I 59 12.13 9.68 9.32
N ASN I 60 13.43 9.89 9.52
CA ASN I 60 14.23 10.68 8.59
C ASN I 60 14.37 10.00 7.23
N GLN I 61 14.63 8.69 7.24
CA GLN I 61 14.75 7.94 5.99
C GLN I 61 13.45 7.95 5.21
N ASP I 62 12.36 7.56 5.88
CA ASP I 62 11.05 7.55 5.24
C ASP I 62 10.68 8.92 4.70
N MET I 63 10.92 9.97 5.49
CA MET I 63 10.61 11.33 5.07
C MET I 63 11.47 11.78 3.89
N LYS I 64 12.69 11.26 3.80
CA LYS I 64 13.54 11.55 2.66
C LYS I 64 12.98 10.92 1.39
N GLU I 65 12.56 9.66 1.52
CA GLU I 65 11.98 8.95 0.37
C GLU I 65 10.68 9.62 -0.08
N ALA I 66 9.85 10.01 0.88
CA ALA I 66 8.60 10.70 0.60
C ALA I 66 8.84 12.06 -0.03
N GLU I 67 9.88 12.75 0.43
CA GLU I 67 10.26 14.05 -0.14
C GLU I 67 10.65 13.87 -1.60
N LYS I 68 11.41 12.82 -1.87
CA LYS I 68 11.81 12.53 -3.25
C LYS I 68 10.60 12.16 -4.12
N ASN I 69 9.67 11.41 -3.55
CA ASN I 69 8.46 11.02 -4.27
C ASN I 69 7.57 12.21 -4.60
N LEU I 70 7.40 13.10 -3.63
CA LEU I 70 6.58 14.29 -3.82
C LEU I 70 7.23 15.26 -4.79
N LYS I 71 8.56 15.36 -4.72
CA LYS I 71 9.32 16.17 -5.65
C LYS I 71 9.26 15.56 -7.05
N ASP I 72 9.04 14.26 -7.11
CA ASP I 72 8.87 13.54 -8.36
C ASP I 72 7.49 13.86 -8.95
N LEU I 73 6.49 13.93 -8.08
CA LEU I 73 5.13 14.24 -8.49
C LEU I 73 5.01 15.69 -8.94
N GLY I 74 5.82 16.57 -8.35
CA GLY I 74 5.80 17.98 -8.67
C GLY I 74 6.13 18.33 -10.11
N LYS I 75 6.96 17.51 -10.74
CA LYS I 75 7.36 17.75 -12.12
C LYS I 75 6.31 17.23 -13.10
N ALA J 1 40.76 -2.75 72.68
CA ALA J 1 39.82 -3.81 73.03
C ALA J 1 38.50 -3.22 73.53
N ARG J 2 38.28 -1.94 73.21
CA ARG J 2 37.06 -1.26 73.64
C ARG J 2 36.55 -0.36 72.51
N GLU J 3 35.23 -0.32 72.35
CA GLU J 3 34.59 0.48 71.31
C GLU J 3 35.07 0.06 69.92
N ASN J 4 35.17 -1.26 69.73
CA ASN J 4 35.55 -1.87 68.46
C ASN J 4 34.59 -1.44 67.35
N GLU J 5 33.30 -1.42 67.70
CA GLU J 5 32.23 -1.07 66.79
C GLU J 5 32.46 0.28 66.10
N MET J 6 33.09 1.21 66.82
CA MET J 6 33.36 2.53 66.27
C MET J 6 34.29 2.45 65.06
N ASP J 7 35.46 1.86 65.26
CA ASP J 7 36.46 1.74 64.20
C ASP J 7 35.98 0.85 63.07
N GLU J 8 35.30 -0.24 63.43
CA GLU J 8 34.76 -1.15 62.44
C GLU J 8 33.75 -0.43 61.55
N ASN J 9 32.88 0.37 62.19
CA ASN J 9 31.93 1.20 61.45
C ASN J 9 32.65 2.20 60.56
N LEU J 10 33.75 2.77 61.06
CA LEU J 10 34.54 3.69 60.25
C LEU J 10 35.02 3.03 58.96
N GLU J 11 35.55 1.81 59.09
CA GLU J 11 36.05 1.07 57.92
C GLU J 11 34.93 0.69 56.95
N GLN J 12 33.84 0.11 57.48
CA GLN J 12 32.70 -0.27 56.65
C GLN J 12 32.15 0.94 55.88
N VAL J 13 31.95 2.03 56.60
CA VAL J 13 31.48 3.28 56.02
C VAL J 13 32.45 3.73 54.92
N SER J 14 33.75 3.60 55.19
CA SER J 14 34.76 3.96 54.21
C SER J 14 34.60 3.17 52.90
N GLY J 15 34.47 1.86 53.03
CA GLY J 15 34.28 1.00 51.87
C GLY J 15 33.02 1.31 51.07
N ILE J 16 31.91 1.47 51.79
CA ILE J 16 30.64 1.80 51.17
C ILE J 16 30.76 3.15 50.45
N ILE J 17 31.54 4.06 51.03
CA ILE J 17 31.81 5.36 50.43
C ILE J 17 32.57 5.21 49.13
N GLY J 18 33.59 4.36 49.13
CA GLY J 18 34.33 4.08 47.91
C GLY J 18 33.43 3.55 46.80
N ASN J 19 32.56 2.61 47.16
CA ASN J 19 31.57 2.09 46.23
C ASN J 19 30.68 3.21 45.70
N LEU J 20 30.27 4.11 46.59
CA LEU J 20 29.44 5.25 46.22
C LEU J 20 30.14 6.16 45.23
N ARG J 21 31.45 6.28 45.39
CA ARG J 21 32.28 7.07 44.48
C ARG J 21 32.27 6.43 43.10
N HIS J 22 32.56 5.12 43.07
CA HIS J 22 32.54 4.38 41.82
C HIS J 22 31.19 4.55 41.09
N MET J 23 30.11 4.41 41.85
CA MET J 23 28.75 4.58 41.31
C MET J 23 28.57 5.97 40.73
N ALA J 24 29.06 6.98 41.45
CA ALA J 24 28.95 8.36 41.02
C ALA J 24 29.69 8.56 39.70
N LEU J 25 30.86 7.95 39.56
CA LEU J 25 31.66 8.08 38.35
C LEU J 25 30.99 7.43 37.14
N ASP J 26 30.60 6.16 37.30
CA ASP J 26 29.91 5.45 36.22
C ASP J 26 28.65 6.21 35.80
N MET J 27 27.93 6.70 36.79
CA MET J 27 26.74 7.52 36.59
C MET J 27 27.09 8.72 35.71
N GLY J 28 28.14 9.44 36.09
CA GLY J 28 28.58 10.61 35.36
C GLY J 28 28.93 10.34 33.91
N ASN J 29 29.73 9.30 33.67
CA ASN J 29 30.10 8.92 32.31
C ASN J 29 28.86 8.61 31.47
N GLU J 30 27.95 7.83 32.06
CA GLU J 30 26.71 7.46 31.38
C GLU J 30 25.91 8.71 31.01
N ILE J 31 25.79 9.63 31.96
CA ILE J 31 25.06 10.87 31.74
C ILE J 31 25.68 11.71 30.63
N ASP J 32 27.01 11.75 30.58
CA ASP J 32 27.70 12.49 29.53
C ASP J 32 27.44 11.90 28.15
N THR J 33 27.63 10.58 28.02
CA THR J 33 27.42 9.91 26.75
C THR J 33 25.98 10.08 26.26
N GLN J 34 25.03 9.92 27.18
CA GLN J 34 23.62 10.04 26.85
C GLN J 34 23.24 11.48 26.53
N ASN J 35 23.99 12.43 27.10
CA ASN J 35 23.78 13.84 26.79
C ASN J 35 24.20 14.14 25.36
N ARG J 36 25.39 13.68 24.99
CA ARG J 36 25.85 13.78 23.60
C ARG J 36 24.83 13.15 22.65
N GLN J 37 24.31 11.99 23.06
CA GLN J 37 23.29 11.31 22.29
C GLN J 37 22.03 12.16 22.14
N ILE J 38 21.64 12.85 23.22
CA ILE J 38 20.49 13.74 23.18
C ILE J 38 20.74 14.89 22.21
N ASP J 39 21.98 15.36 22.14
CA ASP J 39 22.35 16.39 21.18
C ASP J 39 22.13 15.88 19.76
N ARG J 40 22.64 14.68 19.47
CA ARG J 40 22.45 14.08 18.14
C ARG J 40 20.95 13.93 17.80
N ILE J 41 20.19 13.44 18.77
CA ILE J 41 18.76 13.21 18.61
C ILE J 41 18.03 14.53 18.32
N MET J 42 18.42 15.59 19.01
CA MET J 42 17.81 16.90 18.81
C MET J 42 18.17 17.44 17.43
N GLU J 43 19.38 17.11 16.97
CA GLU J 43 19.81 17.50 15.64
C GLU J 43 18.93 16.83 14.58
N LYS J 44 18.73 15.52 14.72
CA LYS J 44 17.82 14.79 13.85
C LYS J 44 16.40 15.33 13.94
N ALA J 45 16.01 15.78 15.13
CA ALA J 45 14.66 16.30 15.37
C ALA J 45 14.44 17.61 14.62
N ASP J 46 15.45 18.48 14.64
CA ASP J 46 15.36 19.75 13.92
C ASP J 46 15.41 19.52 12.41
N SER J 47 16.29 18.62 11.98
CA SER J 47 16.42 18.28 10.57
C SER J 47 15.10 17.74 10.03
N ASN J 48 14.48 16.84 10.79
CA ASN J 48 13.21 16.26 10.40
C ASN J 48 12.07 17.27 10.51
N LYS J 49 12.19 18.20 11.44
CA LYS J 49 11.22 19.29 11.55
C LYS J 49 11.21 20.13 10.27
N THR J 50 12.41 20.54 9.85
CA THR J 50 12.58 21.31 8.63
C THR J 50 12.08 20.53 7.41
N ARG J 51 12.50 19.27 7.32
CA ARG J 51 12.13 18.42 6.19
C ARG J 51 10.63 18.18 6.10
N ILE J 52 9.99 17.96 7.24
CA ILE J 52 8.55 17.71 7.29
C ILE J 52 7.77 18.98 6.96
N ASP J 53 8.22 20.11 7.49
CA ASP J 53 7.57 21.40 7.21
C ASP J 53 7.66 21.72 5.71
N GLU J 54 8.85 21.50 5.15
CA GLU J 54 9.10 21.78 3.74
C GLU J 54 8.28 20.84 2.84
N ALA J 55 8.23 19.57 3.23
CA ALA J 55 7.48 18.56 2.48
C ALA J 55 5.99 18.83 2.54
N ASN J 56 5.52 19.33 3.67
CA ASN J 56 4.12 19.69 3.83
C ASN J 56 3.79 20.90 2.99
N GLN J 57 4.72 21.85 2.95
CA GLN J 57 4.58 23.03 2.11
C GLN J 57 4.45 22.64 0.65
N ARG J 58 5.37 21.79 0.19
CA ARG J 58 5.35 21.28 -1.18
C ARG J 58 4.06 20.51 -1.47
N ALA J 59 3.61 19.73 -0.49
CA ALA J 59 2.41 18.90 -0.63
C ALA J 59 1.16 19.75 -0.83
N THR J 60 0.99 20.75 0.03
CA THR J 60 -0.14 21.66 -0.11
C THR J 60 -0.01 22.48 -1.39
N LYS J 61 1.22 22.75 -1.79
CA LYS J 61 1.49 23.44 -3.05
C LYS J 61 1.15 22.60 -4.27
N MET J 62 1.08 21.28 -4.09
CA MET J 62 0.77 20.39 -5.21
C MET J 62 -0.71 20.44 -5.59
N LEU J 63 -1.52 21.05 -4.74
CA LEU J 63 -2.94 21.28 -5.01
C LEU J 63 -3.54 22.24 -3.98
N LYS K 1 7.19 -27.23 76.02
CA LYS K 1 6.48 -28.45 76.38
C LYS K 1 7.43 -29.64 76.49
N LEU K 2 8.72 -29.35 76.62
CA LEU K 2 9.72 -30.39 76.82
C LEU K 2 10.54 -30.18 78.09
N GLY K 3 10.08 -29.31 78.98
CA GLY K 3 10.77 -29.15 80.24
C GLY K 3 10.73 -27.76 80.86
N LYS K 4 10.91 -27.72 82.17
CA LYS K 4 11.07 -26.44 82.87
C LYS K 4 12.43 -26.47 83.57
N LEU K 5 13.07 -25.31 83.67
CA LEU K 5 14.36 -25.24 84.32
C LEU K 5 14.42 -24.09 85.33
N GLN K 6 14.77 -24.45 86.55
CA GLN K 6 14.98 -23.50 87.63
C GLN K 6 16.42 -23.04 87.64
N TYR K 7 16.60 -21.75 87.39
CA TYR K 7 17.93 -21.14 87.29
C TYR K 7 18.04 -19.93 88.21
N SER K 8 19.27 -19.61 88.58
CA SER K 8 19.56 -18.44 89.39
C SER K 8 20.38 -17.43 88.58
N LEU K 9 20.30 -16.17 88.97
CA LEU K 9 20.96 -15.08 88.27
C LEU K 9 21.22 -13.92 89.22
N ASP K 10 22.46 -13.43 89.23
CA ASP K 10 22.85 -12.35 90.13
C ASP K 10 24.12 -11.67 89.63
N TYR K 11 24.22 -10.37 89.90
CA TYR K 11 25.40 -9.62 89.51
C TYR K 11 26.15 -9.09 90.74
N ASP K 12 27.44 -9.40 90.82
CA ASP K 12 28.27 -8.91 91.90
C ASP K 12 28.86 -7.55 91.53
N PHE K 13 28.34 -6.48 92.13
CA PHE K 13 28.75 -5.13 91.80
C PHE K 13 30.15 -4.80 92.34
N GLN K 14 30.61 -5.62 93.28
CA GLN K 14 31.92 -5.40 93.87
C GLN K 14 33.04 -5.84 92.94
N ASN K 15 32.97 -7.09 92.48
CA ASN K 15 33.98 -7.63 91.57
C ASN K 15 33.61 -7.34 90.11
N ASN K 16 32.44 -6.74 89.91
CA ASN K 16 31.91 -6.42 88.58
C ASN K 16 31.89 -7.66 87.69
N GLN K 17 31.21 -8.70 88.15
CA GLN K 17 31.11 -9.96 87.41
C GLN K 17 29.69 -10.52 87.55
N LEU K 18 29.30 -11.36 86.58
CA LEU K 18 27.96 -11.91 86.55
C LEU K 18 27.91 -13.33 87.09
N LEU K 19 27.05 -13.53 88.09
CA LEU K 19 26.88 -14.84 88.71
C LEU K 19 25.67 -15.53 88.11
N VAL K 20 25.89 -16.64 87.42
CA VAL K 20 24.82 -17.39 86.80
C VAL K 20 24.59 -18.68 87.56
N GLY K 21 23.35 -18.92 87.96
CA GLY K 21 23.00 -20.09 88.74
C GLY K 21 22.21 -21.14 87.99
N ILE K 22 22.73 -22.36 87.98
CA ILE K 22 22.03 -23.50 87.40
C ILE K 22 21.61 -24.40 88.56
N ILE K 23 20.31 -24.36 88.86
CA ILE K 23 19.77 -25.08 90.00
C ILE K 23 19.21 -26.46 89.63
N GLN K 24 18.04 -26.52 89.00
CA GLN K 24 17.42 -27.82 88.80
C GLN K 24 16.43 -27.94 87.63
N ALA K 25 16.44 -29.09 86.96
CA ALA K 25 15.44 -29.41 85.94
C ALA K 25 14.51 -30.48 86.51
N ALA K 26 13.31 -30.63 85.93
CA ALA K 26 12.36 -31.60 86.48
C ALA K 26 11.61 -32.37 85.40
N GLU K 27 10.86 -31.66 84.56
CA GLU K 27 9.99 -32.31 83.58
C GLU K 27 10.67 -32.58 82.24
N LEU K 28 11.78 -33.29 82.27
CA LEU K 28 12.53 -33.58 81.04
C LEU K 28 12.09 -34.92 80.42
N PRO K 29 11.98 -34.95 79.08
CA PRO K 29 11.60 -36.15 78.32
C PRO K 29 12.64 -37.26 78.33
N ALA K 30 12.18 -38.51 78.20
CA ALA K 30 13.05 -39.68 78.23
C ALA K 30 13.77 -39.88 76.89
N LEU K 31 14.82 -39.12 76.64
CA LEU K 31 15.58 -39.27 75.40
C LEU K 31 16.38 -40.57 75.37
N ASP K 32 16.84 -41.03 76.53
CA ASP K 32 17.63 -42.25 76.55
C ASP K 32 16.74 -43.49 76.49
N MET K 33 17.38 -44.66 76.43
CA MET K 33 16.68 -45.93 76.37
C MET K 33 15.92 -46.11 77.68
N GLY K 34 16.57 -45.72 78.76
CA GLY K 34 16.02 -45.80 80.10
C GLY K 34 14.95 -44.76 80.30
N GLY K 35 14.12 -44.95 81.32
CA GLY K 35 13.05 -44.01 81.60
C GLY K 35 13.64 -42.65 81.87
N THR K 36 14.79 -42.62 82.54
CA THR K 36 15.45 -41.35 82.85
C THR K 36 16.69 -41.13 81.99
N SER K 37 16.71 -39.99 81.31
CA SER K 37 17.82 -39.57 80.45
C SER K 37 19.07 -39.13 81.21
N ASP K 38 20.20 -38.99 80.50
CA ASP K 38 21.41 -38.42 81.06
C ASP K 38 21.62 -36.98 80.58
N PRO K 39 21.18 -36.00 81.38
CA PRO K 39 21.21 -34.59 81.00
C PRO K 39 22.44 -33.83 81.49
N TYR K 40 22.86 -32.82 80.75
CA TYR K 40 23.88 -31.88 81.21
C TYR K 40 23.67 -30.52 80.54
N VAL K 41 23.93 -29.44 81.26
CA VAL K 41 23.58 -28.10 80.78
C VAL K 41 24.79 -27.26 80.36
N LYS K 42 24.77 -26.82 79.11
CA LYS K 42 25.75 -25.85 78.60
C LYS K 42 25.20 -24.44 78.70
N VAL K 43 25.93 -23.55 79.37
CA VAL K 43 25.49 -22.17 79.56
C VAL K 43 26.52 -21.21 78.98
N PHE K 44 26.05 -20.19 78.26
CA PHE K 44 26.97 -19.20 77.70
C PHE K 44 26.28 -17.86 77.45
N LEU K 45 27.06 -16.83 77.19
CA LEU K 45 26.51 -15.50 76.92
C LEU K 45 26.52 -15.19 75.43
N LEU K 46 25.51 -14.43 74.99
CA LEU K 46 25.45 -13.93 73.62
C LEU K 46 25.58 -12.41 73.60
N PRO K 47 26.17 -11.86 72.53
CA PRO K 47 26.69 -12.57 71.36
C PRO K 47 28.10 -13.11 71.55
N ASP K 48 28.51 -13.29 72.80
CA ASP K 48 29.84 -13.76 73.13
C ASP K 48 30.14 -15.14 72.54
N LYS K 49 31.29 -15.26 71.89
CA LYS K 49 31.78 -16.55 71.41
C LYS K 49 32.74 -17.10 72.47
N LYS K 50 32.64 -16.53 73.67
CA LYS K 50 33.48 -16.92 74.80
C LYS K 50 33.31 -18.40 75.16
N LYS K 51 34.24 -18.90 75.98
CA LYS K 51 34.23 -20.31 76.37
C LYS K 51 32.93 -20.71 77.06
N LYS K 52 32.22 -21.64 76.43
CA LYS K 52 30.94 -22.12 76.94
C LYS K 52 31.14 -23.03 78.15
N PHE K 53 30.51 -22.67 79.26
CA PHE K 53 30.58 -23.51 80.46
C PHE K 53 29.54 -24.61 80.40
N GLU K 54 29.82 -25.73 81.06
CA GLU K 54 28.86 -26.82 81.13
C GLU K 54 28.91 -27.50 82.49
N THR K 55 27.74 -27.84 83.02
CA THR K 55 27.63 -28.50 84.31
C THR K 55 28.01 -29.96 84.23
N LYS K 56 28.11 -30.62 85.38
CA LYS K 56 28.39 -32.04 85.43
C LYS K 56 27.27 -32.86 84.81
N VAL K 57 27.61 -34.03 84.29
CA VAL K 57 26.65 -34.94 83.71
C VAL K 57 26.02 -35.78 84.82
N HIS K 58 24.69 -35.88 84.81
CA HIS K 58 23.99 -36.70 85.79
C HIS K 58 23.49 -37.98 85.12
N ARG K 59 23.94 -39.12 85.63
CA ARG K 59 23.58 -40.40 85.06
C ARG K 59 22.15 -40.77 85.41
N LYS K 60 21.32 -40.95 84.38
CA LYS K 60 19.96 -41.47 84.52
C LYS K 60 19.08 -40.63 85.45
N THR K 61 18.62 -39.48 84.97
CA THR K 61 17.65 -38.68 85.71
C THR K 61 16.90 -37.71 84.79
N LEU K 62 15.58 -37.68 84.91
CA LEU K 62 14.76 -36.71 84.18
C LEU K 62 14.49 -35.51 85.07
N ASN K 63 14.92 -35.61 86.33
CA ASN K 63 14.76 -34.52 87.28
C ASN K 63 16.10 -34.21 87.93
N PRO K 64 17.06 -33.69 87.14
CA PRO K 64 18.43 -33.51 87.63
C PRO K 64 18.59 -32.27 88.52
N VAL K 65 19.47 -32.38 89.51
CA VAL K 65 19.80 -31.26 90.38
C VAL K 65 21.29 -30.98 90.23
N PHE K 66 21.61 -29.82 89.64
CA PHE K 66 23.00 -29.47 89.37
C PHE K 66 23.61 -28.65 90.50
N ASN K 67 22.93 -27.56 90.85
CA ASN K 67 23.40 -26.64 91.89
C ASN K 67 24.82 -26.14 91.61
N GLU K 68 25.05 -25.67 90.39
CA GLU K 68 26.36 -25.14 90.03
C GLU K 68 26.26 -23.68 89.59
N GLN K 69 27.31 -22.92 89.84
CA GLN K 69 27.32 -21.50 89.52
C GLN K 69 28.53 -21.12 88.68
N PHE K 70 28.31 -20.23 87.72
CA PHE K 70 29.36 -19.81 86.80
C PHE K 70 29.57 -18.31 86.87
N THR K 71 30.78 -17.87 86.55
CA THR K 71 31.13 -16.45 86.66
C THR K 71 31.54 -15.88 85.32
N PHE K 72 30.94 -14.74 84.96
CA PHE K 72 31.28 -14.07 83.71
C PHE K 72 31.82 -12.67 83.96
N LYS K 73 33.12 -12.49 83.74
CA LYS K 73 33.75 -11.19 83.95
C LYS K 73 33.24 -10.20 82.91
N VAL K 74 32.13 -9.54 83.22
CA VAL K 74 31.46 -8.65 82.29
C VAL K 74 31.12 -7.32 82.95
N PRO K 75 31.47 -6.20 82.29
CA PRO K 75 31.09 -4.87 82.79
C PRO K 75 29.58 -4.73 82.92
N TYR K 76 29.14 -3.95 83.91
CA TYR K 76 27.71 -3.82 84.18
C TYR K 76 27.01 -2.98 83.11
N SER K 77 27.68 -1.94 82.64
CA SER K 77 27.11 -1.04 81.64
C SER K 77 26.95 -1.74 80.29
N GLU K 78 27.86 -2.66 80.00
CA GLU K 78 27.87 -3.39 78.74
C GLU K 78 26.98 -4.63 78.81
N LEU K 79 26.51 -4.95 80.00
CA LEU K 79 25.72 -6.15 80.22
C LEU K 79 24.34 -6.02 79.59
N GLY K 80 23.86 -4.78 79.45
CA GLY K 80 22.56 -4.52 78.88
C GLY K 80 22.42 -4.95 77.43
N GLY K 81 23.55 -5.09 76.74
CA GLY K 81 23.53 -5.49 75.34
C GLY K 81 23.78 -6.96 75.12
N LYS K 82 23.80 -7.73 76.20
CA LYS K 82 24.05 -9.16 76.13
C LYS K 82 22.79 -9.96 76.45
N THR K 83 22.86 -11.28 76.26
CA THR K 83 21.72 -12.16 76.52
C THR K 83 22.19 -13.54 76.99
N LEU K 84 21.72 -13.96 78.16
CA LEU K 84 22.15 -15.24 78.71
C LEU K 84 21.44 -16.43 78.04
N VAL K 85 22.22 -17.38 77.58
CA VAL K 85 21.67 -18.55 76.88
C VAL K 85 21.95 -19.83 77.66
N MET K 86 20.88 -20.54 77.98
CA MET K 86 20.99 -21.83 78.67
C MET K 86 20.46 -22.96 77.80
N ALA K 87 21.32 -23.93 77.51
CA ALA K 87 20.98 -25.03 76.62
C ALA K 87 21.13 -26.38 77.31
N VAL K 88 20.06 -27.18 77.30
CA VAL K 88 20.09 -28.50 77.92
C VAL K 88 20.39 -29.57 76.88
N TYR K 89 21.45 -30.33 77.14
CA TYR K 89 21.95 -31.37 76.25
C TYR K 89 21.78 -32.77 76.85
N ASP K 90 21.74 -33.77 75.97
CA ASP K 90 21.69 -35.17 76.39
C ASP K 90 23.03 -35.86 76.16
N PHE K 91 23.59 -36.41 77.24
CA PHE K 91 24.88 -37.08 77.18
C PHE K 91 24.79 -38.44 76.49
N ASP K 92 25.67 -38.66 75.52
CA ASP K 92 25.75 -39.94 74.84
C ASP K 92 27.20 -40.39 74.71
N ARG K 93 27.50 -41.59 75.19
CA ARG K 93 28.87 -42.08 75.20
C ARG K 93 29.31 -42.48 73.79
N PHE K 94 28.45 -43.19 73.08
CA PHE K 94 28.82 -43.70 71.76
C PHE K 94 28.11 -43.01 70.61
N SER K 95 27.37 -41.94 70.93
CA SER K 95 26.67 -41.19 69.89
C SER K 95 26.91 -39.70 70.04
N LYS K 96 26.52 -38.93 69.01
CA LYS K 96 26.60 -37.48 69.08
C LYS K 96 25.53 -36.94 70.02
N HIS K 97 25.94 -36.01 70.89
CA HIS K 97 25.05 -35.49 71.93
C HIS K 97 23.93 -34.61 71.39
N ASP K 98 22.74 -35.19 71.27
CA ASP K 98 21.56 -34.45 70.84
C ASP K 98 21.14 -33.44 71.92
N ILE K 99 20.76 -32.25 71.50
CA ILE K 99 20.35 -31.21 72.44
C ILE K 99 18.90 -31.41 72.87
N ILE K 100 18.66 -31.41 74.18
CA ILE K 100 17.32 -31.59 74.73
C ILE K 100 16.47 -30.35 74.48
N GLY K 101 16.94 -29.20 74.94
CA GLY K 101 16.19 -27.96 74.76
C GLY K 101 16.79 -26.74 75.42
N GLU K 102 16.67 -25.59 74.78
CA GLU K 102 17.32 -24.37 75.26
C GLU K 102 16.36 -23.20 75.41
N PHE K 103 16.79 -22.18 76.16
CA PHE K 103 16.08 -20.91 76.21
C PHE K 103 17.04 -19.77 76.55
N LYS K 104 16.63 -18.56 76.18
CA LYS K 104 17.46 -17.37 76.34
C LYS K 104 16.75 -16.27 77.12
N VAL K 105 17.49 -15.60 78.00
CA VAL K 105 16.95 -14.49 78.76
C VAL K 105 17.73 -13.22 78.43
N PRO K 106 17.03 -12.20 77.90
CA PRO K 106 17.62 -10.89 77.63
C PRO K 106 18.09 -10.20 78.90
N MET K 107 19.35 -9.77 78.92
CA MET K 107 19.93 -9.18 80.13
C MET K 107 19.45 -7.75 80.35
N ASN K 108 18.90 -7.13 79.32
CA ASN K 108 18.39 -5.77 79.43
C ASN K 108 16.99 -5.75 80.02
N THR K 109 16.46 -6.93 80.35
CA THR K 109 15.15 -7.04 80.97
C THR K 109 15.27 -7.55 82.40
N VAL K 110 16.48 -7.96 82.76
CA VAL K 110 16.72 -8.53 84.09
C VAL K 110 17.10 -7.44 85.08
N ASP K 111 16.41 -7.42 86.21
CA ASP K 111 16.76 -6.52 87.30
C ASP K 111 17.83 -7.17 88.17
N PHE K 112 19.09 -6.86 87.91
CA PHE K 112 20.20 -7.44 88.66
C PHE K 112 20.28 -6.82 90.05
N GLY K 113 19.44 -5.81 90.29
CA GLY K 113 19.37 -5.16 91.58
C GLY K 113 18.90 -6.13 92.65
N HIS K 114 17.91 -6.95 92.30
CA HIS K 114 17.45 -7.99 93.20
C HIS K 114 17.89 -9.34 92.68
N VAL K 115 18.13 -10.29 93.58
CA VAL K 115 18.55 -11.63 93.19
C VAL K 115 17.46 -12.31 92.38
N THR K 116 17.79 -12.73 91.16
CA THR K 116 16.81 -13.33 90.27
C THR K 116 16.88 -14.86 90.35
N GLU K 117 15.71 -15.50 90.35
CA GLU K 117 15.63 -16.96 90.33
C GLU K 117 14.30 -17.38 89.75
N GLU K 118 14.32 -18.17 88.67
CA GLU K 118 13.08 -18.45 87.96
C GLU K 118 13.01 -19.84 87.32
N TRP K 119 11.79 -20.35 87.20
CA TRP K 119 11.50 -21.52 86.38
C TRP K 119 11.14 -21.07 84.97
N ARG K 120 11.75 -21.67 83.96
CA ARG K 120 11.48 -21.31 82.58
C ARG K 120 11.30 -22.53 81.69
N ASP K 121 10.20 -22.58 80.97
CA ASP K 121 9.92 -23.70 80.07
C ASP K 121 10.94 -23.74 78.93
N LEU K 122 11.53 -24.91 78.73
CA LEU K 122 12.56 -25.08 77.70
C LEU K 122 11.99 -25.10 76.28
N GLN K 123 12.74 -24.53 75.33
CA GLN K 123 12.30 -24.49 73.94
C GLN K 123 13.19 -25.34 73.04
N SER K 124 12.59 -25.95 72.02
CA SER K 124 13.31 -26.77 71.04
C SER K 124 13.95 -25.93 69.93
N ALA K 125 13.84 -24.61 70.02
CA ALA K 125 14.17 -23.70 68.93
C ALA K 125 15.64 -23.73 68.50
N GLU K 126 15.95 -24.55 67.49
CA GLU K 126 17.31 -24.64 66.96
C GLU K 126 17.50 -23.78 65.70
N LYS K 127 18.70 -23.27 65.51
CA LYS K 127 19.03 -22.48 64.32
C LYS K 127 20.08 -23.20 63.49
N GLU K 128 19.80 -23.42 62.21
CA GLU K 128 20.72 -24.14 61.34
C GLU K 128 21.12 -23.38 60.08
N GLU K 129 22.42 -23.26 59.86
CA GLU K 129 22.97 -22.59 58.69
C GLU K 129 22.64 -23.37 57.41
N GLN K 130 22.24 -22.73 56.30
CA GLN K 130 22.06 -21.28 56.10
C GLN K 130 23.30 -20.43 56.39
N GLU K 131 24.45 -20.89 55.89
CA GLU K 131 25.71 -20.16 56.07
C GLU K 131 25.59 -18.82 55.37
N LYS K 132 26.14 -17.77 55.99
CA LYS K 132 26.03 -16.43 55.43
C LYS K 132 26.92 -16.29 54.20
N LEU K 133 26.37 -16.65 53.04
CA LEU K 133 27.10 -16.59 51.79
C LEU K 133 27.20 -15.15 51.29
N GLY K 134 26.09 -14.43 51.37
CA GLY K 134 26.03 -13.05 50.95
C GLY K 134 24.81 -12.73 50.13
N ASP K 135 24.62 -11.44 49.82
CA ASP K 135 23.49 -11.01 49.01
C ASP K 135 24.02 -10.37 47.74
N ILE K 136 23.25 -10.46 46.66
CA ILE K 136 23.66 -9.87 45.39
C ILE K 136 22.48 -9.23 44.69
N CYS K 137 22.64 -7.95 44.33
CA CYS K 137 21.60 -7.22 43.64
C CYS K 137 21.93 -7.05 42.16
N PHE K 138 20.95 -7.33 41.31
CA PHE K 138 21.10 -7.08 39.87
C PHE K 138 19.74 -6.82 39.25
N SER K 139 19.74 -6.35 38.01
CA SER K 139 18.48 -6.01 37.33
C SER K 139 18.20 -6.96 36.18
N LEU K 140 16.91 -7.19 35.92
CA LEU K 140 16.50 -8.02 34.80
C LEU K 140 15.60 -7.23 33.85
N ARG K 141 15.99 -7.20 32.58
CA ARG K 141 15.23 -6.49 31.56
C ARG K 141 15.08 -7.33 30.31
N TYR K 142 13.85 -7.56 29.88
CA TYR K 142 13.59 -8.38 28.72
C TYR K 142 12.61 -7.72 27.77
N VAL K 143 12.98 -7.69 26.48
CA VAL K 143 12.10 -7.16 25.44
C VAL K 143 11.79 -8.29 24.48
N PRO K 144 10.55 -8.81 24.54
CA PRO K 144 10.08 -9.94 23.73
C PRO K 144 10.18 -9.71 22.22
N THR K 145 10.06 -8.46 21.79
CA THR K 145 10.12 -8.14 20.37
C THR K 145 11.45 -8.54 19.74
N ALA K 146 12.54 -8.12 20.36
CA ALA K 146 13.88 -8.40 19.85
C ALA K 146 14.45 -9.67 20.47
N GLY K 147 13.82 -10.13 21.54
CA GLY K 147 14.30 -11.30 22.25
C GLY K 147 15.58 -11.02 23.00
N LYS K 148 15.72 -9.78 23.45
CA LYS K 148 16.92 -9.37 24.18
C LYS K 148 16.71 -9.41 25.70
N LEU K 149 17.63 -10.08 26.38
CA LEU K 149 17.63 -10.16 27.83
C LEU K 149 18.76 -9.31 28.42
N THR K 150 18.39 -8.21 29.06
CA THR K 150 19.39 -7.31 29.65
C THR K 150 19.58 -7.61 31.13
N VAL K 151 20.70 -8.25 31.46
CA VAL K 151 21.02 -8.56 32.85
C VAL K 151 22.17 -7.68 33.31
N VAL K 152 21.86 -6.70 34.15
CA VAL K 152 22.88 -5.78 34.64
C VAL K 152 23.29 -6.16 36.06
N ILE K 153 24.44 -6.81 36.19
CA ILE K 153 24.99 -7.14 37.50
C ILE K 153 25.35 -5.86 38.22
N LEU K 154 24.59 -5.56 39.28
CA LEU K 154 24.79 -4.31 40.02
C LEU K 154 25.87 -4.44 41.10
N GLU K 155 25.57 -5.20 42.16
CA GLU K 155 26.52 -5.30 43.27
C GLU K 155 26.26 -6.48 44.20
N ALA K 156 26.99 -6.52 45.30
CA ALA K 156 26.81 -7.53 46.33
C ALA K 156 27.15 -6.96 47.71
N LYS K 157 26.76 -7.67 48.76
CA LYS K 157 27.03 -7.23 50.12
C LYS K 157 27.07 -8.40 51.09
N ASN K 158 27.83 -8.25 52.17
CA ASN K 158 27.92 -9.23 53.25
C ASN K 158 28.39 -10.58 52.71
N LEU K 159 29.37 -10.55 51.80
CA LEU K 159 29.91 -11.77 51.23
C LEU K 159 30.85 -12.49 52.19
N LYS K 160 30.82 -13.81 52.15
CA LYS K 160 31.63 -14.65 53.05
C LYS K 160 33.10 -14.66 52.63
N LYS K 161 33.99 -14.73 53.63
CA LYS K 161 35.42 -14.83 53.38
C LYS K 161 35.75 -16.22 52.84
N MET K 162 36.51 -16.27 51.76
CA MET K 162 36.90 -17.55 51.16
C MET K 162 38.39 -17.81 51.25
N ASP K 163 39.14 -16.81 51.72
CA ASP K 163 40.58 -16.95 51.88
C ASP K 163 41.01 -16.87 53.32
N VAL K 164 41.96 -17.73 53.71
CA VAL K 164 42.54 -17.66 55.04
C VAL K 164 43.55 -16.52 55.06
N GLY K 165 43.43 -15.65 56.06
CA GLY K 165 44.31 -14.50 56.18
C GLY K 165 43.97 -13.35 55.24
N GLY K 166 42.93 -13.54 54.43
CA GLY K 166 42.48 -12.51 53.52
C GLY K 166 40.98 -12.33 53.58
N LEU K 167 40.46 -11.26 53.00
CA LEU K 167 39.02 -10.99 53.04
C LEU K 167 38.29 -11.79 51.97
N SER K 168 38.41 -11.36 50.72
CA SER K 168 37.77 -12.03 49.59
C SER K 168 38.26 -11.45 48.27
N ASP K 169 38.08 -12.20 47.19
CA ASP K 169 38.32 -11.67 45.84
C ASP K 169 37.14 -11.97 44.95
N PRO K 170 36.01 -11.28 45.17
CA PRO K 170 34.76 -11.63 44.50
C PRO K 170 34.65 -11.20 43.03
N TYR K 171 34.05 -12.07 42.22
CA TYR K 171 33.66 -11.74 40.85
C TYR K 171 32.40 -12.52 40.53
N VAL K 172 31.69 -12.08 39.49
CA VAL K 172 30.42 -12.68 39.12
C VAL K 172 30.48 -13.32 37.76
N LYS K 173 30.12 -14.60 37.69
CA LYS K 173 30.06 -15.34 36.44
C LYS K 173 28.63 -15.77 36.16
N ILE K 174 28.16 -15.52 34.95
CA ILE K 174 26.79 -15.88 34.58
C ILE K 174 26.76 -17.08 33.64
N HIS K 175 26.14 -18.16 34.10
CA HIS K 175 25.94 -19.35 33.29
C HIS K 175 24.48 -19.40 32.85
N LEU K 176 24.25 -19.52 31.55
CA LEU K 176 22.89 -19.64 31.04
C LEU K 176 22.60 -21.09 30.71
N MET K 177 21.70 -21.71 31.47
CA MET K 177 21.50 -23.14 31.34
C MET K 177 20.11 -23.55 30.85
N GLN K 178 20.06 -24.73 30.26
CA GLN K 178 18.81 -25.32 29.79
C GLN K 178 18.99 -26.81 29.57
N ASN K 179 18.05 -27.60 30.10
CA ASN K 179 18.10 -29.05 30.03
C ASN K 179 19.41 -29.59 30.62
N GLY K 180 19.89 -28.92 31.66
CA GLY K 180 21.11 -29.31 32.34
C GLY K 180 22.39 -28.95 31.59
N LYS K 181 22.24 -28.23 30.48
CA LYS K 181 23.41 -27.83 29.70
C LYS K 181 23.73 -26.35 29.85
N ARG K 182 25.00 -26.06 30.14
CA ARG K 182 25.50 -24.70 30.23
C ARG K 182 25.89 -24.17 28.85
N LEU K 183 25.18 -23.15 28.39
CA LEU K 183 25.36 -22.63 27.04
C LEU K 183 26.31 -21.43 26.97
N LYS K 184 26.10 -20.45 27.84
CA LYS K 184 26.92 -19.24 27.82
C LYS K 184 27.64 -18.97 29.14
N LYS K 185 28.91 -18.60 29.04
CA LYS K 185 29.73 -18.29 30.20
C LYS K 185 30.21 -16.85 30.16
N LYS K 186 29.57 -15.99 30.95
CA LYS K 186 29.95 -14.59 31.03
C LYS K 186 30.51 -14.27 32.42
N LYS K 187 31.52 -13.40 32.49
CA LYS K 187 32.12 -13.06 33.77
C LYS K 187 32.33 -11.55 33.89
N THR K 188 32.32 -11.07 35.13
CA THR K 188 32.52 -9.66 35.41
C THR K 188 33.96 -9.39 35.81
N THR K 189 34.28 -8.13 36.10
CA THR K 189 35.62 -7.79 36.56
C THR K 189 35.80 -8.27 37.99
N ILE K 190 37.04 -8.39 38.43
CA ILE K 190 37.31 -8.80 39.80
C ILE K 190 37.62 -7.60 40.67
N LYS K 191 36.81 -7.37 41.69
CA LYS K 191 37.12 -6.34 42.68
C LYS K 191 37.85 -7.01 43.83
N LYS K 192 39.16 -6.78 43.91
CA LYS K 192 39.99 -7.50 44.87
C LYS K 192 39.88 -6.92 46.28
N ASN K 193 39.82 -7.81 47.26
CA ASN K 193 39.79 -7.45 48.68
C ASN K 193 38.63 -6.53 49.03
N THR K 194 37.43 -7.11 49.05
CA THR K 194 36.22 -6.38 49.42
C THR K 194 35.12 -7.36 49.81
N LEU K 195 34.32 -6.98 50.80
CA LEU K 195 33.19 -7.78 51.24
C LEU K 195 31.89 -7.12 50.80
N ASN K 196 32.03 -5.97 50.15
CA ASN K 196 30.90 -5.24 49.61
C ASN K 196 31.25 -4.72 48.22
N PRO K 197 31.36 -5.64 47.24
CA PRO K 197 31.82 -5.27 45.90
C PRO K 197 30.79 -4.52 45.07
N TYR K 198 31.27 -3.65 44.19
CA TYR K 198 30.42 -2.93 43.26
C TYR K 198 30.90 -3.12 41.83
N TYR K 199 29.97 -3.49 40.94
CA TYR K 199 30.31 -3.80 39.56
C TYR K 199 29.63 -2.85 38.57
N ASN K 200 28.30 -2.92 38.54
CA ASN K 200 27.48 -2.20 37.54
C ASN K 200 27.92 -2.56 36.13
N GLU K 201 27.89 -3.85 35.81
CA GLU K 201 28.25 -4.30 34.47
C GLU K 201 27.03 -4.85 33.75
N SER K 202 26.77 -4.33 32.56
CA SER K 202 25.60 -4.73 31.79
C SER K 202 25.93 -5.90 30.87
N PHE K 203 25.02 -6.88 30.84
CA PHE K 203 25.15 -8.00 29.92
C PHE K 203 23.88 -8.12 29.11
N SER K 204 23.99 -8.65 27.90
CA SER K 204 22.82 -8.83 27.05
C SER K 204 22.84 -10.22 26.42
N PHE K 205 21.66 -10.81 26.25
CA PHE K 205 21.57 -12.14 25.67
C PHE K 205 20.46 -12.19 24.63
N GLU K 206 20.57 -13.11 23.68
CA GLU K 206 19.52 -13.30 22.69
C GLU K 206 18.59 -14.43 23.11
N VAL K 207 17.40 -14.08 23.58
CA VAL K 207 16.45 -15.10 24.01
C VAL K 207 15.08 -14.87 23.36
N PRO K 208 14.79 -15.60 22.27
CA PRO K 208 13.48 -15.62 21.63
C PRO K 208 12.37 -16.06 22.60
N PHE K 209 11.18 -15.52 22.39
CA PHE K 209 10.04 -15.76 23.27
C PHE K 209 9.46 -17.17 23.22
N GLU K 210 10.02 -18.05 22.38
CA GLU K 210 9.53 -19.42 22.28
C GLU K 210 10.10 -20.33 23.37
N GLN K 211 11.25 -19.96 23.92
CA GLN K 211 11.92 -20.78 24.93
C GLN K 211 12.11 -20.00 26.22
N ILE K 212 11.52 -18.81 26.28
CA ILE K 212 11.69 -17.90 27.41
C ILE K 212 11.22 -18.48 28.73
N GLN K 213 10.25 -19.39 28.68
CA GLN K 213 9.71 -20.00 29.90
C GLN K 213 10.40 -21.32 30.26
N LYS K 214 11.42 -21.69 29.50
CA LYS K 214 12.13 -22.94 29.72
C LYS K 214 13.64 -22.75 29.89
N VAL K 215 14.07 -21.53 30.19
CA VAL K 215 15.48 -21.22 30.34
C VAL K 215 15.81 -20.83 31.78
N GLN K 216 17.01 -21.19 32.23
CA GLN K 216 17.45 -20.82 33.58
C GLN K 216 18.68 -19.93 33.54
N VAL K 217 18.66 -18.86 34.31
CA VAL K 217 19.79 -17.94 34.39
C VAL K 217 20.47 -18.08 35.73
N VAL K 218 21.74 -18.49 35.70
CA VAL K 218 22.49 -18.77 36.91
C VAL K 218 23.55 -17.70 37.18
N VAL K 219 23.40 -16.97 38.28
CA VAL K 219 24.38 -15.98 38.68
C VAL K 219 25.24 -16.58 39.78
N THR K 220 26.54 -16.61 39.56
CA THR K 220 27.46 -17.23 40.52
C THR K 220 28.54 -16.27 40.99
N VAL K 221 28.65 -16.10 42.31
CA VAL K 221 29.69 -15.27 42.90
C VAL K 221 30.84 -16.16 43.36
N LEU K 222 32.03 -15.93 42.80
CA LEU K 222 33.20 -16.73 43.16
C LEU K 222 34.34 -15.87 43.72
N ASP K 223 35.33 -16.53 44.33
CA ASP K 223 36.52 -15.86 44.84
C ASP K 223 37.74 -16.21 43.99
N TYR K 224 38.49 -15.20 43.57
CA TYR K 224 39.64 -15.42 42.70
C TYR K 224 40.90 -15.85 43.44
N ASP K 225 41.43 -17.00 43.05
CA ASP K 225 42.74 -17.47 43.51
C ASP K 225 43.71 -17.38 42.35
N LYS K 226 44.89 -16.80 42.57
CA LYS K 226 45.88 -16.63 41.51
C LYS K 226 46.28 -17.96 40.88
N ILE K 227 46.48 -18.97 41.73
CA ILE K 227 46.83 -20.30 41.26
C ILE K 227 45.81 -21.31 41.77
N GLY K 228 45.30 -22.15 40.86
CA GLY K 228 44.33 -23.16 41.22
C GLY K 228 42.89 -22.76 40.91
N LYS K 229 41.97 -23.71 41.10
CA LYS K 229 40.56 -23.45 40.84
C LYS K 229 39.99 -22.39 41.76
N ASN K 230 39.31 -21.41 41.17
CA ASN K 230 38.71 -20.31 41.92
C ASN K 230 37.51 -20.79 42.72
N ASP K 231 37.58 -20.63 44.04
CA ASP K 231 36.50 -21.09 44.92
C ASP K 231 35.21 -20.33 44.67
N ALA K 232 34.08 -21.03 44.75
CA ALA K 232 32.78 -20.42 44.58
C ALA K 232 32.23 -19.94 45.92
N ILE K 233 31.77 -18.69 45.96
CA ILE K 233 31.20 -18.13 47.18
C ILE K 233 29.74 -18.55 47.30
N GLY K 234 28.99 -18.37 46.22
CA GLY K 234 27.58 -18.72 46.21
C GLY K 234 26.99 -18.67 44.81
N LYS K 235 25.71 -19.02 44.68
CA LYS K 235 25.04 -18.97 43.39
C LYS K 235 23.51 -18.99 43.54
N VAL K 236 22.84 -18.28 42.65
CA VAL K 236 21.39 -18.24 42.61
C VAL K 236 20.94 -18.46 41.17
N PHE K 237 19.68 -18.85 40.97
CA PHE K 237 19.19 -19.07 39.62
C PHE K 237 17.73 -18.61 39.47
N VAL K 238 17.43 -17.97 38.35
CA VAL K 238 16.08 -17.50 38.07
C VAL K 238 15.55 -18.13 36.79
N GLY K 239 14.24 -18.06 36.60
CA GLY K 239 13.63 -18.60 35.40
C GLY K 239 12.75 -19.80 35.64
N TYR K 240 12.98 -20.85 34.87
CA TYR K 240 12.24 -22.11 35.03
C TYR K 240 12.69 -22.81 36.30
N ASN K 241 11.73 -23.43 36.99
CA ASN K 241 11.98 -24.14 38.26
C ASN K 241 12.51 -23.21 39.35
N SER K 242 12.35 -21.90 39.16
CA SER K 242 12.80 -20.93 40.15
C SER K 242 11.78 -20.78 41.27
N THR K 243 12.26 -20.45 42.47
CA THR K 243 11.39 -20.37 43.64
C THR K 243 11.56 -19.04 44.38
N GLY K 244 10.50 -18.62 45.07
CA GLY K 244 10.55 -17.43 45.90
C GLY K 244 10.92 -16.15 45.19
N ALA K 245 11.91 -15.44 45.74
CA ALA K 245 12.35 -14.16 45.19
C ALA K 245 12.91 -14.30 43.78
N GLU K 246 13.38 -15.49 43.44
CA GLU K 246 13.89 -15.76 42.10
C GLU K 246 12.76 -15.75 41.08
N LEU K 247 11.74 -16.55 41.35
CA LEU K 247 10.55 -16.61 40.50
C LEU K 247 9.84 -15.26 40.53
N ARG K 248 9.94 -14.58 41.67
CA ARG K 248 9.37 -13.25 41.82
C ARG K 248 10.04 -12.27 40.87
N HIS K 249 11.37 -12.27 40.86
CA HIS K 249 12.13 -11.35 40.01
C HIS K 249 11.93 -11.67 38.53
N TRP K 250 11.90 -12.96 38.20
CA TRP K 250 11.66 -13.38 36.83
C TRP K 250 10.27 -12.91 36.38
N SER K 251 9.27 -13.12 37.23
CA SER K 251 7.90 -12.72 36.94
C SER K 251 7.78 -11.21 36.81
N ASP K 252 8.57 -10.48 37.59
CA ASP K 252 8.59 -9.02 37.51
C ASP K 252 9.19 -8.57 36.18
N MET K 253 10.24 -9.26 35.75
CA MET K 253 10.87 -8.97 34.47
C MET K 253 9.91 -9.24 33.32
N LEU K 254 9.16 -10.33 33.42
CA LEU K 254 8.19 -10.68 32.38
C LEU K 254 7.00 -9.72 32.38
N ALA K 255 6.56 -9.31 33.56
CA ALA K 255 5.41 -8.41 33.69
C ALA K 255 5.80 -6.97 33.35
N ASN K 256 7.09 -6.68 33.41
CA ASN K 256 7.60 -5.36 33.06
C ASN K 256 8.52 -5.44 31.87
N PRO K 257 7.95 -5.34 30.66
CA PRO K 257 8.75 -5.38 29.42
C PRO K 257 9.37 -4.02 29.11
N ARG K 258 10.47 -4.04 28.36
CA ARG K 258 11.23 -2.85 27.96
C ARG K 258 11.72 -2.03 29.16
N ARG K 259 11.63 -2.61 30.36
CA ARG K 259 12.08 -1.96 31.58
C ARG K 259 12.85 -2.92 32.48
N PRO K 260 13.97 -2.45 33.05
CA PRO K 260 14.79 -3.24 33.96
C PRO K 260 14.28 -3.22 35.39
N ILE K 261 14.29 -4.37 36.04
CA ILE K 261 13.83 -4.48 37.43
C ILE K 261 14.98 -4.95 38.30
N ALA K 262 15.42 -4.07 39.20
CA ALA K 262 16.52 -4.37 40.11
C ALA K 262 16.02 -5.06 41.36
N GLN K 263 16.77 -6.06 41.81
CA GLN K 263 16.37 -6.82 43.00
C GLN K 263 17.57 -7.50 43.66
N TRP K 264 17.45 -7.71 44.96
CA TRP K 264 18.46 -8.43 45.74
C TRP K 264 18.14 -9.91 45.79
N HIS K 265 19.16 -10.73 45.99
CA HIS K 265 18.99 -12.17 46.12
C HIS K 265 19.99 -12.77 47.10
N THR K 266 19.50 -13.64 47.96
CA THR K 266 20.35 -14.33 48.92
C THR K 266 21.01 -15.51 48.25
N LEU K 267 22.34 -15.56 48.31
CA LEU K 267 23.10 -16.64 47.68
C LEU K 267 22.74 -17.98 48.31
N GLN K 268 22.74 -19.02 47.48
CA GLN K 268 22.41 -20.37 47.94
C GLN K 268 23.58 -21.32 47.70
N VAL K 269 23.62 -22.41 48.47
CA VAL K 269 24.70 -23.39 48.34
C VAL K 269 24.72 -24.00 46.94
N GLU K 270 25.91 -24.25 46.43
CA GLU K 270 26.08 -24.78 45.08
C GLU K 270 25.40 -26.14 44.90
N GLU K 271 25.42 -26.96 45.95
CA GLU K 271 24.85 -28.29 45.92
C GLU K 271 23.36 -28.24 45.62
N GLU K 272 22.61 -27.48 46.42
CA GLU K 272 21.17 -27.38 46.27
C GLU K 272 20.76 -26.70 44.97
N VAL K 273 21.52 -25.68 44.56
CA VAL K 273 21.21 -24.97 43.32
C VAL K 273 21.40 -25.88 42.11
N ASP K 274 22.51 -26.60 42.08
CA ASP K 274 22.78 -27.55 41.01
C ASP K 274 21.76 -28.70 41.03
N ALA K 275 21.31 -29.05 42.23
CA ALA K 275 20.35 -30.13 42.41
C ALA K 275 18.95 -29.76 41.93
N MET K 276 18.55 -28.51 42.15
CA MET K 276 17.21 -28.08 41.79
C MET K 276 17.06 -27.93 40.28
N LEU K 277 18.20 -27.87 39.58
CA LEU K 277 18.19 -27.83 38.12
C LEU K 277 18.27 -29.26 37.59
N ALA K 278 17.17 -29.99 37.72
CA ALA K 278 17.13 -31.39 37.30
C ALA K 278 16.75 -31.51 35.83
N VAL K 279 17.23 -32.57 35.19
CA CA L . -6.53 -16.68 -15.62
CA CA M . -5.72 -18.30 -8.41
CA CA N . 6.63 -31.30 -42.89
CA CA O . 9.59 -30.56 -44.97
CA CA P . 26.76 -8.79 -71.92
CA CA Q . 27.82 -8.30 -74.38
CA CA R . -40.31 59.79 -17.39
CA CA S . -37.67 56.44 -18.82
CA CA T . -35.49 25.96 -7.70
CA CA U . -38.80 59.29 -14.64
CA CA V . 39.03 -14.55 50.34
CA CA W . 41.57 -15.68 46.69
CA CA X . 22.10 -40.14 75.73
CA CA Y . 22.59 -41.36 77.87
#